data_7SKB
#
_entry.id   7SKB
#
_cell.length_a   48.120
_cell.length_b   84.620
_cell.length_c   189.480
_cell.angle_alpha   90.000
_cell.angle_beta   93.936
_cell.angle_gamma   90.000
#
_symmetry.space_group_name_H-M   'P 1 21 1'
#
loop_
_entity.id
_entity.type
_entity.pdbx_description
1 polymer 'Aspartate-semialdehyde dehydrogenase'
2 non-polymer 'L(+)-TARTARIC ACID'
3 water water
#
_entity_poly.entity_id   1
_entity_poly.type   'polypeptide(L)'
_entity_poly.pdbx_seq_one_letter_code
;MAHHHHHHMKVGLVGWRGMVGSVLMQRMVEENDFAHIEPFYFSTSNAGGEAPSFGGKTAPALMEATDITSLKQMDVIITC
QGGDYTSEVFPKLKATGWDGYWIDAASTLRMTDDAIIVLDPVNLNVIKDGLAKGTKTFVGGNCTVSLMLMGVGALFQNNL
VEWMTAMTYQAASGAGAQNMRELLTGMGYLYNNTKTLLDDPKSAILDIDRQVAELQRGEGFPSANFGVPLAGSLIPYIDK
QLESGQSKEEWKGQVETNKILGNSQIVPIDGHCVRIGAMRCHSQALTIKLKKDVPLDEIEDMIRNSNQWAKVVPNTREAS
MTDLTPVAVTGTLTVPVGRLRKLNMGKEYLGAFTVGDQLLWGAAEPLRRMLRILVEYKSS
;
_entity_poly.pdbx_strand_id   A,B,C,D
#
# COMPACT_ATOMS: atom_id res chain seq x y z
N HIS A 7 37.71 -3.23 7.16
CA HIS A 7 37.86 -2.98 5.73
C HIS A 7 37.02 -1.79 5.24
N HIS A 8 37.66 -0.87 4.52
CA HIS A 8 36.97 0.24 3.87
C HIS A 8 36.59 -0.14 2.44
N MET A 9 35.35 0.18 2.06
CA MET A 9 34.91 -0.05 0.70
C MET A 9 35.61 0.89 -0.27
N LYS A 10 35.97 0.35 -1.44
CA LYS A 10 36.43 1.15 -2.57
C LYS A 10 35.21 1.77 -3.23
N VAL A 11 35.14 3.09 -3.23
CA VAL A 11 33.97 3.83 -3.69
C VAL A 11 34.40 4.65 -4.90
N GLY A 12 33.77 4.38 -6.04
CA GLY A 12 34.05 5.14 -7.25
C GLY A 12 33.05 6.28 -7.37
N LEU A 13 33.57 7.49 -7.51
CA LEU A 13 32.75 8.69 -7.61
CA LEU A 13 32.76 8.70 -7.61
C LEU A 13 32.71 9.12 -9.07
N VAL A 14 31.52 9.20 -9.63
CA VAL A 14 31.29 9.53 -11.02
C VAL A 14 30.41 10.76 -11.09
N GLY A 15 30.76 11.71 -11.96
CA GLY A 15 29.93 12.91 -12.07
C GLY A 15 30.00 13.82 -10.85
N TRP A 16 31.10 13.72 -10.09
CA TRP A 16 31.30 14.51 -8.87
C TRP A 16 31.58 15.98 -9.17
N ARG A 17 31.94 16.30 -10.42
CA ARG A 17 32.25 17.67 -10.79
C ARG A 17 31.03 18.48 -11.23
N GLY A 18 29.95 17.82 -11.67
CA GLY A 18 28.75 18.53 -12.08
C GLY A 18 28.04 19.15 -10.88
N MET A 19 26.88 19.76 -11.15
CA MET A 19 26.24 20.55 -10.09
C MET A 19 25.79 19.68 -8.93
N VAL A 20 25.02 18.63 -9.22
CA VAL A 20 24.56 17.75 -8.14
C VAL A 20 25.75 17.07 -7.45
N GLY A 21 26.69 16.57 -8.25
CA GLY A 21 27.88 15.96 -7.67
C GLY A 21 28.66 16.92 -6.79
N SER A 22 28.71 18.20 -7.19
CA SER A 22 29.42 19.18 -6.37
C SER A 22 28.74 19.41 -5.02
N VAL A 23 27.40 19.42 -5.00
CA VAL A 23 26.70 19.49 -3.73
C VAL A 23 26.99 18.22 -2.93
N LEU A 24 26.98 17.07 -3.60
CA LEU A 24 27.32 15.84 -2.90
C LEU A 24 28.72 15.91 -2.30
N MET A 25 29.71 16.40 -3.06
CA MET A 25 31.05 16.47 -2.50
C MET A 25 31.11 17.43 -1.31
N GLN A 26 30.45 18.59 -1.42
CA GLN A 26 30.47 19.55 -0.31
C GLN A 26 29.86 18.94 0.95
N ARG A 27 28.73 18.25 0.80
CA ARG A 27 28.06 17.66 1.96
C ARG A 27 28.88 16.51 2.56
N MET A 28 29.48 15.66 1.71
CA MET A 28 30.33 14.57 2.20
C MET A 28 31.50 15.12 3.00
N VAL A 29 32.13 16.18 2.50
CA VAL A 29 33.21 16.80 3.25
C VAL A 29 32.71 17.33 4.59
N GLU A 30 31.58 18.04 4.56
CA GLU A 30 31.03 18.63 5.79
C GLU A 30 30.72 17.55 6.83
N GLU A 31 30.28 16.39 6.37
CA GLU A 31 29.82 15.33 7.26
C GLU A 31 30.89 14.28 7.52
N ASN A 32 32.14 14.52 7.10
CA ASN A 32 33.25 13.59 7.34
CA ASN A 32 33.27 13.61 7.32
C ASN A 32 33.00 12.24 6.69
N ASP A 33 32.29 12.22 5.55
CA ASP A 33 31.93 10.96 4.93
C ASP A 33 33.10 10.23 4.30
N PHE A 34 34.24 10.88 4.08
CA PHE A 34 35.35 10.18 3.46
C PHE A 34 36.19 9.39 4.45
N ALA A 35 35.93 9.55 5.75
CA ALA A 35 36.77 8.94 6.77
C ALA A 35 36.83 7.42 6.64
N HIS A 36 35.71 6.78 6.29
CA HIS A 36 35.69 5.33 6.31
C HIS A 36 35.48 4.69 4.95
N ILE A 37 35.76 5.42 3.86
CA ILE A 37 35.79 4.82 2.53
C ILE A 37 37.15 5.06 1.90
N GLU A 38 37.44 4.30 0.83
CA GLU A 38 38.61 4.52 -0.01
C GLU A 38 38.11 5.09 -1.32
N PRO A 39 38.23 6.40 -1.54
CA PRO A 39 37.61 7.03 -2.71
C PRO A 39 38.49 6.94 -3.94
N PHE A 40 37.82 6.75 -5.07
CA PHE A 40 38.43 6.75 -6.39
C PHE A 40 37.59 7.64 -7.28
N TYR A 41 38.23 8.54 -8.02
CA TYR A 41 37.49 9.51 -8.82
C TYR A 41 37.58 9.15 -10.29
N PHE A 42 36.44 9.23 -10.97
CA PHE A 42 36.32 8.96 -12.39
C PHE A 42 35.99 10.25 -13.15
N SER A 43 36.26 10.24 -14.45
CA SER A 43 36.16 11.42 -15.28
C SER A 43 35.71 11.01 -16.68
N THR A 44 34.94 11.88 -17.34
CA THR A 44 34.60 11.65 -18.74
C THR A 44 35.36 12.54 -19.71
N SER A 45 36.05 13.57 -19.23
CA SER A 45 36.80 14.47 -20.11
C SER A 45 38.22 14.72 -19.65
N ASN A 46 38.63 14.13 -18.53
CA ASN A 46 39.88 14.49 -17.88
C ASN A 46 40.53 13.24 -17.27
N ALA A 47 40.25 12.07 -17.82
CA ALA A 47 40.88 10.85 -17.34
C ALA A 47 42.40 10.99 -17.42
N GLY A 48 43.09 10.51 -16.38
CA GLY A 48 44.53 10.69 -16.25
C GLY A 48 44.95 11.95 -15.53
N GLY A 49 44.04 12.91 -15.34
CA GLY A 49 44.35 14.12 -14.62
C GLY A 49 44.40 13.90 -13.12
N GLU A 50 44.77 14.96 -12.41
CA GLU A 50 44.89 14.88 -10.96
C GLU A 50 43.52 14.78 -10.31
N ALA A 51 43.36 13.82 -9.40
CA ALA A 51 42.11 13.66 -8.68
C ALA A 51 42.03 14.59 -7.47
N PRO A 52 40.83 14.92 -7.04
CA PRO A 52 40.66 15.64 -5.77
C PRO A 52 41.11 14.80 -4.59
N SER A 53 41.30 15.46 -3.45
CA SER A 53 41.62 14.78 -2.21
C SER A 53 40.61 15.18 -1.13
N PHE A 54 39.34 15.25 -1.52
CA PHE A 54 38.27 15.65 -0.60
C PHE A 54 38.36 14.87 0.70
N GLY A 55 38.18 15.57 1.81
CA GLY A 55 38.32 14.94 3.11
C GLY A 55 39.72 14.54 3.48
N GLY A 56 40.74 15.05 2.80
CA GLY A 56 42.11 14.68 3.10
C GLY A 56 42.51 13.29 2.67
N LYS A 57 41.70 12.61 1.86
CA LYS A 57 42.01 11.28 1.36
C LYS A 57 42.51 11.39 -0.08
N THR A 58 43.77 11.05 -0.30
CA THR A 58 44.31 11.09 -1.65
CA THR A 58 44.33 11.09 -1.64
C THR A 58 43.78 9.92 -2.46
N ALA A 59 43.73 10.11 -3.77
CA ALA A 59 43.25 9.13 -4.73
C ALA A 59 44.21 9.11 -5.90
N PRO A 60 44.24 8.01 -6.66
CA PRO A 60 45.11 7.97 -7.84
C PRO A 60 44.58 8.86 -8.95
N ALA A 61 45.33 8.96 -10.05
CA ALA A 61 44.89 9.76 -11.20
C ALA A 61 43.46 9.39 -11.61
N LEU A 62 42.74 10.38 -12.15
CA LEU A 62 41.36 10.19 -12.57
C LEU A 62 41.25 9.03 -13.54
N MET A 63 40.25 8.18 -13.32
CA MET A 63 40.00 7.04 -14.19
C MET A 63 38.85 7.35 -15.16
N GLU A 64 38.77 6.57 -16.23
CA GLU A 64 37.78 6.81 -17.26
C GLU A 64 36.44 6.29 -16.78
N ALA A 65 35.45 7.19 -16.68
CA ALA A 65 34.15 6.79 -16.14
C ALA A 65 33.46 5.74 -16.98
N THR A 66 33.80 5.63 -18.27
CA THR A 66 33.13 4.66 -19.12
C THR A 66 33.96 3.39 -19.30
N ASP A 67 35.06 3.24 -18.56
CA ASP A 67 35.91 2.07 -18.63
C ASP A 67 35.38 1.02 -17.68
N ILE A 68 34.69 0.01 -18.23
CA ILE A 68 34.04 -1.03 -17.41
C ILE A 68 35.05 -1.74 -16.53
N THR A 69 36.26 -2.00 -17.07
CA THR A 69 37.25 -2.73 -16.27
C THR A 69 37.73 -1.93 -15.07
N SER A 70 37.80 -0.60 -15.19
CA SER A 70 38.14 0.21 -14.02
C SER A 70 36.97 0.28 -13.03
N LEU A 71 35.75 0.43 -13.54
CA LEU A 71 34.60 0.54 -12.66
C LEU A 71 34.41 -0.74 -11.87
N LYS A 72 34.67 -1.88 -12.50
CA LYS A 72 34.43 -3.19 -11.90
CA LYS A 72 34.38 -3.15 -11.84
C LYS A 72 35.33 -3.42 -10.68
N GLN A 73 36.42 -2.66 -10.55
CA GLN A 73 37.29 -2.79 -9.38
C GLN A 73 36.71 -2.13 -8.13
N MET A 74 35.59 -1.41 -8.25
CA MET A 74 34.98 -0.70 -7.13
C MET A 74 33.98 -1.58 -6.42
N ASP A 75 33.83 -1.33 -5.11
CA ASP A 75 32.80 -1.99 -4.32
C ASP A 75 31.47 -1.27 -4.43
N VAL A 76 31.51 0.04 -4.65
CA VAL A 76 30.37 0.92 -4.76
C VAL A 76 30.69 1.95 -5.83
N ILE A 77 29.72 2.23 -6.70
CA ILE A 77 29.77 3.36 -7.62
CA ILE A 77 29.79 3.37 -7.60
C ILE A 77 28.67 4.32 -7.19
N ILE A 78 29.03 5.58 -6.94
CA ILE A 78 28.01 6.60 -6.71
C ILE A 78 28.13 7.60 -7.83
N THR A 79 27.07 7.72 -8.64
CA THR A 79 27.12 8.50 -9.87
C THR A 79 26.07 9.60 -9.85
N CYS A 80 26.52 10.82 -10.12
CA CYS A 80 25.66 11.96 -10.43
C CYS A 80 25.77 12.37 -11.90
N GLN A 81 26.30 11.48 -12.75
CA GLN A 81 26.60 11.85 -14.13
C GLN A 81 25.36 11.95 -15.01
N GLY A 82 24.32 11.15 -14.76
CA GLY A 82 23.04 11.34 -15.42
C GLY A 82 22.60 10.12 -16.22
N GLY A 83 21.43 10.26 -16.85
CA GLY A 83 20.76 9.11 -17.44
C GLY A 83 21.48 8.52 -18.65
N ASP A 84 22.05 9.37 -19.51
CA ASP A 84 22.73 8.84 -20.69
C ASP A 84 23.90 7.97 -20.28
N TYR A 85 24.60 8.38 -19.21
CA TYR A 85 25.71 7.61 -18.69
C TYR A 85 25.24 6.28 -18.11
N THR A 86 24.21 6.31 -17.25
CA THR A 86 23.75 5.05 -16.65
C THR A 86 23.22 4.10 -17.71
N SER A 87 22.47 4.62 -18.70
CA SER A 87 21.92 3.76 -19.74
C SER A 87 23.03 3.05 -20.50
N GLU A 88 24.17 3.74 -20.71
CA GLU A 88 25.26 3.12 -21.46
C GLU A 88 26.04 2.14 -20.60
N VAL A 89 26.41 2.56 -19.39
CA VAL A 89 27.43 1.88 -18.60
C VAL A 89 26.85 0.79 -17.71
N PHE A 90 25.69 1.05 -17.08
CA PHE A 90 25.15 0.07 -16.14
C PHE A 90 24.92 -1.31 -16.75
N PRO A 91 24.21 -1.49 -17.88
CA PRO A 91 24.06 -2.87 -18.40
C PRO A 91 25.39 -3.54 -18.68
N LYS A 92 26.39 -2.79 -19.14
CA LYS A 92 27.66 -3.44 -19.48
C LYS A 92 28.44 -3.84 -18.23
N LEU A 93 28.46 -2.96 -17.23
CA LEU A 93 29.11 -3.30 -15.97
C LEU A 93 28.46 -4.52 -15.33
N LYS A 94 27.12 -4.53 -15.27
CA LYS A 94 26.42 -5.67 -14.66
C LYS A 94 26.64 -6.95 -15.45
N ALA A 95 26.78 -6.86 -16.77
CA ALA A 95 27.01 -8.06 -17.58
C ALA A 95 28.29 -8.78 -17.22
N THR A 96 29.27 -8.07 -16.64
CA THR A 96 30.53 -8.72 -16.29
C THR A 96 30.40 -9.64 -15.09
N GLY A 97 29.28 -9.61 -14.37
CA GLY A 97 29.18 -10.30 -13.10
C GLY A 97 29.52 -9.47 -11.89
N TRP A 98 29.96 -8.22 -12.10
CA TRP A 98 30.23 -7.29 -11.00
C TRP A 98 29.12 -7.31 -9.96
N ASP A 99 29.49 -7.58 -8.70
CA ASP A 99 28.47 -7.71 -7.67
C ASP A 99 28.47 -6.54 -6.68
N GLY A 100 28.96 -5.37 -7.09
CA GLY A 100 28.98 -4.21 -6.21
C GLY A 100 27.66 -3.43 -6.20
N TYR A 101 27.69 -2.32 -5.45
CA TYR A 101 26.54 -1.45 -5.26
C TYR A 101 26.59 -0.27 -6.21
N TRP A 102 25.42 0.12 -6.72
CA TRP A 102 25.28 1.26 -7.62
C TRP A 102 24.31 2.24 -6.98
N ILE A 103 24.80 3.45 -6.65
CA ILE A 103 24.00 4.52 -6.07
C ILE A 103 23.92 5.64 -7.11
N ASP A 104 22.70 5.99 -7.53
CA ASP A 104 22.52 6.80 -8.73
C ASP A 104 21.56 7.95 -8.44
N ALA A 105 21.92 9.16 -8.89
CA ALA A 105 20.97 10.27 -8.90
C ALA A 105 19.94 10.18 -10.03
N ALA A 106 20.25 9.47 -11.10
CA ALA A 106 19.46 9.56 -12.32
C ALA A 106 18.19 8.72 -12.24
N SER A 107 17.22 9.06 -13.09
CA SER A 107 15.92 8.37 -13.07
C SER A 107 15.95 6.98 -13.71
N THR A 108 16.95 6.69 -14.54
CA THR A 108 17.03 5.49 -15.38
C THR A 108 16.53 4.21 -14.70
N LEU A 109 17.07 3.92 -13.52
CA LEU A 109 16.84 2.64 -12.85
C LEU A 109 15.74 2.67 -11.81
N ARG A 110 15.14 3.84 -11.55
CA ARG A 110 14.20 3.98 -10.42
C ARG A 110 13.13 2.89 -10.39
N MET A 111 12.47 2.68 -11.52
CA MET A 111 11.31 1.78 -11.56
C MET A 111 11.68 0.37 -12.01
N THR A 112 12.96 0.03 -11.98
CA THR A 112 13.33 -1.35 -12.30
C THR A 112 13.10 -2.24 -11.09
N ASP A 113 12.79 -3.50 -11.36
CA ASP A 113 12.45 -4.44 -10.29
C ASP A 113 13.53 -4.52 -9.22
N ASP A 114 14.80 -4.44 -9.61
CA ASP A 114 15.90 -4.73 -8.72
C ASP A 114 16.42 -3.49 -8.00
N ALA A 115 15.74 -2.35 -8.11
CA ALA A 115 16.23 -1.10 -7.54
C ALA A 115 15.29 -0.60 -6.46
N ILE A 116 15.87 0.06 -5.47
CA ILE A 116 15.12 0.71 -4.40
C ILE A 116 15.32 2.22 -4.56
N ILE A 117 14.24 2.99 -4.46
CA ILE A 117 14.35 4.45 -4.42
C ILE A 117 14.57 4.89 -2.98
N VAL A 118 15.64 5.67 -2.72
CA VAL A 118 16.09 5.94 -1.35
C VAL A 118 15.61 7.32 -0.89
N LEU A 119 15.00 7.34 0.28
CA LEU A 119 14.71 8.58 1.02
C LEU A 119 14.64 8.16 2.48
N ASP A 120 15.80 7.91 3.10
CA ASP A 120 15.79 7.13 4.33
C ASP A 120 15.02 7.77 5.51
N PRO A 121 14.85 9.09 5.63
CA PRO A 121 13.97 9.58 6.71
C PRO A 121 12.56 9.10 6.56
N VAL A 122 12.18 8.64 5.37
CA VAL A 122 10.88 8.06 5.12
C VAL A 122 10.96 6.54 5.00
N ASN A 123 11.94 5.98 4.29
CA ASN A 123 11.88 4.55 4.00
C ASN A 123 13.16 3.80 4.41
N LEU A 124 13.80 4.19 5.51
CA LEU A 124 14.97 3.45 6.00
C LEU A 124 14.69 1.96 6.11
N ASN A 125 13.47 1.59 6.53
CA ASN A 125 13.11 0.18 6.66
CA ASN A 125 13.18 0.17 6.67
C ASN A 125 13.19 -0.54 5.33
N VAL A 126 12.65 0.07 4.27
CA VAL A 126 12.71 -0.50 2.92
C VAL A 126 14.16 -0.70 2.51
N ILE A 127 15.00 0.30 2.75
CA ILE A 127 16.42 0.23 2.40
C ILE A 127 17.12 -0.91 3.13
N LYS A 128 16.97 -0.97 4.46
CA LYS A 128 17.68 -1.98 5.23
C LYS A 128 17.18 -3.38 4.89
N ASP A 129 15.87 -3.55 4.68
CA ASP A 129 15.37 -4.85 4.22
C ASP A 129 16.02 -5.25 2.90
N GLY A 130 16.15 -4.29 1.98
CA GLY A 130 16.74 -4.58 0.70
C GLY A 130 18.22 -4.93 0.79
N LEU A 131 18.96 -4.19 1.63
CA LEU A 131 20.37 -4.52 1.81
C LEU A 131 20.54 -5.96 2.28
N ALA A 132 19.72 -6.40 3.23
CA ALA A 132 19.86 -7.76 3.72
C ALA A 132 19.41 -8.80 2.69
N LYS A 133 18.46 -8.44 1.83
CA LYS A 133 17.97 -9.38 0.83
C LYS A 133 18.88 -9.46 -0.40
N GLY A 134 19.90 -8.61 -0.48
CA GLY A 134 20.82 -8.62 -1.61
C GLY A 134 20.57 -7.58 -2.67
N THR A 135 19.69 -6.61 -2.43
CA THR A 135 19.55 -5.51 -3.38
C THR A 135 20.86 -4.75 -3.50
N LYS A 136 21.21 -4.39 -4.75
CA LYS A 136 22.50 -3.76 -5.04
C LYS A 136 22.36 -2.41 -5.69
N THR A 137 21.15 -1.99 -6.05
CA THR A 137 20.98 -0.76 -6.81
C THR A 137 20.01 0.14 -6.08
N PHE A 138 20.45 1.37 -5.80
CA PHE A 138 19.74 2.33 -4.96
C PHE A 138 19.75 3.67 -5.67
N VAL A 139 18.57 4.26 -5.86
CA VAL A 139 18.43 5.40 -6.74
C VAL A 139 17.70 6.50 -5.99
N GLY A 140 18.15 7.74 -6.16
CA GLY A 140 17.44 8.87 -5.59
C GLY A 140 16.12 9.08 -6.31
N GLY A 141 15.14 9.61 -5.61
CA GLY A 141 13.85 9.83 -6.23
C GLY A 141 13.83 11.15 -6.98
N ASN A 142 12.77 11.36 -7.73
CA ASN A 142 12.61 12.67 -8.35
C ASN A 142 12.55 13.73 -7.25
N CYS A 143 13.07 14.91 -7.59
CA CYS A 143 13.17 15.97 -6.60
C CYS A 143 11.81 16.31 -6.01
N THR A 144 10.75 16.42 -6.83
CA THR A 144 9.48 16.89 -6.28
C THR A 144 8.89 15.88 -5.30
N VAL A 145 8.94 14.59 -5.66
CA VAL A 145 8.43 13.54 -4.78
C VAL A 145 9.18 13.52 -3.46
N SER A 146 10.52 13.52 -3.50
CA SER A 146 11.30 13.46 -2.28
C SER A 146 11.02 14.66 -1.40
N LEU A 147 10.90 15.84 -2.00
CA LEU A 147 10.67 17.03 -1.18
C LEU A 147 9.28 17.02 -0.54
N MET A 148 8.29 16.53 -1.29
CA MET A 148 6.94 16.40 -0.74
C MET A 148 6.90 15.39 0.41
N LEU A 149 7.55 14.24 0.23
CA LEU A 149 7.49 13.23 1.28
C LEU A 149 8.27 13.65 2.51
N MET A 150 9.34 14.43 2.34
CA MET A 150 10.06 14.93 3.50
C MET A 150 9.17 15.80 4.36
N GLY A 151 8.19 16.45 3.75
CA GLY A 151 7.29 17.33 4.46
C GLY A 151 6.05 16.64 5.00
N VAL A 152 5.33 15.92 4.15
CA VAL A 152 4.02 15.37 4.54
C VAL A 152 3.97 13.85 4.42
N GLY A 153 5.14 13.21 4.27
CA GLY A 153 5.17 11.76 4.18
C GLY A 153 4.54 11.04 5.35
N ALA A 154 4.54 11.66 6.54
CA ALA A 154 3.92 10.98 7.68
C ALA A 154 2.45 10.65 7.41
N LEU A 155 1.73 11.55 6.72
CA LEU A 155 0.33 11.27 6.43
C LEU A 155 0.18 10.03 5.58
N PHE A 156 1.10 9.82 4.64
CA PHE A 156 1.08 8.60 3.81
C PHE A 156 1.48 7.37 4.63
N GLN A 157 2.54 7.50 5.42
CA GLN A 157 2.98 6.35 6.22
C GLN A 157 1.89 5.88 7.18
N ASN A 158 1.03 6.80 7.64
CA ASN A 158 -0.06 6.40 8.52
C ASN A 158 -1.32 6.00 7.76
N ASN A 159 -1.24 5.83 6.44
CA ASN A 159 -2.37 5.38 5.62
C ASN A 159 -3.55 6.32 5.74
N LEU A 160 -3.27 7.61 5.84
CA LEU A 160 -4.34 8.60 5.96
C LEU A 160 -4.75 9.21 4.62
N VAL A 161 -3.95 9.06 3.58
CA VAL A 161 -4.20 9.79 2.32
C VAL A 161 -4.98 8.92 1.36
N GLU A 162 -6.12 9.44 0.90
CA GLU A 162 -6.91 8.77 -0.12
C GLU A 162 -6.39 9.09 -1.52
N TRP A 163 -6.09 10.37 -1.78
CA TRP A 163 -5.41 10.82 -3.00
C TRP A 163 -4.85 12.19 -2.72
N MET A 164 -3.99 12.68 -3.62
CA MET A 164 -3.46 14.02 -3.50
C MET A 164 -3.28 14.63 -4.89
N THR A 165 -3.63 15.90 -5.07
CA THR A 165 -3.13 16.64 -6.23
C THR A 165 -2.06 17.64 -5.77
N ALA A 166 -1.05 17.81 -6.62
CA ALA A 166 0.11 18.65 -6.32
C ALA A 166 0.33 19.61 -7.48
N MET A 167 0.23 20.91 -7.21
CA MET A 167 0.51 21.94 -8.20
C MET A 167 1.83 22.57 -7.82
N THR A 168 2.84 22.41 -8.68
CA THR A 168 4.19 22.72 -8.24
C THR A 168 4.67 24.06 -8.79
N TYR A 169 5.71 24.58 -8.13
CA TYR A 169 6.37 25.85 -8.46
C TYR A 169 7.85 25.48 -8.45
N GLN A 170 8.37 25.04 -9.60
CA GLN A 170 9.67 24.37 -9.58
C GLN A 170 10.75 25.31 -10.05
N ALA A 171 11.91 25.21 -9.40
CA ALA A 171 13.04 26.07 -9.66
C ALA A 171 13.86 25.59 -10.85
N ALA A 172 14.73 26.50 -11.31
CA ALA A 172 15.56 26.25 -12.48
C ALA A 172 16.62 25.18 -12.24
N SER A 173 17.06 24.98 -10.99
CA SER A 173 18.14 24.01 -10.74
C SER A 173 17.74 22.60 -11.17
N GLY A 174 16.45 22.28 -11.10
CA GLY A 174 16.02 20.97 -11.56
C GLY A 174 16.31 20.73 -13.02
N ALA A 175 16.43 21.81 -13.80
CA ALA A 175 16.76 21.68 -15.22
C ALA A 175 18.25 21.71 -15.45
N GLY A 176 19.01 22.43 -14.63
CA GLY A 176 20.46 22.34 -14.71
C GLY A 176 21.12 23.65 -14.42
N ALA A 177 22.45 23.63 -14.25
CA ALA A 177 23.19 24.87 -13.96
C ALA A 177 23.04 25.89 -15.08
N GLN A 178 23.11 25.46 -16.36
CA GLN A 178 22.96 26.46 -17.43
C GLN A 178 21.58 27.10 -17.39
N ASN A 179 20.56 26.36 -16.96
CA ASN A 179 19.22 26.93 -16.84
C ASN A 179 19.14 27.98 -15.72
N MET A 180 19.82 27.75 -14.59
CA MET A 180 19.89 28.77 -13.55
C MET A 180 20.59 30.04 -14.04
N ARG A 181 21.70 29.87 -14.75
CA ARG A 181 22.39 31.06 -15.27
C ARG A 181 21.51 31.81 -16.27
N GLU A 182 20.74 31.08 -17.08
CA GLU A 182 19.86 31.73 -18.05
C GLU A 182 18.76 32.51 -17.35
N LEU A 183 18.16 31.94 -16.30
CA LEU A 183 17.16 32.67 -15.52
C LEU A 183 17.70 34.02 -15.04
N LEU A 184 18.87 34.01 -14.43
CA LEU A 184 19.43 35.26 -13.90
C LEU A 184 19.77 36.23 -15.02
N THR A 185 20.35 35.73 -16.11
CA THR A 185 20.68 36.59 -17.25
C THR A 185 19.43 37.24 -17.82
N GLY A 186 18.32 36.50 -17.85
CA GLY A 186 17.07 37.06 -18.32
C GLY A 186 16.52 38.12 -17.38
N MET A 187 16.66 37.90 -16.07
CA MET A 187 16.30 38.95 -15.12
C MET A 187 17.05 40.23 -15.42
N GLY A 188 18.36 40.11 -15.66
CA GLY A 188 19.15 41.28 -15.99
C GLY A 188 18.73 41.92 -17.30
N TYR A 189 18.42 41.08 -18.29
CA TYR A 189 17.97 41.59 -19.58
C TYR A 189 16.72 42.46 -19.43
N LEU A 190 15.75 42.00 -18.64
CA LEU A 190 14.52 42.77 -18.46
C LEU A 190 14.79 44.07 -17.72
N TYR A 191 15.51 44.01 -16.60
CA TYR A 191 15.76 45.24 -15.85
C TYR A 191 16.65 46.20 -16.64
N ASN A 192 17.79 45.70 -17.16
CA ASN A 192 18.74 46.63 -17.76
C ASN A 192 18.20 47.29 -19.02
N ASN A 193 17.24 46.68 -19.70
CA ASN A 193 16.65 47.30 -20.86
C ASN A 193 15.37 48.07 -20.54
N THR A 194 14.99 48.18 -19.27
CA THR A 194 13.86 48.98 -18.84
CA THR A 194 13.87 49.02 -18.87
C THR A 194 14.27 50.07 -17.84
N LYS A 195 15.53 50.07 -17.38
CA LYS A 195 15.90 50.94 -16.27
C LYS A 195 15.84 52.43 -16.63
N THR A 196 15.98 52.80 -17.91
CA THR A 196 15.86 54.23 -18.20
C THR A 196 14.45 54.74 -17.88
N LEU A 197 13.44 53.88 -17.99
CA LEU A 197 12.09 54.20 -17.54
C LEU A 197 11.96 54.08 -16.03
N LEU A 198 12.48 52.99 -15.44
CA LEU A 198 12.34 52.78 -14.00
C LEU A 198 13.02 53.87 -13.19
N ASP A 199 14.08 54.49 -13.73
CA ASP A 199 14.80 55.53 -13.01
C ASP A 199 14.04 56.84 -12.90
N ASP A 200 12.93 56.99 -13.62
CA ASP A 200 12.06 58.14 -13.47
C ASP A 200 10.84 57.72 -12.64
N PRO A 201 10.64 58.23 -11.43
CA PRO A 201 9.49 57.76 -10.63
C PRO A 201 8.14 58.04 -11.27
N LYS A 202 8.04 58.97 -12.22
CA LYS A 202 6.77 59.28 -12.85
C LYS A 202 6.63 58.66 -14.24
N SER A 203 7.54 57.78 -14.64
CA SER A 203 7.32 57.07 -15.90
CA SER A 203 7.34 57.04 -15.88
C SER A 203 6.02 56.27 -15.82
N ALA A 204 5.40 56.10 -16.96
CA ALA A 204 4.12 55.39 -17.03
C ALA A 204 4.31 53.89 -16.86
N ILE A 205 3.60 53.29 -15.89
CA ILE A 205 3.71 51.86 -15.67
C ILE A 205 3.33 51.06 -16.92
N LEU A 206 2.36 51.56 -17.71
CA LEU A 206 1.97 50.84 -18.92
C LEU A 206 3.06 50.87 -19.97
N ASP A 207 3.90 51.92 -19.98
CA ASP A 207 5.05 51.95 -20.88
C ASP A 207 6.13 50.97 -20.42
N ILE A 208 6.39 50.94 -19.10
CA ILE A 208 7.30 49.96 -18.54
C ILE A 208 6.84 48.55 -18.89
N ASP A 209 5.55 48.30 -18.71
CA ASP A 209 5.03 46.96 -18.94
C ASP A 209 5.10 46.58 -20.41
N ARG A 210 4.74 47.51 -21.29
CA ARG A 210 4.84 47.24 -22.72
C ARG A 210 6.26 46.88 -23.12
N GLN A 211 7.25 47.57 -22.53
CA GLN A 211 8.65 47.28 -22.84
C GLN A 211 9.07 45.90 -22.34
N VAL A 212 8.66 45.51 -21.13
CA VAL A 212 8.99 44.17 -20.64
C VAL A 212 8.44 43.10 -21.58
N ALA A 213 7.18 43.24 -22.00
CA ALA A 213 6.58 42.25 -22.88
C ALA A 213 7.29 42.20 -24.22
N GLU A 214 7.61 43.36 -24.79
CA GLU A 214 8.38 43.37 -26.04
CA GLU A 214 8.38 43.39 -26.03
C GLU A 214 9.72 42.68 -25.87
N LEU A 215 10.40 42.92 -24.74
CA LEU A 215 11.70 42.29 -24.50
C LEU A 215 11.56 40.79 -24.36
N GLN A 216 10.53 40.33 -23.63
CA GLN A 216 10.31 38.89 -23.47
C GLN A 216 9.99 38.21 -24.80
N ARG A 217 9.27 38.91 -25.69
CA ARG A 217 8.86 38.28 -26.93
C ARG A 217 9.89 38.42 -28.04
N GLY A 218 10.93 39.21 -27.82
CA GLY A 218 11.85 39.54 -28.89
C GLY A 218 12.96 38.51 -29.05
N GLU A 219 13.62 38.60 -30.21
CA GLU A 219 14.74 37.70 -30.51
C GLU A 219 15.89 37.85 -29.53
N GLY A 220 16.07 39.03 -28.93
CA GLY A 220 17.20 39.23 -28.04
C GLY A 220 17.07 38.54 -26.68
N PHE A 221 15.89 38.09 -26.32
CA PHE A 221 15.73 37.48 -25.00
C PHE A 221 16.48 36.15 -24.96
N PRO A 222 17.31 35.89 -23.94
CA PRO A 222 18.10 34.66 -23.93
C PRO A 222 17.28 33.49 -23.41
N SER A 223 16.82 32.61 -24.32
CA SER A 223 15.97 31.48 -23.94
C SER A 223 16.46 30.16 -24.53
N ALA A 224 17.76 30.04 -24.81
CA ALA A 224 18.26 28.83 -25.45
C ALA A 224 17.98 27.59 -24.62
N ASN A 225 18.11 27.69 -23.29
CA ASN A 225 18.02 26.46 -22.49
C ASN A 225 16.57 26.07 -22.20
N PHE A 226 15.74 27.03 -21.78
CA PHE A 226 14.35 26.68 -21.49
C PHE A 226 13.47 26.62 -22.73
N GLY A 227 13.89 27.22 -23.83
CA GLY A 227 13.10 27.25 -25.05
C GLY A 227 12.18 28.45 -25.17
N VAL A 228 11.72 28.99 -24.05
CA VAL A 228 10.81 30.14 -23.96
C VAL A 228 11.25 30.91 -22.73
N PRO A 229 10.79 32.14 -22.50
CA PRO A 229 11.25 32.91 -21.33
C PRO A 229 10.80 32.27 -20.03
N LEU A 230 11.67 32.35 -19.01
CA LEU A 230 11.28 32.03 -17.65
C LEU A 230 11.24 33.26 -16.77
N ALA A 231 12.25 34.12 -16.84
CA ALA A 231 12.22 35.38 -16.10
C ALA A 231 10.95 36.16 -16.44
N GLY A 232 10.19 36.53 -15.41
CA GLY A 232 8.94 37.25 -15.65
C GLY A 232 7.81 36.38 -16.13
N SER A 233 7.93 35.06 -16.02
CA SER A 233 6.93 34.18 -16.61
C SER A 233 6.89 32.87 -15.82
N LEU A 234 6.31 31.84 -16.42
CA LEU A 234 6.33 30.48 -15.91
C LEU A 234 6.15 29.56 -17.11
N ILE A 235 6.37 28.27 -16.91
CA ILE A 235 6.31 27.31 -18.02
C ILE A 235 5.56 26.09 -17.49
N PRO A 236 4.30 25.89 -17.90
CA PRO A 236 3.49 24.84 -17.28
C PRO A 236 3.69 23.48 -17.92
N TYR A 237 4.95 23.12 -18.17
CA TYR A 237 5.27 21.82 -18.76
C TYR A 237 6.72 21.50 -18.45
N ILE A 238 6.98 20.37 -17.80
CA ILE A 238 8.33 19.95 -17.42
C ILE A 238 8.55 18.52 -17.89
N ASP A 239 9.65 18.30 -18.63
CA ASP A 239 10.07 16.98 -19.11
C ASP A 239 9.16 16.45 -20.22
N LYS A 240 9.31 15.18 -20.57
CA LYS A 240 8.73 14.67 -21.80
C LYS A 240 7.21 14.58 -21.76
N GLN A 241 6.62 14.73 -22.93
CA GLN A 241 5.18 14.54 -23.14
C GLN A 241 4.84 13.05 -23.23
N LEU A 242 3.87 12.62 -22.43
CA LEU A 242 3.39 11.23 -22.49
C LEU A 242 2.09 11.14 -23.28
N GLU A 243 1.75 9.92 -23.68
CA GLU A 243 0.59 9.70 -24.54
C GLU A 243 -0.69 10.20 -23.86
N SER A 244 -0.79 10.05 -22.54
CA SER A 244 -1.95 10.48 -21.76
C SER A 244 -2.12 12.00 -21.70
N GLY A 245 -1.11 12.78 -22.08
CA GLY A 245 -1.09 14.22 -21.87
C GLY A 245 -0.39 14.66 -20.60
N GLN A 246 -0.20 13.74 -19.67
CA GLN A 246 0.66 13.99 -18.52
C GLN A 246 2.09 14.27 -18.96
N SER A 247 2.78 15.17 -18.27
CA SER A 247 4.22 15.21 -18.50
C SER A 247 4.90 14.11 -17.70
N LYS A 248 6.11 13.75 -18.12
CA LYS A 248 6.86 12.75 -17.35
C LYS A 248 7.09 13.22 -15.92
N GLU A 249 7.28 14.54 -15.71
CA GLU A 249 7.48 15.03 -14.33
C GLU A 249 6.26 14.73 -13.47
N GLU A 250 5.07 14.93 -14.03
CA GLU A 250 3.83 14.66 -13.29
C GLU A 250 3.65 13.16 -13.07
N TRP A 251 3.98 12.36 -14.08
CA TRP A 251 3.88 10.90 -13.97
C TRP A 251 4.73 10.36 -12.83
N LYS A 252 5.90 10.97 -12.59
CA LYS A 252 6.77 10.49 -11.52
C LYS A 252 6.10 10.58 -10.17
N GLY A 253 5.16 11.52 -10.01
CA GLY A 253 4.56 11.75 -8.70
C GLY A 253 3.93 10.49 -8.13
N GLN A 254 3.08 9.82 -8.93
CA GLN A 254 2.39 8.64 -8.41
C GLN A 254 3.32 7.43 -8.31
N VAL A 255 4.11 7.17 -9.36
CA VAL A 255 4.89 5.92 -9.35
C VAL A 255 6.00 5.99 -8.29
N GLU A 256 6.68 7.14 -8.18
CA GLU A 256 7.81 7.20 -7.26
C GLU A 256 7.35 7.32 -5.81
N THR A 257 6.30 8.08 -5.56
CA THR A 257 5.79 8.18 -4.20
C THR A 257 5.42 6.81 -3.65
N ASN A 258 4.67 6.04 -4.44
CA ASN A 258 4.21 4.77 -3.92
C ASN A 258 5.36 3.77 -3.82
N LYS A 259 6.35 3.87 -4.69
CA LYS A 259 7.49 2.96 -4.58
C LYS A 259 8.35 3.30 -3.36
N ILE A 260 8.61 4.59 -3.10
CA ILE A 260 9.41 4.97 -1.92
C ILE A 260 8.73 4.44 -0.66
N LEU A 261 7.41 4.61 -0.58
CA LEU A 261 6.61 4.20 0.57
C LEU A 261 6.46 2.70 0.66
N GLY A 262 6.82 1.98 -0.40
CA GLY A 262 6.60 0.55 -0.42
C GLY A 262 5.14 0.19 -0.50
N ASN A 263 4.29 1.06 -1.06
CA ASN A 263 2.89 0.76 -1.22
C ASN A 263 2.69 -0.28 -2.30
N SER A 264 1.98 -1.34 -1.97
CA SER A 264 1.60 -2.28 -3.00
C SER A 264 0.31 -1.84 -3.69
N GLN A 265 -0.60 -1.20 -2.95
CA GLN A 265 -1.78 -0.58 -3.54
C GLN A 265 -1.55 0.92 -3.72
N ILE A 266 -1.81 1.40 -4.93
CA ILE A 266 -1.41 2.74 -5.33
C ILE A 266 -2.31 3.77 -4.65
N VAL A 267 -1.70 4.79 -4.05
CA VAL A 267 -2.42 6.01 -3.66
C VAL A 267 -2.32 6.99 -4.82
N PRO A 268 -3.43 7.42 -5.43
CA PRO A 268 -3.34 8.27 -6.62
C PRO A 268 -2.77 9.62 -6.29
N ILE A 269 -1.82 10.05 -7.13
CA ILE A 269 -1.14 11.34 -7.04
CA ILE A 269 -1.20 11.36 -7.04
C ILE A 269 -1.14 11.93 -8.45
N ASP A 270 -1.53 13.19 -8.59
CA ASP A 270 -1.54 13.82 -9.91
C ASP A 270 -1.43 15.33 -9.71
N GLY A 271 -1.34 16.05 -10.81
CA GLY A 271 -1.30 17.50 -10.74
C GLY A 271 -0.57 18.07 -11.94
N HIS A 272 -0.20 19.35 -11.83
CA HIS A 272 0.54 20.04 -12.88
C HIS A 272 1.89 20.45 -12.30
N CYS A 273 2.96 20.16 -13.04
CA CYS A 273 4.31 20.58 -12.65
C CYS A 273 4.68 21.80 -13.49
N VAL A 274 4.96 22.91 -12.83
CA VAL A 274 5.13 24.23 -13.47
C VAL A 274 6.49 24.79 -13.07
N ARG A 275 7.25 25.28 -14.04
CA ARG A 275 8.53 25.92 -13.78
C ARG A 275 8.31 27.39 -13.48
N ILE A 276 8.93 27.90 -12.39
CA ILE A 276 8.90 29.33 -12.12
C ILE A 276 10.33 29.85 -11.98
N GLY A 277 10.47 31.17 -11.88
CA GLY A 277 11.79 31.76 -11.86
C GLY A 277 12.43 31.82 -10.48
N ALA A 278 12.68 30.66 -9.88
CA ALA A 278 13.46 30.53 -8.67
C ALA A 278 14.72 29.74 -8.96
N MET A 279 15.75 29.90 -8.11
CA MET A 279 17.05 29.30 -8.38
C MET A 279 17.07 27.80 -8.06
N ARG A 280 16.73 27.42 -6.83
CA ARG A 280 16.97 26.03 -6.45
C ARG A 280 16.00 25.47 -5.41
N CYS A 281 14.87 26.14 -5.13
CA CYS A 281 13.86 25.60 -4.23
C CYS A 281 12.58 25.30 -4.99
N HIS A 282 12.06 24.09 -4.81
CA HIS A 282 10.74 23.71 -5.34
C HIS A 282 9.70 23.95 -4.27
N SER A 283 8.54 24.47 -4.67
CA SER A 283 7.42 24.64 -3.75
C SER A 283 6.24 23.86 -4.30
N GLN A 284 5.35 23.41 -3.41
CA GLN A 284 4.23 22.59 -3.88
C GLN A 284 2.95 22.96 -3.13
N ALA A 285 1.88 23.19 -3.89
CA ALA A 285 0.57 23.46 -3.30
C ALA A 285 -0.29 22.20 -3.39
N LEU A 286 -0.65 21.63 -2.24
CA LEU A 286 -1.19 20.28 -2.17
C LEU A 286 -2.65 20.31 -1.74
N THR A 287 -3.48 19.57 -2.47
CA THR A 287 -4.84 19.22 -2.04
C THR A 287 -4.79 17.76 -1.63
N ILE A 288 -5.01 17.49 -0.35
CA ILE A 288 -4.80 16.16 0.21
C ILE A 288 -6.15 15.69 0.71
N LYS A 289 -6.70 14.67 0.07
CA LYS A 289 -7.96 14.08 0.51
C LYS A 289 -7.65 13.01 1.53
N LEU A 290 -8.10 13.22 2.77
CA LEU A 290 -7.83 12.26 3.84
C LEU A 290 -8.93 11.22 3.88
N LYS A 291 -8.59 10.03 4.40
CA LYS A 291 -9.58 8.97 4.49
C LYS A 291 -10.57 9.19 5.61
N LYS A 292 -10.24 10.05 6.56
CA LYS A 292 -11.12 10.33 7.69
C LYS A 292 -10.81 11.72 8.21
N ASP A 293 -11.68 12.23 9.08
CA ASP A 293 -11.52 13.57 9.64
C ASP A 293 -10.47 13.50 10.75
N VAL A 294 -9.24 13.86 10.43
CA VAL A 294 -8.14 13.93 11.39
C VAL A 294 -8.03 15.37 11.88
N PRO A 295 -8.03 15.61 13.19
CA PRO A 295 -7.89 16.98 13.69
C PRO A 295 -6.63 17.63 13.16
N LEU A 296 -6.74 18.93 12.85
CA LEU A 296 -5.61 19.67 12.31
C LEU A 296 -4.40 19.64 13.26
N ASP A 297 -4.63 19.76 14.58
CA ASP A 297 -3.46 19.79 15.47
C ASP A 297 -2.74 18.45 15.49
N GLU A 298 -3.46 17.34 15.30
CA GLU A 298 -2.80 16.05 15.18
C GLU A 298 -2.04 15.92 13.86
N ILE A 299 -2.59 16.47 12.78
CA ILE A 299 -1.87 16.51 11.51
C ILE A 299 -0.55 17.26 11.68
N GLU A 300 -0.61 18.43 12.31
CA GLU A 300 0.60 19.21 12.56
C GLU A 300 1.61 18.41 13.40
N ASP A 301 1.14 17.74 14.44
CA ASP A 301 2.08 16.99 15.29
C ASP A 301 2.71 15.82 14.52
N MET A 302 1.96 15.18 13.62
CA MET A 302 2.53 14.10 12.81
CA MET A 302 2.53 14.10 12.83
C MET A 302 3.67 14.61 11.96
N ILE A 303 3.50 15.79 11.38
CA ILE A 303 4.55 16.38 10.55
C ILE A 303 5.77 16.69 11.42
N ARG A 304 5.57 17.40 12.55
CA ARG A 304 6.67 17.73 13.45
C ARG A 304 7.44 16.49 13.89
N ASN A 305 6.73 15.42 14.21
CA ASN A 305 7.37 14.25 14.77
C ASN A 305 7.94 13.34 13.70
N SER A 306 7.72 13.65 12.41
CA SER A 306 8.10 12.70 11.37
C SER A 306 9.62 12.61 11.19
N ASN A 307 10.29 13.76 11.17
CA ASN A 307 11.73 13.80 11.02
C ASN A 307 12.20 15.18 11.46
N GLN A 308 13.50 15.31 11.67
CA GLN A 308 14.00 16.56 12.24
C GLN A 308 14.05 17.71 11.23
N TRP A 309 13.83 17.47 9.94
CA TRP A 309 13.96 18.54 8.96
C TRP A 309 12.61 19.17 8.61
N ALA A 310 11.53 18.41 8.67
CA ALA A 310 10.20 18.99 8.48
C ALA A 310 9.93 20.01 9.57
N LYS A 311 9.25 21.10 9.20
CA LYS A 311 8.96 22.19 10.12
C LYS A 311 7.54 22.63 9.83
N VAL A 312 6.68 22.76 10.85
CA VAL A 312 5.36 23.32 10.62
C VAL A 312 5.43 24.83 10.80
N VAL A 313 5.08 25.56 9.73
CA VAL A 313 5.04 27.02 9.76
C VAL A 313 3.63 27.44 10.14
N PRO A 314 3.44 28.18 11.23
CA PRO A 314 2.08 28.59 11.62
C PRO A 314 1.35 29.24 10.45
N ASN A 315 0.03 29.02 10.37
CA ASN A 315 -0.76 29.51 9.23
C ASN A 315 -1.15 30.96 9.46
N THR A 316 -0.15 31.83 9.43
CA THR A 316 -0.33 33.26 9.62
C THR A 316 0.32 33.99 8.46
N ARG A 317 -0.15 35.21 8.21
CA ARG A 317 0.42 36.00 7.13
C ARG A 317 1.91 36.21 7.35
N GLU A 318 2.29 36.62 8.56
CA GLU A 318 3.68 36.96 8.83
C GLU A 318 4.60 35.75 8.69
N ALA A 319 4.26 34.62 9.33
CA ALA A 319 5.13 33.44 9.27
C ALA A 319 5.20 32.87 7.86
N SER A 320 4.06 32.87 7.15
CA SER A 320 4.06 32.37 5.78
C SER A 320 4.99 33.18 4.91
N MET A 321 4.99 34.51 5.06
CA MET A 321 5.80 35.33 4.17
C MET A 321 7.30 35.22 4.46
N THR A 322 7.68 34.99 5.71
CA THR A 322 9.10 34.96 6.05
CA THR A 322 9.08 34.95 6.13
C THR A 322 9.70 33.56 6.04
N ASP A 323 8.92 32.52 6.36
CA ASP A 323 9.47 31.18 6.56
C ASP A 323 9.06 30.18 5.48
N LEU A 324 8.05 30.48 4.67
CA LEU A 324 7.54 29.48 3.74
C LEU A 324 7.85 29.88 2.30
N THR A 325 9.09 30.24 2.01
CA THR A 325 9.46 30.74 0.71
C THR A 325 10.82 30.18 0.30
N PRO A 326 11.14 30.25 -0.98
CA PRO A 326 12.50 29.91 -1.43
C PRO A 326 13.60 30.70 -0.73
N VAL A 327 13.38 31.98 -0.43
CA VAL A 327 14.41 32.75 0.28
C VAL A 327 14.69 32.15 1.65
N ALA A 328 13.65 31.71 2.36
CA ALA A 328 13.87 31.13 3.69
C ALA A 328 14.63 29.80 3.62
N VAL A 329 14.39 29.01 2.57
CA VAL A 329 14.81 27.60 2.52
C VAL A 329 16.10 27.38 1.71
N THR A 330 16.45 28.27 0.79
CA THR A 330 17.46 27.92 -0.21
C THR A 330 18.82 27.61 0.45
N GLY A 331 19.43 26.51 0.00
CA GLY A 331 20.71 26.07 0.54
C GLY A 331 20.65 25.45 1.91
N THR A 332 19.46 25.20 2.47
CA THR A 332 19.31 24.57 3.78
C THR A 332 18.59 23.24 3.63
N LEU A 333 18.67 22.43 4.70
CA LEU A 333 18.03 21.12 4.79
C LEU A 333 16.62 21.20 5.38
N THR A 334 16.12 22.40 5.68
CA THR A 334 14.81 22.55 6.28
C THR A 334 13.71 22.34 5.25
N VAL A 335 12.65 21.66 5.66
CA VAL A 335 11.53 21.42 4.76
C VAL A 335 10.28 21.96 5.44
N PRO A 336 9.96 23.24 5.29
CA PRO A 336 8.75 23.78 5.93
C PRO A 336 7.48 23.35 5.21
N VAL A 337 6.43 23.17 6.02
CA VAL A 337 5.08 22.87 5.55
C VAL A 337 4.18 23.88 6.22
N GLY A 338 3.42 24.64 5.44
CA GLY A 338 2.53 25.64 6.02
C GLY A 338 1.19 25.74 5.31
N ARG A 339 0.46 26.81 5.59
CA ARG A 339 -0.90 27.00 5.09
C ARG A 339 -1.78 25.78 5.40
N LEU A 340 -1.46 25.04 6.46
CA LEU A 340 -2.18 23.80 6.75
C LEU A 340 -3.57 24.13 7.27
N ARG A 341 -4.60 23.64 6.58
CA ARG A 341 -5.95 24.11 6.86
C ARG A 341 -6.94 23.14 6.24
N LYS A 342 -8.09 22.95 6.89
CA LYS A 342 -9.14 22.14 6.27
C LYS A 342 -9.87 23.00 5.24
N LEU A 343 -10.13 22.44 4.07
CA LEU A 343 -10.65 23.22 2.95
C LEU A 343 -12.18 23.22 2.95
N ASN A 344 -12.73 24.16 2.17
CA ASN A 344 -14.16 24.44 2.17
C ASN A 344 -15.00 23.25 1.71
N MET A 345 -14.43 22.30 0.96
CA MET A 345 -15.31 21.23 0.54
C MET A 345 -15.44 20.12 1.57
N GLY A 346 -14.76 20.19 2.70
CA GLY A 346 -15.08 19.30 3.80
C GLY A 346 -13.89 19.07 4.72
N LYS A 347 -14.19 18.53 5.91
CA LYS A 347 -13.15 18.34 6.92
C LYS A 347 -12.14 17.25 6.54
N GLU A 348 -12.42 16.45 5.52
CA GLU A 348 -11.45 15.45 5.06
C GLU A 348 -10.52 15.99 3.99
N TYR A 349 -10.67 17.26 3.61
CA TYR A 349 -9.83 17.89 2.59
C TYR A 349 -8.83 18.80 3.28
N LEU A 350 -7.56 18.48 3.12
CA LEU A 350 -6.48 19.22 3.76
C LEU A 350 -5.67 19.98 2.70
N GLY A 351 -5.53 21.28 2.88
CA GLY A 351 -4.61 22.07 2.07
C GLY A 351 -3.26 22.18 2.77
N ALA A 352 -2.20 22.18 1.97
CA ALA A 352 -0.84 22.33 2.49
C ALA A 352 0.02 23.00 1.44
N PHE A 353 1.06 23.69 1.90
CA PHE A 353 2.01 24.31 0.98
C PHE A 353 3.40 24.07 1.56
N THR A 354 4.31 23.56 0.72
CA THR A 354 5.61 23.17 1.24
C THR A 354 6.70 23.64 0.29
N VAL A 355 7.89 23.87 0.85
CA VAL A 355 9.04 24.36 0.10
C VAL A 355 10.23 23.51 0.52
N GLY A 356 11.08 23.14 -0.44
CA GLY A 356 12.28 22.39 -0.13
C GLY A 356 13.39 22.69 -1.11
N ASP A 357 14.63 22.50 -0.66
CA ASP A 357 15.77 22.73 -1.53
C ASP A 357 15.96 21.56 -2.50
N GLN A 358 15.99 21.87 -3.80
CA GLN A 358 16.05 20.82 -4.82
C GLN A 358 17.39 20.10 -4.84
N LEU A 359 18.49 20.79 -4.56
CA LEU A 359 19.80 20.15 -4.69
C LEU A 359 20.14 19.28 -3.48
N LEU A 360 19.47 19.51 -2.34
CA LEU A 360 19.83 18.80 -1.12
C LEU A 360 18.90 17.60 -0.95
N TRP A 361 17.76 17.74 -0.29
CA TRP A 361 16.84 16.59 -0.19
C TRP A 361 16.35 16.16 -1.56
N GLY A 362 16.29 17.08 -2.51
CA GLY A 362 15.82 16.70 -3.82
C GLY A 362 16.85 16.07 -4.73
N ALA A 363 18.11 15.92 -4.29
CA ALA A 363 19.12 15.32 -5.16
C ALA A 363 20.27 14.67 -4.38
N ALA A 364 21.19 15.49 -3.83
CA ALA A 364 22.42 14.95 -3.27
C ALA A 364 22.21 14.27 -1.91
N GLU A 365 21.38 14.85 -1.05
CA GLU A 365 21.36 14.39 0.34
C GLU A 365 20.93 12.93 0.48
N PRO A 366 19.91 12.44 -0.25
CA PRO A 366 19.59 11.00 -0.09
C PRO A 366 20.72 10.08 -0.50
N LEU A 367 21.58 10.53 -1.42
CA LEU A 367 22.66 9.68 -1.92
C LEU A 367 23.77 9.54 -0.89
N ARG A 368 24.19 10.67 -0.28
CA ARG A 368 25.22 10.56 0.76
C ARG A 368 24.69 9.79 1.96
N ARG A 369 23.42 9.96 2.29
CA ARG A 369 22.90 9.23 3.44
C ARG A 369 22.81 7.74 3.12
N MET A 370 22.47 7.39 1.87
CA MET A 370 22.52 6.00 1.46
C MET A 370 23.92 5.43 1.52
N LEU A 371 24.93 6.20 1.09
CA LEU A 371 26.30 5.70 1.21
C LEU A 371 26.65 5.42 2.67
N ARG A 372 26.25 6.31 3.58
CA ARG A 372 26.47 6.07 5.02
C ARG A 372 25.78 4.81 5.50
N ILE A 373 24.54 4.57 5.06
CA ILE A 373 23.80 3.39 5.47
C ILE A 373 24.52 2.13 5.00
N LEU A 374 25.02 2.16 3.76
CA LEU A 374 25.76 1.02 3.22
C LEU A 374 27.08 0.81 3.96
N VAL A 375 27.82 1.90 4.22
CA VAL A 375 29.06 1.78 4.98
C VAL A 375 28.81 1.11 6.33
N GLU A 376 27.77 1.56 7.04
CA GLU A 376 27.46 0.97 8.34
C GLU A 376 26.99 -0.48 8.19
N TYR A 377 26.24 -0.77 7.13
CA TYR A 377 25.77 -2.13 6.92
C TYR A 377 26.94 -3.08 6.69
N LYS A 378 27.89 -2.68 5.84
CA LYS A 378 29.00 -3.57 5.47
C LYS A 378 29.97 -3.77 6.63
N SER A 379 30.15 -2.78 7.49
CA SER A 379 30.96 -2.98 8.67
C SER A 379 30.29 -4.00 9.59
N HIS B 7 -29.10 61.19 -27.18
CA HIS B 7 -28.94 61.56 -25.77
C HIS B 7 -27.80 60.79 -25.13
N HIS B 8 -27.00 61.48 -24.33
CA HIS B 8 -25.84 60.88 -23.67
C HIS B 8 -25.96 61.04 -22.16
N MET B 9 -25.74 59.95 -21.43
CA MET B 9 -25.63 60.05 -19.99
C MET B 9 -24.36 60.82 -19.62
N LYS B 10 -24.46 61.58 -18.53
CA LYS B 10 -23.28 62.20 -17.96
C LYS B 10 -22.55 61.16 -17.13
N VAL B 11 -21.29 60.92 -17.48
CA VAL B 11 -20.49 59.86 -16.87
C VAL B 11 -19.33 60.52 -16.14
N GLY B 12 -19.29 60.33 -14.82
CA GLY B 12 -18.17 60.80 -14.04
C GLY B 12 -17.09 59.75 -13.92
N LEU B 13 -15.86 60.09 -14.31
CA LEU B 13 -14.74 59.16 -14.27
CA LEU B 13 -14.72 59.17 -14.28
C LEU B 13 -13.85 59.53 -13.09
N VAL B 14 -13.66 58.57 -12.17
CA VAL B 14 -12.86 58.76 -10.96
C VAL B 14 -11.72 57.76 -10.98
N GLY B 15 -10.51 58.20 -10.61
CA GLY B 15 -9.37 57.28 -10.60
C GLY B 15 -8.89 56.85 -11.96
N TRP B 16 -9.19 57.66 -13.00
CA TRP B 16 -8.81 57.34 -14.37
C TRP B 16 -7.30 57.46 -14.59
N ARG B 17 -6.60 58.13 -13.68
CA ARG B 17 -5.16 58.34 -13.84
C ARG B 17 -4.33 57.18 -13.29
N GLY B 18 -4.87 56.41 -12.34
CA GLY B 18 -4.16 55.28 -11.78
C GLY B 18 -4.00 54.16 -12.80
N MET B 19 -3.35 53.06 -12.37
CA MET B 19 -3.01 52.00 -13.31
C MET B 19 -4.25 51.35 -13.92
N VAL B 20 -5.19 50.88 -13.07
CA VAL B 20 -6.39 50.26 -13.63
C VAL B 20 -7.17 51.26 -14.46
N GLY B 21 -7.30 52.50 -13.97
CA GLY B 21 -8.03 53.51 -14.73
C GLY B 21 -7.36 53.87 -16.05
N SER B 22 -6.02 53.81 -16.09
CA SER B 22 -5.27 54.05 -17.33
C SER B 22 -5.56 52.98 -18.38
N VAL B 23 -5.64 51.72 -17.94
CA VAL B 23 -6.04 50.65 -18.85
C VAL B 23 -7.47 50.87 -19.31
N LEU B 24 -8.36 51.25 -18.38
CA LEU B 24 -9.73 51.56 -18.75
C LEU B 24 -9.77 52.67 -19.81
N MET B 25 -9.02 53.74 -19.58
CA MET B 25 -9.06 54.87 -20.53
C MET B 25 -8.55 54.45 -21.91
N GLN B 26 -7.45 53.69 -21.95
CA GLN B 26 -6.93 53.21 -23.23
C GLN B 26 -7.96 52.34 -23.95
N ARG B 27 -8.58 51.40 -23.23
CA ARG B 27 -9.58 50.53 -23.84
C ARG B 27 -10.80 51.31 -24.30
N MET B 28 -11.26 52.26 -23.49
CA MET B 28 -12.39 53.08 -23.91
C MET B 28 -12.07 53.88 -25.18
N VAL B 29 -10.85 54.39 -25.29
CA VAL B 29 -10.48 55.08 -26.52
C VAL B 29 -10.46 54.10 -27.70
N GLU B 30 -9.80 52.94 -27.52
CA GLU B 30 -9.72 51.95 -28.58
C GLU B 30 -11.11 51.53 -29.06
N GLU B 31 -12.06 51.43 -28.14
CA GLU B 31 -13.39 50.95 -28.48
C GLU B 31 -14.39 52.07 -28.77
N ASN B 32 -13.93 53.32 -28.86
CA ASN B 32 -14.81 54.47 -29.16
CA ASN B 32 -14.82 54.45 -29.18
C ASN B 32 -15.94 54.59 -28.15
N ASP B 33 -15.62 54.29 -26.89
CA ASP B 33 -16.62 54.33 -25.83
C ASP B 33 -17.06 55.74 -25.48
N PHE B 34 -16.27 56.76 -25.85
CA PHE B 34 -16.65 58.11 -25.51
C PHE B 34 -17.67 58.70 -26.47
N ALA B 35 -17.89 58.07 -27.62
CA ALA B 35 -18.85 58.61 -28.58
C ALA B 35 -20.26 58.64 -28.02
N HIS B 36 -20.57 57.79 -27.05
CA HIS B 36 -21.95 57.61 -26.59
C HIS B 36 -22.23 58.25 -25.24
N ILE B 37 -21.22 58.87 -24.60
CA ILE B 37 -21.40 59.44 -23.27
C ILE B 37 -20.94 60.91 -23.28
N GLU B 38 -21.32 61.60 -22.20
CA GLU B 38 -20.79 62.94 -21.94
C GLU B 38 -19.83 62.83 -20.75
N PRO B 39 -18.50 62.80 -20.97
CA PRO B 39 -17.58 62.49 -19.87
C PRO B 39 -17.21 63.70 -19.03
N PHE B 40 -17.09 63.45 -17.72
CA PHE B 40 -16.63 64.44 -16.74
C PHE B 40 -15.54 63.78 -15.91
N TYR B 41 -14.44 64.48 -15.69
CA TYR B 41 -13.28 63.90 -15.05
C TYR B 41 -13.11 64.47 -13.66
N PHE B 42 -12.90 63.58 -12.70
CA PHE B 42 -12.75 63.93 -11.28
C PHE B 42 -11.32 63.69 -10.84
N SER B 43 -10.94 64.34 -9.74
CA SER B 43 -9.55 64.33 -9.33
C SER B 43 -9.47 64.37 -7.81
N THR B 44 -8.50 63.66 -7.24
CA THR B 44 -8.26 63.77 -5.80
C THR B 44 -7.11 64.68 -5.43
N SER B 45 -6.20 64.99 -6.37
CA SER B 45 -5.08 65.88 -6.08
C SER B 45 -4.93 67.06 -7.02
N ASN B 46 -5.79 67.18 -8.04
CA ASN B 46 -5.59 68.17 -9.09
C ASN B 46 -6.93 68.81 -9.48
N ALA B 47 -7.87 68.91 -8.53
CA ALA B 47 -9.14 69.57 -8.82
C ALA B 47 -8.89 70.99 -9.33
N GLY B 48 -9.64 71.37 -10.36
CA GLY B 48 -9.43 72.63 -11.05
C GLY B 48 -8.44 72.57 -12.20
N GLY B 49 -7.65 71.51 -12.30
CA GLY B 49 -6.72 71.37 -13.41
C GLY B 49 -7.41 71.01 -14.71
N GLU B 50 -6.63 71.04 -15.79
CA GLU B 50 -7.17 70.75 -17.12
C GLU B 50 -7.53 69.28 -17.23
N ALA B 51 -8.73 68.98 -17.72
CA ALA B 51 -9.14 67.60 -17.88
C ALA B 51 -8.65 67.04 -19.22
N PRO B 52 -8.53 65.72 -19.32
CA PRO B 52 -8.25 65.11 -20.62
CA PRO B 52 -8.25 65.11 -20.62
C PRO B 52 -9.43 65.28 -21.57
N SER B 53 -9.16 64.98 -22.83
CA SER B 53 -10.18 65.00 -23.86
C SER B 53 -10.18 63.68 -24.61
N PHE B 54 -10.06 62.57 -23.86
CA PHE B 54 -10.02 61.25 -24.46
C PHE B 54 -11.19 61.08 -25.43
N GLY B 55 -10.93 60.40 -26.55
CA GLY B 55 -11.94 60.25 -27.58
C GLY B 55 -12.33 61.54 -28.27
N GLY B 56 -11.56 62.61 -28.10
CA GLY B 56 -11.93 63.87 -28.70
C GLY B 56 -13.09 64.59 -28.05
N LYS B 57 -13.51 64.18 -26.85
CA LYS B 57 -14.60 64.87 -26.14
C LYS B 57 -13.98 65.78 -25.09
N THR B 58 -14.25 67.09 -25.20
CA THR B 58 -13.77 68.02 -24.20
CA THR B 58 -13.79 68.06 -24.22
C THR B 58 -14.62 67.95 -22.94
N ALA B 59 -13.99 68.22 -21.81
CA ALA B 59 -14.63 68.20 -20.51
C ALA B 59 -14.26 69.44 -19.72
N PRO B 60 -15.07 69.84 -18.74
CA PRO B 60 -14.73 71.03 -17.95
C PRO B 60 -13.55 70.75 -17.04
N ALA B 61 -13.09 71.76 -16.29
CA ALA B 61 -11.95 71.57 -15.41
C ALA B 61 -12.22 70.41 -14.45
N LEU B 62 -11.15 69.72 -14.07
CA LEU B 62 -11.26 68.59 -13.16
C LEU B 62 -12.06 68.94 -11.91
N MET B 63 -13.00 68.08 -11.57
CA MET B 63 -13.81 68.28 -10.38
C MET B 63 -13.27 67.45 -9.23
N GLU B 64 -13.65 67.83 -8.01
CA GLU B 64 -13.12 67.15 -6.83
C GLU B 64 -13.84 65.82 -6.64
N ALA B 65 -13.08 64.72 -6.66
CA ALA B 65 -13.68 63.39 -6.60
C ALA B 65 -14.41 63.14 -5.29
N THR B 66 -14.05 63.83 -4.23
CA THR B 66 -14.77 63.63 -2.97
C THR B 66 -15.91 64.61 -2.78
N ASP B 67 -16.14 65.52 -3.73
CA ASP B 67 -17.19 66.53 -3.59
C ASP B 67 -18.55 65.94 -3.98
N ILE B 68 -19.39 65.70 -2.98
CA ILE B 68 -20.67 65.02 -3.22
C ILE B 68 -21.55 65.85 -4.14
N THR B 69 -21.48 67.18 -4.00
CA THR B 69 -22.29 68.06 -4.84
C THR B 69 -21.95 67.92 -6.32
N SER B 70 -20.69 67.66 -6.65
CA SER B 70 -20.30 67.46 -8.04
C SER B 70 -20.66 66.06 -8.53
N LEU B 71 -20.40 65.03 -7.71
CA LEU B 71 -20.71 63.67 -8.11
C LEU B 71 -22.21 63.49 -8.37
N LYS B 72 -23.07 64.13 -7.57
CA LYS B 72 -24.50 63.84 -7.70
C LYS B 72 -25.10 64.43 -8.98
N GLN B 73 -24.36 65.25 -9.71
CA GLN B 73 -24.76 65.71 -11.02
C GLN B 73 -24.60 64.65 -12.11
N MET B 74 -23.94 63.53 -11.81
CA MET B 74 -23.66 62.52 -12.82
C MET B 74 -24.78 61.48 -12.88
N ASP B 75 -24.99 60.93 -14.09
CA ASP B 75 -25.91 59.82 -14.24
C ASP B 75 -25.23 58.50 -13.88
N VAL B 76 -23.92 58.43 -14.10
CA VAL B 76 -23.11 57.25 -13.85
C VAL B 76 -21.78 57.72 -13.26
N ILE B 77 -21.30 57.03 -12.25
CA ILE B 77 -19.93 57.17 -11.77
CA ILE B 77 -19.93 57.17 -11.78
C ILE B 77 -19.20 55.86 -12.05
N ILE B 78 -18.06 55.94 -12.71
CA ILE B 78 -17.23 54.75 -12.87
C ILE B 78 -15.89 55.05 -12.22
N THR B 79 -15.57 54.29 -11.16
CA THR B 79 -14.42 54.61 -10.32
C THR B 79 -13.43 53.45 -10.29
N CYS B 80 -12.17 53.77 -10.57
CA CYS B 80 -11.04 52.88 -10.37
C CYS B 80 -10.17 53.35 -9.21
N GLN B 81 -10.71 54.25 -8.38
CA GLN B 81 -9.90 54.91 -7.38
C GLN B 81 -9.52 53.98 -6.23
N GLY B 82 -10.44 53.10 -5.81
CA GLY B 82 -10.11 52.08 -4.84
C GLY B 82 -11.01 52.09 -3.64
N GLY B 83 -10.70 51.16 -2.72
CA GLY B 83 -11.62 50.84 -1.64
C GLY B 83 -11.78 51.96 -0.62
N ASP B 84 -10.69 52.63 -0.26
CA ASP B 84 -10.79 53.73 0.71
C ASP B 84 -11.70 54.84 0.19
N TYR B 85 -11.58 55.13 -1.11
CA TYR B 85 -12.42 56.15 -1.71
C TYR B 85 -13.89 55.75 -1.69
N THR B 86 -14.20 54.53 -2.17
CA THR B 86 -15.59 54.09 -2.17
C THR B 86 -16.17 54.09 -0.76
N SER B 87 -15.41 53.60 0.21
CA SER B 87 -15.92 53.54 1.59
C SER B 87 -16.28 54.91 2.12
N GLU B 88 -15.52 55.93 1.74
CA GLU B 88 -15.80 57.29 2.20
C GLU B 88 -17.00 57.88 1.45
N VAL B 89 -16.97 57.79 0.13
CA VAL B 89 -17.84 58.62 -0.69
C VAL B 89 -19.18 57.97 -0.98
N PHE B 90 -19.20 56.65 -1.21
CA PHE B 90 -20.43 55.99 -1.62
C PHE B 90 -21.57 56.18 -0.62
N PRO B 91 -21.38 55.99 0.69
CA PRO B 91 -22.52 56.20 1.60
C PRO B 91 -23.01 57.63 1.61
N LYS B 92 -22.10 58.61 1.46
CA LYS B 92 -22.51 60.01 1.45
C LYS B 92 -23.32 60.33 0.19
N LEU B 93 -22.91 59.77 -0.95
CA LEU B 93 -23.60 60.09 -2.19
C LEU B 93 -24.99 59.46 -2.24
N LYS B 94 -25.10 58.19 -1.82
CA LYS B 94 -26.39 57.51 -1.80
C LYS B 94 -27.33 58.16 -0.78
N ALA B 95 -26.77 58.74 0.29
CA ALA B 95 -27.59 59.37 1.33
C ALA B 95 -28.34 60.59 0.80
N THR B 96 -27.82 61.23 -0.25
CA THR B 96 -28.51 62.37 -0.84
C THR B 96 -29.75 61.95 -1.63
N GLY B 97 -29.96 60.66 -1.85
CA GLY B 97 -31.01 60.23 -2.73
C GLY B 97 -30.61 60.16 -4.19
N TRP B 98 -29.34 60.40 -4.49
CA TRP B 98 -28.80 60.21 -5.83
C TRP B 98 -29.23 58.86 -6.38
N ASP B 99 -29.84 58.86 -7.56
CA ASP B 99 -30.39 57.64 -8.15
C ASP B 99 -29.57 57.15 -9.34
N GLY B 100 -28.29 57.52 -9.39
CA GLY B 100 -27.45 57.17 -10.51
C GLY B 100 -26.84 55.79 -10.36
N TYR B 101 -26.07 55.42 -11.39
CA TYR B 101 -25.37 54.14 -11.44
C TYR B 101 -23.94 54.29 -10.93
N TRP B 102 -23.49 53.30 -10.16
CA TRP B 102 -22.14 53.26 -9.61
C TRP B 102 -21.46 52.01 -10.15
N ILE B 103 -20.38 52.20 -10.92
CA ILE B 103 -19.60 51.11 -11.47
C ILE B 103 -18.22 51.19 -10.85
N ASP B 104 -17.79 50.13 -10.17
CA ASP B 104 -16.65 50.21 -9.27
C ASP B 104 -15.70 49.04 -9.51
N ALA B 105 -14.40 49.34 -9.59
CA ALA B 105 -13.38 48.29 -9.61
C ALA B 105 -13.19 47.66 -8.25
N ALA B 106 -13.47 48.41 -7.18
CA ALA B 106 -13.04 48.07 -5.83
C ALA B 106 -13.91 46.97 -5.22
N SER B 107 -13.34 46.23 -4.27
CA SER B 107 -14.03 45.13 -3.63
C SER B 107 -15.11 45.58 -2.65
N THR B 108 -15.15 46.87 -2.28
CA THR B 108 -15.95 47.35 -1.15
C THR B 108 -17.40 46.88 -1.21
N LEU B 109 -18.06 47.10 -2.34
CA LEU B 109 -19.49 46.84 -2.43
C LEU B 109 -19.84 45.44 -2.93
N ARG B 110 -18.84 44.60 -3.23
CA ARG B 110 -19.06 43.34 -3.94
C ARG B 110 -20.15 42.48 -3.33
N MET B 111 -20.10 42.32 -2.01
CA MET B 111 -20.96 41.37 -1.33
C MET B 111 -22.16 42.05 -0.67
N THR B 112 -22.38 43.34 -0.94
CA THR B 112 -23.61 43.99 -0.45
C THR B 112 -24.83 43.50 -1.22
N ASP B 113 -25.97 43.46 -0.53
CA ASP B 113 -27.20 42.91 -1.13
C ASP B 113 -27.55 43.61 -2.44
N ASP B 114 -27.36 44.93 -2.51
CA ASP B 114 -27.87 45.70 -3.63
C ASP B 114 -26.90 45.80 -4.80
N ALA B 115 -25.75 45.13 -4.75
CA ALA B 115 -24.74 45.22 -5.81
C ALA B 115 -24.68 43.91 -6.58
N ILE B 116 -24.34 44.03 -7.87
CA ILE B 116 -24.13 42.89 -8.75
C ILE B 116 -22.65 42.87 -9.16
N ILE B 117 -22.03 41.70 -9.09
CA ILE B 117 -20.67 41.55 -9.60
C ILE B 117 -20.74 41.26 -11.09
N VAL B 118 -20.05 42.05 -11.91
CA VAL B 118 -20.22 42.03 -13.36
C VAL B 118 -19.08 41.26 -14.03
N LEU B 119 -19.46 40.31 -14.90
CA LEU B 119 -18.54 39.60 -15.78
C LEU B 119 -19.41 39.14 -16.95
N ASP B 120 -19.80 40.09 -17.80
CA ASP B 120 -20.92 39.83 -18.70
C ASP B 120 -20.72 38.67 -19.67
N PRO B 121 -19.51 38.29 -20.12
CA PRO B 121 -19.41 37.06 -20.92
C PRO B 121 -19.90 35.83 -20.17
N VAL B 122 -19.99 35.93 -18.84
CA VAL B 122 -20.42 34.83 -18.01
C VAL B 122 -21.80 35.08 -17.43
N ASN B 123 -22.09 36.32 -17.01
CA ASN B 123 -23.33 36.54 -16.27
C ASN B 123 -24.14 37.70 -16.83
N LEU B 124 -24.16 37.86 -18.17
CA LEU B 124 -25.00 38.91 -18.77
C LEU B 124 -26.45 38.83 -18.29
N ASN B 125 -27.00 37.62 -18.14
CA ASN B 125 -28.39 37.50 -17.71
C ASN B 125 -28.58 38.05 -16.29
N VAL B 126 -27.62 37.81 -15.40
CA VAL B 126 -27.69 38.37 -14.05
C VAL B 126 -27.68 39.89 -14.11
N ILE B 127 -26.86 40.45 -15.01
CA ILE B 127 -26.75 41.90 -15.15
C ILE B 127 -28.05 42.48 -15.71
N LYS B 128 -28.53 41.94 -16.82
CA LYS B 128 -29.72 42.51 -17.46
C LYS B 128 -30.94 42.36 -16.55
N ASP B 129 -31.03 41.24 -15.83
CA ASP B 129 -32.10 41.08 -14.85
C ASP B 129 -32.05 42.17 -13.79
N GLY B 130 -30.86 42.39 -13.21
CA GLY B 130 -30.72 43.41 -12.18
C GLY B 130 -31.07 44.81 -12.68
N LEU B 131 -30.61 45.15 -13.89
CA LEU B 131 -30.94 46.46 -14.45
C LEU B 131 -32.45 46.65 -14.53
N ALA B 132 -33.18 45.62 -14.93
CA ALA B 132 -34.63 45.74 -15.04
C ALA B 132 -35.30 45.73 -13.67
N LYS B 133 -34.67 45.11 -12.67
CA LYS B 133 -35.20 45.14 -11.32
C LYS B 133 -34.89 46.44 -10.59
N GLY B 134 -33.99 47.27 -11.12
CA GLY B 134 -33.64 48.52 -10.49
C GLY B 134 -32.30 48.54 -9.79
N THR B 135 -31.46 47.53 -9.98
CA THR B 135 -30.13 47.57 -9.38
C THR B 135 -29.31 48.70 -10.00
N LYS B 136 -28.61 49.44 -9.14
CA LYS B 136 -27.86 50.63 -9.55
C LYS B 136 -26.36 50.53 -9.29
N THR B 137 -25.89 49.46 -8.65
CA THR B 137 -24.50 49.33 -8.25
C THR B 137 -23.92 48.07 -8.86
N PHE B 138 -22.86 48.22 -9.65
CA PHE B 138 -22.23 47.13 -10.37
C PHE B 138 -20.74 47.17 -10.10
N VAL B 139 -20.18 46.04 -9.64
CA VAL B 139 -18.81 46.00 -9.15
CA VAL B 139 -18.80 46.01 -9.16
C VAL B 139 -18.02 44.93 -9.90
N GLY B 140 -16.76 45.23 -10.21
CA GLY B 140 -15.90 44.22 -10.80
C GLY B 140 -15.57 43.13 -9.78
N GLY B 141 -15.39 41.91 -10.29
CA GLY B 141 -15.02 40.82 -9.42
C GLY B 141 -13.53 40.76 -9.21
N ASN B 142 -13.12 40.00 -8.20
CA ASN B 142 -11.69 39.86 -7.97
C ASN B 142 -11.03 39.29 -9.20
N CYS B 143 -9.80 39.74 -9.45
CA CYS B 143 -9.10 39.36 -10.67
C CYS B 143 -9.03 37.85 -10.81
N THR B 144 -8.73 37.14 -9.72
CA THR B 144 -8.56 35.69 -9.78
CA THR B 144 -8.54 35.70 -9.81
C THR B 144 -9.83 35.00 -10.23
N VAL B 145 -10.96 35.36 -9.61
CA VAL B 145 -12.23 34.72 -9.94
C VAL B 145 -12.66 35.04 -11.37
N SER B 146 -12.56 36.32 -11.76
CA SER B 146 -12.97 36.69 -13.11
C SER B 146 -12.15 35.95 -14.18
N LEU B 147 -10.83 35.86 -13.98
CA LEU B 147 -9.99 35.18 -14.96
C LEU B 147 -10.30 33.70 -15.03
N MET B 148 -10.57 33.08 -13.89
CA MET B 148 -10.92 31.67 -13.87
C MET B 148 -12.24 31.43 -14.60
N LEU B 149 -13.24 32.30 -14.37
CA LEU B 149 -14.55 32.09 -14.97
C LEU B 149 -14.51 32.39 -16.46
N MET B 150 -13.67 33.35 -16.88
CA MET B 150 -13.54 33.60 -18.31
C MET B 150 -13.02 32.36 -19.04
N GLY B 151 -12.21 31.54 -18.36
CA GLY B 151 -11.66 30.33 -18.94
C GLY B 151 -12.54 29.10 -18.77
N VAL B 152 -12.95 28.76 -17.54
CA VAL B 152 -13.68 27.51 -17.32
C VAL B 152 -15.09 27.73 -16.80
N GLY B 153 -15.59 28.96 -16.88
CA GLY B 153 -16.93 29.25 -16.37
C GLY B 153 -18.03 28.39 -16.98
N ALA B 154 -17.87 27.94 -18.22
CA ALA B 154 -18.91 27.11 -18.85
C ALA B 154 -19.19 25.87 -18.02
N LEU B 155 -18.17 25.30 -17.37
CA LEU B 155 -18.41 24.13 -16.54
C LEU B 155 -19.32 24.46 -15.36
N PHE B 156 -19.16 25.64 -14.77
CA PHE B 156 -20.05 26.05 -13.69
C PHE B 156 -21.43 26.41 -14.22
N GLN B 157 -21.48 27.13 -15.34
CA GLN B 157 -22.77 27.52 -15.90
C GLN B 157 -23.61 26.31 -16.26
N ASN B 158 -22.96 25.21 -16.62
CA ASN B 158 -23.68 23.97 -16.90
C ASN B 158 -23.86 23.11 -15.66
N ASN B 159 -23.55 23.65 -14.47
CA ASN B 159 -23.79 22.99 -13.18
CA ASN B 159 -23.79 22.99 -13.19
C ASN B 159 -23.10 21.63 -13.13
N LEU B 160 -21.90 21.56 -13.66
CA LEU B 160 -21.14 20.32 -13.68
C LEU B 160 -20.13 20.21 -12.55
N VAL B 161 -19.87 21.29 -11.81
CA VAL B 161 -18.75 21.32 -10.88
C VAL B 161 -19.24 21.04 -9.48
N GLU B 162 -18.67 20.00 -8.86
CA GLU B 162 -19.00 19.67 -7.49
C GLU B 162 -18.19 20.51 -6.51
N TRP B 163 -16.89 20.66 -6.77
CA TRP B 163 -16.03 21.58 -6.05
C TRP B 163 -14.77 21.80 -6.88
N MET B 164 -13.97 22.78 -6.45
CA MET B 164 -12.75 23.10 -7.17
C MET B 164 -11.73 23.62 -6.18
N THR B 165 -10.47 23.17 -6.29
CA THR B 165 -9.36 23.88 -5.67
C THR B 165 -8.53 24.58 -6.73
N ALA B 166 -8.08 25.79 -6.40
CA ALA B 166 -7.31 26.64 -7.29
C ALA B 166 -6.01 27.02 -6.59
N MET B 167 -4.89 26.62 -7.18
CA MET B 167 -3.57 27.00 -6.71
C MET B 167 -3.05 28.03 -7.69
N THR B 168 -2.84 29.26 -7.22
CA THR B 168 -2.65 30.36 -8.15
C THR B 168 -1.20 30.79 -8.20
N TYR B 169 -0.87 31.48 -9.30
CA TYR B 169 0.46 32.01 -9.60
C TYR B 169 0.19 33.45 -10.00
N GLN B 170 0.12 34.35 -9.00
CA GLN B 170 -0.40 35.69 -9.27
C GLN B 170 0.69 36.70 -9.52
N ALA B 171 0.41 37.63 -10.44
CA ALA B 171 1.36 38.63 -10.88
C ALA B 171 1.41 39.82 -9.93
N ALA B 172 2.47 40.60 -10.10
CA ALA B 172 2.67 41.80 -9.29
C ALA B 172 1.61 42.86 -9.50
N SER B 173 1.03 42.95 -10.71
CA SER B 173 0.08 44.03 -10.99
C SER B 173 -1.11 44.01 -10.06
N GLY B 174 -1.51 42.82 -9.57
CA GLY B 174 -2.60 42.75 -8.61
C GLY B 174 -2.31 43.48 -7.32
N ALA B 175 -1.03 43.65 -6.99
CA ALA B 175 -0.67 44.44 -5.83
C ALA B 175 -0.49 45.92 -6.16
N GLY B 176 -0.09 46.25 -7.39
CA GLY B 176 -0.03 47.63 -7.79
C GLY B 176 1.18 48.00 -8.65
N ALA B 177 1.18 49.21 -9.19
CA ALA B 177 2.27 49.66 -10.05
C ALA B 177 3.60 49.65 -9.31
N GLN B 178 3.62 50.12 -8.06
CA GLN B 178 4.89 50.15 -7.32
C GLN B 178 5.43 48.75 -7.09
N ASN B 179 4.55 47.76 -6.95
CA ASN B 179 4.98 46.40 -6.76
C ASN B 179 5.61 45.83 -8.03
N MET B 180 5.02 46.13 -9.19
CA MET B 180 5.61 45.75 -10.47
C MET B 180 7.01 46.35 -10.63
N ARG B 181 7.15 47.64 -10.33
CA ARG B 181 8.46 48.28 -10.43
C ARG B 181 9.46 47.65 -9.46
N GLU B 182 9.00 47.30 -8.26
CA GLU B 182 9.89 46.65 -7.31
C GLU B 182 10.32 45.27 -7.80
N LEU B 183 9.41 44.51 -8.41
CA LEU B 183 9.80 43.23 -8.97
C LEU B 183 10.93 43.39 -9.99
N LEU B 184 10.76 44.31 -10.94
CA LEU B 184 11.79 44.51 -11.97
C LEU B 184 13.09 44.99 -11.35
N THR B 185 13.01 45.87 -10.36
CA THR B 185 14.22 46.41 -9.73
C THR B 185 14.96 45.31 -8.96
N GLY B 186 14.22 44.36 -8.38
CA GLY B 186 14.86 43.23 -7.72
C GLY B 186 15.51 42.29 -8.71
N MET B 187 14.88 42.09 -9.87
CA MET B 187 15.52 41.30 -10.92
C MET B 187 16.85 41.88 -11.30
N GLY B 188 16.89 43.21 -11.45
CA GLY B 188 18.16 43.86 -11.77
C GLY B 188 19.15 43.73 -10.63
N TYR B 189 18.68 43.89 -9.39
CA TYR B 189 19.57 43.78 -8.23
C TYR B 189 20.26 42.42 -8.21
N LEU B 190 19.51 41.35 -8.46
CA LEU B 190 20.13 40.02 -8.44
C LEU B 190 21.12 39.85 -9.59
N TYR B 191 20.75 40.25 -10.81
CA TYR B 191 21.68 40.03 -11.92
C TYR B 191 22.89 40.95 -11.82
N ASN B 192 22.65 42.23 -11.55
CA ASN B 192 23.78 43.15 -11.64
C ASN B 192 24.81 42.91 -10.54
N ASN B 193 24.40 42.32 -9.41
CA ASN B 193 25.35 42.01 -8.37
C ASN B 193 25.92 40.60 -8.46
N THR B 194 25.55 39.84 -9.49
CA THR B 194 26.15 38.53 -9.74
CA THR B 194 26.12 38.52 -9.74
C THR B 194 26.82 38.43 -11.10
N LYS B 195 26.71 39.46 -11.94
CA LYS B 195 27.17 39.35 -13.31
C LYS B 195 28.69 39.24 -13.42
N THR B 196 29.46 39.65 -12.39
CA THR B 196 30.90 39.46 -12.54
C THR B 196 31.26 37.98 -12.51
N LEU B 197 30.47 37.17 -11.81
CA LEU B 197 30.58 35.72 -11.88
C LEU B 197 29.95 35.18 -13.16
N LEU B 198 28.77 35.67 -13.52
CA LEU B 198 28.06 35.14 -14.70
C LEU B 198 28.85 35.38 -15.97
N ASP B 199 29.69 36.42 -16.00
CA ASP B 199 30.46 36.73 -17.20
C ASP B 199 31.60 35.74 -17.44
N ASP B 200 31.94 34.90 -16.45
CA ASP B 200 32.92 33.84 -16.64
C ASP B 200 32.17 32.54 -16.89
N PRO B 201 32.26 31.94 -18.08
CA PRO B 201 31.49 30.70 -18.33
C PRO B 201 31.85 29.54 -17.41
N LYS B 202 33.05 29.56 -16.81
CA LYS B 202 33.47 28.49 -15.92
C LYS B 202 33.34 28.84 -14.44
N SER B 203 32.72 29.96 -14.09
CA SER B 203 32.49 30.23 -12.68
C SER B 203 31.60 29.15 -12.07
N ALA B 204 31.75 28.91 -10.76
CA ALA B 204 31.06 27.83 -10.08
C ALA B 204 29.58 28.19 -9.85
N ILE B 205 28.69 27.28 -10.28
CA ILE B 205 27.25 27.56 -10.10
C ILE B 205 26.92 27.71 -8.62
N LEU B 206 27.59 26.96 -7.75
CA LEU B 206 27.27 27.09 -6.33
C LEU B 206 27.74 28.43 -5.76
N ASP B 207 28.79 29.02 -6.34
CA ASP B 207 29.17 30.39 -5.98
C ASP B 207 28.11 31.39 -6.40
N ILE B 208 27.63 31.26 -7.64
CA ILE B 208 26.58 32.13 -8.15
C ILE B 208 25.34 31.99 -7.27
N ASP B 209 24.99 30.76 -6.95
CA ASP B 209 23.80 30.50 -6.13
C ASP B 209 23.95 31.12 -4.75
N ARG B 210 25.10 30.90 -4.11
CA ARG B 210 25.35 31.48 -2.79
C ARG B 210 25.19 33.00 -2.83
N GLN B 211 25.64 33.63 -3.90
CA GLN B 211 25.58 35.08 -3.99
C GLN B 211 24.15 35.56 -4.17
N VAL B 212 23.36 34.87 -5.00
CA VAL B 212 21.95 35.23 -5.14
C VAL B 212 21.24 35.17 -3.79
N ALA B 213 21.44 34.09 -3.03
CA ALA B 213 20.75 33.93 -1.75
C ALA B 213 21.17 35.03 -0.77
N GLU B 214 22.47 35.32 -0.70
CA GLU B 214 22.93 36.41 0.15
CA GLU B 214 22.93 36.41 0.15
C GLU B 214 22.27 37.73 -0.24
N LEU B 215 22.18 38.01 -1.55
CA LEU B 215 21.54 39.24 -2.01
C LEU B 215 20.08 39.29 -1.59
N GLN B 216 19.35 38.19 -1.77
CA GLN B 216 17.94 38.14 -1.42
C GLN B 216 17.72 38.34 0.08
N ARG B 217 18.63 37.81 0.89
CA ARG B 217 18.50 37.90 2.34
C ARG B 217 19.05 39.18 2.94
N GLY B 218 19.82 39.98 2.19
CA GLY B 218 20.49 41.13 2.76
C GLY B 218 19.59 42.36 2.82
N GLU B 219 20.04 43.33 3.61
CA GLU B 219 19.29 44.57 3.75
C GLU B 219 19.22 45.36 2.45
N GLY B 220 20.18 45.14 1.55
CA GLY B 220 20.18 45.88 0.30
C GLY B 220 19.06 45.52 -0.64
N PHE B 221 18.41 44.38 -0.43
CA PHE B 221 17.41 43.91 -1.39
C PHE B 221 16.18 44.82 -1.31
N PRO B 222 15.68 45.32 -2.45
CA PRO B 222 14.52 46.24 -2.41
C PRO B 222 13.20 45.52 -2.21
N SER B 223 12.67 45.54 -0.99
CA SER B 223 11.45 44.80 -0.69
C SER B 223 10.43 45.62 0.09
N ALA B 224 10.48 46.96 -0.01
CA ALA B 224 9.58 47.81 0.75
C ALA B 224 8.11 47.49 0.50
N ASN B 225 7.75 47.20 -0.75
CA ASN B 225 6.34 47.09 -1.11
C ASN B 225 5.77 45.70 -0.81
N PHE B 226 6.48 44.64 -1.19
CA PHE B 226 6.01 43.30 -0.86
C PHE B 226 6.33 42.90 0.57
N GLY B 227 7.35 43.51 1.18
CA GLY B 227 7.77 43.20 2.52
C GLY B 227 8.84 42.13 2.59
N VAL B 228 8.87 41.23 1.62
CA VAL B 228 9.89 40.18 1.47
C VAL B 228 10.23 40.11 -0.01
N PRO B 229 11.32 39.44 -0.40
CA PRO B 229 11.66 39.38 -1.83
C PRO B 229 10.61 38.64 -2.63
N LEU B 230 10.39 39.12 -3.85
CA LEU B 230 9.62 38.37 -4.85
C LEU B 230 10.47 37.88 -6.00
N ALA B 231 11.35 38.72 -6.55
CA ALA B 231 12.26 38.27 -7.60
C ALA B 231 13.07 37.07 -7.12
N GLY B 232 13.05 36.01 -7.92
CA GLY B 232 13.71 34.77 -7.54
C GLY B 232 13.03 34.01 -6.42
N SER B 233 11.77 34.31 -6.13
CA SER B 233 11.08 33.67 -5.01
C SER B 233 9.58 33.57 -5.31
N LEU B 234 8.79 33.33 -4.28
CA LEU B 234 7.34 33.43 -4.33
C LEU B 234 6.88 33.78 -2.92
N ILE B 235 5.61 34.16 -2.81
CA ILE B 235 5.05 34.54 -1.50
C ILE B 235 3.70 33.87 -1.35
N PRO B 236 3.58 32.83 -0.52
CA PRO B 236 2.34 32.05 -0.46
C PRO B 236 1.31 32.66 0.49
N TYR B 237 1.10 33.98 0.36
CA TYR B 237 0.09 34.66 1.17
C TYR B 237 -0.21 36.00 0.51
N ILE B 238 -1.48 36.25 0.22
CA ILE B 238 -1.89 37.48 -0.45
C ILE B 238 -3.05 38.08 0.34
N ASP B 239 -2.96 39.38 0.64
CA ASP B 239 -3.99 40.14 1.36
C ASP B 239 -4.07 39.70 2.83
N LYS B 240 -5.17 40.05 3.51
CA LYS B 240 -5.24 39.96 4.97
C LYS B 240 -5.50 38.53 5.45
N GLN B 241 -4.98 38.24 6.64
CA GLN B 241 -5.27 36.99 7.31
C GLN B 241 -6.67 36.99 7.92
N LEU B 242 -7.47 35.99 7.57
CA LEU B 242 -8.81 35.86 8.12
C LEU B 242 -8.81 34.91 9.30
N GLU B 243 -9.88 34.99 10.10
CA GLU B 243 -9.99 34.15 11.28
C GLU B 243 -10.00 32.68 10.91
N SER B 244 -10.49 32.34 9.73
CA SER B 244 -10.59 30.96 9.30
C SER B 244 -9.23 30.36 8.91
N GLY B 245 -8.16 31.16 8.84
CA GLY B 245 -6.90 30.71 8.29
C GLY B 245 -6.73 30.94 6.80
N GLN B 246 -7.82 31.18 6.06
CA GLN B 246 -7.66 31.64 4.69
C GLN B 246 -7.07 33.04 4.68
N SER B 247 -6.43 33.38 3.57
CA SER B 247 -6.21 34.78 3.28
C SER B 247 -7.48 35.34 2.64
N LYS B 248 -7.61 36.68 2.67
CA LYS B 248 -8.79 37.28 2.05
C LYS B 248 -8.82 37.01 0.55
N GLU B 249 -7.65 36.91 -0.10
CA GLU B 249 -7.62 36.56 -1.51
C GLU B 249 -8.23 35.19 -1.77
N GLU B 250 -7.90 34.21 -0.94
CA GLU B 250 -8.46 32.87 -1.09
C GLU B 250 -9.96 32.84 -0.81
N TRP B 251 -10.39 33.58 0.21
CA TRP B 251 -11.80 33.66 0.55
C TRP B 251 -12.64 34.24 -0.59
N LYS B 252 -12.10 35.18 -1.36
CA LYS B 252 -12.85 35.75 -2.47
C LYS B 252 -13.30 34.68 -3.46
N GLY B 253 -12.52 33.62 -3.62
CA GLY B 253 -12.82 32.57 -4.58
C GLY B 253 -14.25 32.08 -4.49
N GLN B 254 -14.66 31.60 -3.33
CA GLN B 254 -15.95 30.94 -3.23
C GLN B 254 -17.12 31.95 -3.22
N VAL B 255 -17.00 33.04 -2.46
CA VAL B 255 -18.13 33.97 -2.38
C VAL B 255 -18.35 34.67 -3.70
N GLU B 256 -17.27 35.07 -4.41
CA GLU B 256 -17.47 35.84 -5.63
C GLU B 256 -17.91 34.95 -6.79
N THR B 257 -17.32 33.76 -6.90
CA THR B 257 -17.72 32.84 -7.96
C THR B 257 -19.21 32.56 -7.89
N ASN B 258 -19.69 32.23 -6.70
CA ASN B 258 -21.09 31.87 -6.60
C ASN B 258 -21.99 33.09 -6.73
N LYS B 259 -21.51 34.29 -6.37
CA LYS B 259 -22.36 35.45 -6.59
C LYS B 259 -22.41 35.87 -8.06
N ILE B 260 -21.30 35.78 -8.78
CA ILE B 260 -21.33 36.06 -10.22
C ILE B 260 -22.32 35.12 -10.91
N LEU B 261 -22.23 33.83 -10.61
CA LEU B 261 -23.06 32.85 -11.29
C LEU B 261 -24.52 32.93 -10.85
N GLY B 262 -24.79 33.51 -9.69
CA GLY B 262 -26.15 33.47 -9.18
C GLY B 262 -26.55 32.10 -8.66
N ASN B 263 -25.60 31.33 -8.15
CA ASN B 263 -25.92 30.04 -7.56
C ASN B 263 -26.64 30.23 -6.23
N SER B 264 -27.74 29.50 -6.04
CA SER B 264 -28.34 29.40 -4.71
C SER B 264 -27.63 28.34 -3.86
N GLN B 265 -27.22 27.23 -4.47
CA GLN B 265 -26.40 26.23 -3.79
C GLN B 265 -24.93 26.55 -4.03
N ILE B 266 -24.19 26.79 -2.95
CA ILE B 266 -22.80 27.20 -3.05
C ILE B 266 -21.94 26.04 -3.53
N VAL B 267 -21.18 26.26 -4.60
CA VAL B 267 -20.16 25.32 -5.04
C VAL B 267 -18.88 25.63 -4.26
N PRO B 268 -18.32 24.68 -3.51
CA PRO B 268 -17.11 24.98 -2.73
C PRO B 268 -15.91 25.27 -3.61
N ILE B 269 -15.20 26.34 -3.28
CA ILE B 269 -14.00 26.78 -3.98
CA ILE B 269 -13.99 26.74 -3.97
C ILE B 269 -12.96 27.12 -2.92
N ASP B 270 -11.75 26.58 -3.04
CA ASP B 270 -10.73 26.88 -2.05
C ASP B 270 -9.36 26.67 -2.68
N GLY B 271 -8.31 26.97 -1.93
CA GLY B 271 -6.96 26.74 -2.44
C GLY B 271 -5.99 27.72 -1.80
N HIS B 272 -4.81 27.84 -2.44
CA HIS B 272 -3.76 28.76 -1.98
C HIS B 272 -3.49 29.81 -3.04
N CYS B 273 -3.44 31.07 -2.64
CA CYS B 273 -3.14 32.15 -3.55
C CYS B 273 -1.70 32.58 -3.31
N VAL B 274 -0.87 32.46 -4.34
CA VAL B 274 0.58 32.59 -4.24
C VAL B 274 1.04 33.67 -5.21
N ARG B 275 1.87 34.59 -4.75
CA ARG B 275 2.44 35.63 -5.60
C ARG B 275 3.73 35.10 -6.23
N ILE B 276 3.89 35.30 -7.55
CA ILE B 276 5.13 34.94 -8.21
C ILE B 276 5.64 36.15 -8.98
N GLY B 277 6.85 36.02 -9.51
CA GLY B 277 7.50 37.15 -10.16
C GLY B 277 7.09 37.35 -11.61
N ALA B 278 5.81 37.63 -11.86
CA ALA B 278 5.32 38.00 -13.18
C ALA B 278 4.72 39.39 -13.12
N MET B 279 4.62 40.06 -14.28
CA MET B 279 4.19 41.46 -14.29
C MET B 279 2.67 41.62 -14.13
N ARG B 280 1.88 41.04 -15.04
CA ARG B 280 0.45 41.37 -15.05
C ARG B 280 -0.47 40.22 -15.47
N CYS B 281 0.00 38.98 -15.52
CA CYS B 281 -0.84 37.82 -15.82
C CYS B 281 -0.90 36.89 -14.61
N HIS B 282 -2.12 36.54 -14.20
CA HIS B 282 -2.36 35.51 -13.20
C HIS B 282 -2.54 34.17 -13.88
N SER B 283 -1.98 33.14 -13.30
CA SER B 283 -2.16 31.77 -13.77
C SER B 283 -2.72 30.96 -12.63
N GLN B 284 -3.50 29.93 -12.96
CA GLN B 284 -4.15 29.13 -11.93
C GLN B 284 -4.17 27.67 -12.34
N ALA B 285 -3.77 26.82 -11.40
CA ALA B 285 -3.76 25.38 -11.58
C ALA B 285 -4.96 24.81 -10.82
N LEU B 286 -5.88 24.17 -11.53
CA LEU B 286 -7.20 23.86 -10.99
C LEU B 286 -7.37 22.35 -10.86
N THR B 287 -7.86 21.90 -9.71
CA THR B 287 -8.42 20.55 -9.55
C THR B 287 -9.92 20.69 -9.51
N ILE B 288 -10.60 20.17 -10.53
CA ILE B 288 -12.03 20.39 -10.68
C ILE B 288 -12.73 19.04 -10.54
N LYS B 289 -13.53 18.90 -9.48
CA LYS B 289 -14.31 17.69 -9.28
C LYS B 289 -15.65 17.88 -9.97
N LEU B 290 -15.91 17.08 -11.00
CA LEU B 290 -17.16 17.12 -11.74
C LEU B 290 -18.20 16.22 -11.12
N LYS B 291 -19.48 16.57 -11.33
CA LYS B 291 -20.55 15.75 -10.77
C LYS B 291 -20.74 14.44 -11.53
N LYS B 292 -20.19 14.32 -12.72
CA LYS B 292 -20.33 13.11 -13.51
C LYS B 292 -19.19 13.03 -14.52
N ASP B 293 -19.02 11.86 -15.11
CA ASP B 293 -17.93 11.65 -16.07
C ASP B 293 -18.33 12.27 -17.41
N VAL B 294 -17.93 13.52 -17.61
CA VAL B 294 -18.10 14.22 -18.88
C VAL B 294 -16.90 13.93 -19.78
N PRO B 295 -17.11 13.54 -21.02
CA PRO B 295 -15.98 13.26 -21.92
C PRO B 295 -15.08 14.49 -22.09
N LEU B 296 -13.77 14.24 -22.14
CA LEU B 296 -12.81 15.33 -22.26
C LEU B 296 -13.08 16.19 -23.49
N ASP B 297 -13.45 15.57 -24.61
CA ASP B 297 -13.65 16.37 -25.81
C ASP B 297 -14.86 17.30 -25.67
N GLU B 298 -15.89 16.86 -24.93
CA GLU B 298 -17.03 17.74 -24.68
CA GLU B 298 -17.03 17.74 -24.67
C GLU B 298 -16.66 18.87 -23.71
N ILE B 299 -15.82 18.59 -22.71
CA ILE B 299 -15.31 19.65 -21.85
C ILE B 299 -14.57 20.71 -22.66
N GLU B 300 -13.66 20.27 -23.53
CA GLU B 300 -12.94 21.21 -24.39
C GLU B 300 -13.91 22.03 -25.25
N ASP B 301 -14.91 21.37 -25.83
CA ASP B 301 -15.85 22.12 -26.68
C ASP B 301 -16.65 23.13 -25.86
N MET B 302 -17.09 22.76 -24.66
CA MET B 302 -17.75 23.72 -23.77
CA MET B 302 -17.76 23.73 -23.79
C MET B 302 -16.88 24.96 -23.57
N ILE B 303 -15.60 24.75 -23.29
CA ILE B 303 -14.71 25.89 -23.06
C ILE B 303 -14.54 26.71 -24.33
N ARG B 304 -14.26 26.05 -25.45
CA ARG B 304 -14.03 26.76 -26.72
C ARG B 304 -15.22 27.63 -27.10
N ASN B 305 -16.42 27.11 -26.90
CA ASN B 305 -17.64 27.74 -27.37
C ASN B 305 -18.22 28.72 -26.37
N SER B 306 -17.63 28.82 -25.18
CA SER B 306 -18.22 29.63 -24.11
C SER B 306 -18.23 31.11 -24.49
N ASN B 307 -17.12 31.59 -25.05
CA ASN B 307 -16.97 32.99 -25.41
C ASN B 307 -15.76 33.11 -26.33
N GLN B 308 -15.64 34.27 -26.97
CA GLN B 308 -14.63 34.37 -28.03
C GLN B 308 -13.22 34.54 -27.49
N TRP B 309 -13.05 34.78 -26.19
CA TRP B 309 -11.71 34.99 -25.66
C TRP B 309 -11.11 33.72 -25.07
N ALA B 310 -11.93 32.83 -24.51
CA ALA B 310 -11.44 31.55 -24.04
C ALA B 310 -10.92 30.71 -25.21
N LYS B 311 -9.78 30.06 -24.99
CA LYS B 311 -9.14 29.22 -26.00
C LYS B 311 -8.69 27.94 -25.32
N VAL B 312 -8.80 26.81 -26.00
CA VAL B 312 -8.23 25.56 -25.50
C VAL B 312 -6.87 25.39 -26.13
N VAL B 313 -5.83 25.32 -25.31
CA VAL B 313 -4.48 25.04 -25.78
C VAL B 313 -4.29 23.52 -25.79
N PRO B 314 -3.98 22.91 -26.94
CA PRO B 314 -3.74 21.46 -26.95
C PRO B 314 -2.76 21.02 -25.86
N ASN B 315 -3.03 19.86 -25.28
CA ASN B 315 -2.23 19.39 -24.14
C ASN B 315 -0.95 18.73 -24.65
N THR B 316 -0.07 19.55 -25.25
CA THR B 316 1.22 19.10 -25.73
C THR B 316 2.31 19.96 -25.12
N ARG B 317 3.52 19.42 -25.11
CA ARG B 317 4.66 20.17 -24.58
C ARG B 317 4.86 21.47 -25.35
N GLU B 318 4.85 21.40 -26.69
CA GLU B 318 5.15 22.58 -27.51
C GLU B 318 4.07 23.66 -27.32
N ALA B 319 2.79 23.27 -27.38
CA ALA B 319 1.72 24.27 -27.29
C ALA B 319 1.64 24.88 -25.89
N SER B 320 1.83 24.05 -24.86
CA SER B 320 1.78 24.55 -23.50
C SER B 320 2.90 25.55 -23.24
N MET B 321 4.09 25.27 -23.78
CA MET B 321 5.21 26.17 -23.55
C MET B 321 5.04 27.50 -24.26
N THR B 322 4.38 27.51 -25.42
CA THR B 322 4.33 28.75 -26.20
CA THR B 322 4.29 28.70 -26.27
C THR B 322 3.04 29.54 -26.01
N ASP B 323 1.91 28.88 -25.75
CA ASP B 323 0.65 29.60 -25.66
C ASP B 323 0.06 29.70 -24.26
N LEU B 324 0.55 28.92 -23.30
CA LEU B 324 -0.09 28.87 -21.99
C LEU B 324 0.81 29.51 -20.93
N THR B 325 1.28 30.73 -21.18
CA THR B 325 2.22 31.40 -20.30
C THR B 325 1.89 32.88 -20.20
N PRO B 326 2.38 33.56 -19.15
CA PRO B 326 2.28 35.03 -19.11
C PRO B 326 2.82 35.70 -20.36
N VAL B 327 3.90 35.18 -20.96
CA VAL B 327 4.46 35.82 -22.14
C VAL B 327 3.47 35.78 -23.31
N ALA B 328 2.77 34.66 -23.48
CA ALA B 328 1.78 34.59 -24.56
C ALA B 328 0.62 35.53 -24.33
N VAL B 329 0.23 35.74 -23.08
CA VAL B 329 -1.06 36.36 -22.78
C VAL B 329 -0.97 37.85 -22.45
N THR B 330 0.20 38.34 -22.01
CA THR B 330 0.25 39.64 -21.36
C THR B 330 -0.20 40.76 -22.29
N GLY B 331 -1.08 41.62 -21.77
CA GLY B 331 -1.62 42.72 -22.53
C GLY B 331 -2.64 42.34 -23.58
N THR B 332 -3.11 41.09 -23.59
CA THR B 332 -4.13 40.66 -24.53
C THR B 332 -5.38 40.25 -23.76
N LEU B 333 -6.49 40.16 -24.50
CA LEU B 333 -7.76 39.70 -23.93
C LEU B 333 -7.92 38.19 -24.02
N THR B 334 -6.90 37.46 -24.48
CA THR B 334 -7.03 36.02 -24.64
C THR B 334 -6.95 35.32 -23.29
N VAL B 335 -7.78 34.29 -23.10
CA VAL B 335 -7.78 33.53 -21.85
C VAL B 335 -7.56 32.05 -22.18
N PRO B 336 -6.32 31.62 -22.38
CA PRO B 336 -6.09 30.21 -22.73
C PRO B 336 -6.33 29.30 -21.53
N VAL B 337 -6.86 28.11 -21.81
CA VAL B 337 -7.04 27.04 -20.84
C VAL B 337 -6.36 25.80 -21.43
N GLY B 338 -5.48 25.18 -20.66
CA GLY B 338 -4.73 24.05 -21.18
C GLY B 338 -4.45 23.00 -20.12
N ARG B 339 -3.57 22.05 -20.46
CA ARG B 339 -3.30 20.90 -19.59
C ARG B 339 -4.58 20.16 -19.20
N LEU B 340 -5.63 20.25 -20.05
CA LEU B 340 -6.92 19.67 -19.72
C LEU B 340 -6.84 18.14 -19.82
N ARG B 341 -7.07 17.47 -18.70
CA ARG B 341 -6.83 16.03 -18.63
C ARG B 341 -7.58 15.47 -17.41
N LYS B 342 -8.10 14.24 -17.53
CA LYS B 342 -8.69 13.57 -16.39
C LYS B 342 -7.58 13.05 -15.49
N LEU B 343 -7.71 13.27 -14.18
CA LEU B 343 -6.63 12.99 -13.25
C LEU B 343 -6.70 11.55 -12.74
N ASN B 344 -5.58 11.12 -12.13
CA ASN B 344 -5.43 9.72 -11.76
C ASN B 344 -6.43 9.26 -10.72
N MET B 345 -7.04 10.17 -9.96
CA MET B 345 -7.95 9.64 -8.95
C MET B 345 -9.35 9.35 -9.50
N GLY B 346 -9.65 9.67 -10.76
CA GLY B 346 -10.89 9.20 -11.36
C GLY B 346 -11.36 10.05 -12.51
N LYS B 347 -12.27 9.48 -13.31
CA LYS B 347 -12.76 10.18 -14.50
C LYS B 347 -13.56 11.43 -14.16
N GLU B 348 -14.03 11.58 -12.94
CA GLU B 348 -14.73 12.80 -12.55
C GLU B 348 -13.79 13.91 -12.11
N TYR B 349 -12.48 13.66 -12.08
CA TYR B 349 -11.48 14.66 -11.65
C TYR B 349 -10.80 15.26 -12.88
N LEU B 350 -10.95 16.56 -13.07
CA LEU B 350 -10.41 17.25 -14.23
C LEU B 350 -9.31 18.22 -13.77
N GLY B 351 -8.14 18.09 -14.38
CA GLY B 351 -7.10 19.08 -14.17
C GLY B 351 -7.17 20.12 -15.27
N ALA B 352 -6.83 21.37 -14.91
CA ALA B 352 -6.84 22.46 -15.88
C ALA B 352 -5.82 23.49 -15.44
N PHE B 353 -5.25 24.21 -16.41
CA PHE B 353 -4.30 25.28 -16.12
C PHE B 353 -4.64 26.46 -17.01
N THR B 354 -4.84 27.65 -16.43
CA THR B 354 -5.30 28.78 -17.23
C THR B 354 -4.50 30.03 -16.89
N VAL B 355 -4.40 30.94 -17.87
CA VAL B 355 -3.62 32.16 -17.74
C VAL B 355 -4.50 33.30 -18.25
N GLY B 356 -4.50 34.43 -17.53
CA GLY B 356 -5.29 35.58 -17.94
C GLY B 356 -4.60 36.87 -17.58
N ASP B 357 -4.87 37.92 -18.36
CA ASP B 357 -4.29 39.22 -18.04
C ASP B 357 -5.05 39.89 -16.89
N GLN B 358 -4.33 40.24 -15.81
CA GLN B 358 -4.99 40.77 -14.63
C GLN B 358 -5.57 42.17 -14.85
N LEU B 359 -4.96 42.98 -15.72
CA LEU B 359 -5.46 44.36 -15.84
C LEU B 359 -6.64 44.45 -16.79
N LEU B 360 -6.83 43.46 -17.66
CA LEU B 360 -7.91 43.53 -18.62
C LEU B 360 -9.14 42.79 -18.09
N TRP B 361 -9.29 41.47 -18.36
CA TRP B 361 -10.45 40.77 -17.79
C TRP B 361 -10.41 40.78 -16.28
N GLY B 362 -9.23 40.91 -15.69
CA GLY B 362 -9.18 40.93 -14.25
C GLY B 362 -9.42 42.29 -13.60
N ALA B 363 -9.63 43.36 -14.39
CA ALA B 363 -9.84 44.67 -13.79
C ALA B 363 -10.67 45.59 -14.70
N ALA B 364 -10.07 46.15 -15.75
CA ALA B 364 -10.73 47.23 -16.49
C ALA B 364 -11.82 46.73 -17.42
N GLU B 365 -11.63 45.58 -18.06
CA GLU B 365 -12.51 45.24 -19.17
C GLU B 365 -13.96 45.01 -18.75
N PRO B 366 -14.25 44.32 -17.65
CA PRO B 366 -15.66 44.19 -17.24
C PRO B 366 -16.33 45.52 -16.97
N LEU B 367 -15.55 46.54 -16.55
CA LEU B 367 -16.15 47.83 -16.22
C LEU B 367 -16.54 48.60 -17.48
N ARG B 368 -15.66 48.64 -18.48
CA ARG B 368 -16.06 49.35 -19.69
C ARG B 368 -17.19 48.60 -20.41
N ARG B 369 -17.18 47.27 -20.35
CA ARG B 369 -18.27 46.54 -21.00
C ARG B 369 -19.58 46.75 -20.25
N MET B 370 -19.52 46.88 -18.91
CA MET B 370 -20.71 47.22 -18.15
C MET B 370 -21.23 48.60 -18.51
N LEU B 371 -20.33 49.56 -18.70
CA LEU B 371 -20.76 50.89 -19.12
C LEU B 371 -21.49 50.81 -20.47
N ARG B 372 -20.99 50.00 -21.40
CA ARG B 372 -21.67 49.86 -22.68
C ARG B 372 -23.04 49.21 -22.52
N ILE B 373 -23.13 48.22 -21.65
CA ILE B 373 -24.42 47.58 -21.37
C ILE B 373 -25.41 48.60 -20.84
N LEU B 374 -24.95 49.45 -19.92
CA LEU B 374 -25.81 50.48 -19.35
C LEU B 374 -26.21 51.52 -20.38
N VAL B 375 -25.28 51.93 -21.24
CA VAL B 375 -25.60 52.91 -22.28
C VAL B 375 -26.68 52.35 -23.20
N GLU B 376 -26.48 51.13 -23.68
CA GLU B 376 -27.47 50.48 -24.53
C GLU B 376 -28.80 50.31 -23.81
N TYR B 377 -28.76 49.99 -22.52
CA TYR B 377 -29.99 49.76 -21.78
C TYR B 377 -30.79 51.05 -21.62
N LYS B 378 -30.11 52.16 -21.32
CA LYS B 378 -30.78 53.43 -21.08
C LYS B 378 -31.26 54.10 -22.37
N SER B 379 -30.77 53.68 -23.53
CA SER B 379 -31.37 54.06 -24.80
C SER B 379 -32.43 53.05 -25.24
N SER B 380 -33.03 52.36 -24.28
CA SER B 380 -33.92 51.19 -24.43
C SER B 380 -33.12 49.90 -24.65
N HIS C 8 -26.59 -10.75 -27.78
CA HIS C 8 -26.03 -11.73 -26.85
C HIS C 8 -24.77 -12.33 -27.42
N MET C 9 -23.75 -12.46 -26.58
CA MET C 9 -22.51 -13.08 -27.03
C MET C 9 -22.70 -14.59 -27.18
N LYS C 10 -22.05 -15.14 -28.21
CA LYS C 10 -21.92 -16.59 -28.36
C LYS C 10 -20.86 -17.07 -27.39
N VAL C 11 -21.27 -17.90 -26.44
CA VAL C 11 -20.39 -18.38 -25.37
C VAL C 11 -20.16 -19.88 -25.55
N GLY C 12 -18.90 -20.26 -25.75
CA GLY C 12 -18.58 -21.67 -25.83
C GLY C 12 -18.17 -22.21 -24.47
N LEU C 13 -18.85 -23.28 -24.02
CA LEU C 13 -18.57 -23.90 -22.74
CA LEU C 13 -18.58 -23.91 -22.74
C LEU C 13 -17.79 -25.19 -22.97
N VAL C 14 -16.61 -25.28 -22.35
CA VAL C 14 -15.70 -26.41 -22.52
C VAL C 14 -15.43 -26.99 -21.14
N GLY C 15 -15.46 -28.31 -21.02
CA GLY C 15 -15.17 -28.90 -19.73
C GLY C 15 -16.28 -28.71 -18.72
N TRP C 16 -17.50 -28.46 -19.20
CA TRP C 16 -18.67 -28.23 -18.35
C TRP C 16 -19.13 -29.50 -17.64
N ARG C 17 -18.70 -30.68 -18.12
CA ARG C 17 -19.10 -31.94 -17.51
C ARG C 17 -18.23 -32.34 -16.32
N GLY C 18 -16.98 -31.88 -16.27
CA GLY C 18 -16.08 -32.23 -15.18
C GLY C 18 -16.53 -31.62 -13.85
N MET C 19 -15.75 -31.89 -12.80
CA MET C 19 -16.20 -31.47 -11.46
C MET C 19 -16.33 -29.94 -11.35
N VAL C 20 -15.27 -29.20 -11.67
CA VAL C 20 -15.34 -27.74 -11.59
C VAL C 20 -16.39 -27.21 -12.55
N GLY C 21 -16.45 -27.76 -13.77
CA GLY C 21 -17.45 -27.32 -14.72
C GLY C 21 -18.87 -27.60 -14.25
N SER C 22 -19.07 -28.70 -13.53
CA SER C 22 -20.42 -29.01 -13.04
C SER C 22 -20.85 -28.03 -11.95
N VAL C 23 -19.91 -27.60 -11.12
CA VAL C 23 -20.25 -26.55 -10.15
C VAL C 23 -20.56 -25.26 -10.89
N LEU C 24 -19.76 -24.93 -11.90
CA LEU C 24 -20.04 -23.74 -12.70
C LEU C 24 -21.42 -23.82 -13.34
N MET C 25 -21.80 -24.98 -13.89
CA MET C 25 -23.12 -25.03 -14.51
C MET C 25 -24.22 -24.87 -13.47
N GLN C 26 -24.07 -25.51 -12.31
CA GLN C 26 -25.07 -25.38 -11.26
C GLN C 26 -25.22 -23.93 -10.82
N ARG C 27 -24.08 -23.24 -10.65
CA ARG C 27 -24.14 -21.84 -10.21
C ARG C 27 -24.73 -20.95 -11.29
N MET C 28 -24.35 -21.18 -12.55
CA MET C 28 -24.93 -20.39 -13.65
C MET C 28 -26.44 -20.56 -13.73
N VAL C 29 -26.92 -21.80 -13.59
CA VAL C 29 -28.37 -22.01 -13.57
C VAL C 29 -29.01 -21.26 -12.41
N GLU C 30 -28.41 -21.40 -11.22
CA GLU C 30 -28.96 -20.76 -10.03
C GLU C 30 -29.07 -19.25 -10.20
N GLU C 31 -28.08 -18.64 -10.85
CA GLU C 31 -28.00 -17.19 -10.96
C GLU C 31 -28.59 -16.66 -12.25
N ASN C 32 -29.26 -17.52 -13.03
CA ASN C 32 -29.90 -17.10 -14.28
CA ASN C 32 -29.90 -17.11 -14.29
C ASN C 32 -28.89 -16.56 -15.30
N ASP C 33 -27.68 -17.10 -15.29
CA ASP C 33 -26.61 -16.61 -16.16
C ASP C 33 -26.84 -16.94 -17.63
N PHE C 34 -27.71 -17.89 -17.95
CA PHE C 34 -27.88 -18.22 -19.36
C PHE C 34 -28.84 -17.27 -20.06
N ALA C 35 -29.54 -16.42 -19.31
CA ALA C 35 -30.56 -15.57 -19.92
C ALA C 35 -29.96 -14.63 -20.96
N HIS C 36 -28.74 -14.15 -20.74
CA HIS C 36 -28.19 -13.09 -21.58
C HIS C 36 -27.00 -13.53 -22.41
N ILE C 37 -26.84 -14.84 -22.62
CA ILE C 37 -25.83 -15.35 -23.55
C ILE C 37 -26.51 -16.34 -24.49
N GLU C 38 -25.80 -16.66 -25.58
CA GLU C 38 -26.19 -17.74 -26.48
C GLU C 38 -25.19 -18.87 -26.29
N PRO C 39 -25.56 -19.96 -25.60
CA PRO C 39 -24.57 -20.96 -25.21
C PRO C 39 -24.38 -22.04 -26.27
N PHE C 40 -23.14 -22.48 -26.39
CA PHE C 40 -22.76 -23.59 -27.27
C PHE C 40 -21.89 -24.53 -26.47
N TYR C 41 -22.19 -25.82 -26.50
CA TYR C 41 -21.47 -26.76 -25.65
C TYR C 41 -20.51 -27.57 -26.49
N PHE C 42 -19.32 -27.75 -25.96
CA PHE C 42 -18.25 -28.50 -26.60
C PHE C 42 -17.96 -29.76 -25.78
N SER C 43 -17.34 -30.73 -26.45
CA SER C 43 -17.13 -32.05 -25.88
C SER C 43 -15.80 -32.59 -26.40
N THR C 44 -15.15 -33.43 -25.59
CA THR C 44 -13.95 -34.12 -26.05
C THR C 44 -14.18 -35.61 -26.28
N SER C 45 -15.29 -36.17 -25.82
CA SER C 45 -15.57 -37.60 -26.02
C SER C 45 -16.94 -37.87 -26.61
N ASN C 46 -17.76 -36.84 -26.82
CA ASN C 46 -19.16 -37.01 -27.16
C ASN C 46 -19.60 -35.98 -28.19
N ALA C 47 -18.67 -35.51 -29.02
CA ALA C 47 -19.02 -34.56 -30.07
C ALA C 47 -20.10 -35.16 -30.97
N GLY C 48 -21.04 -34.31 -31.39
CA GLY C 48 -22.20 -34.76 -32.12
C GLY C 48 -23.37 -35.17 -31.23
N GLY C 49 -23.13 -35.41 -29.94
CA GLY C 49 -24.18 -35.81 -29.04
C GLY C 49 -25.13 -34.68 -28.68
N GLU C 50 -26.14 -35.02 -27.91
CA GLU C 50 -27.13 -34.03 -27.50
C GLU C 50 -26.52 -33.08 -26.47
N ALA C 51 -26.72 -31.78 -26.67
CA ALA C 51 -26.19 -30.83 -25.70
C ALA C 51 -27.19 -30.55 -24.59
N PRO C 52 -26.72 -30.09 -23.44
CA PRO C 52 -27.64 -29.66 -22.39
C PRO C 52 -28.45 -28.45 -22.83
N SER C 53 -29.48 -28.16 -22.06
CA SER C 53 -30.29 -26.96 -22.25
C SER C 53 -30.40 -26.21 -20.94
N PHE C 54 -29.25 -26.10 -20.25
CA PHE C 54 -29.20 -25.43 -18.95
C PHE C 54 -29.84 -24.04 -19.04
N GLY C 55 -30.60 -23.68 -18.01
CA GLY C 55 -31.36 -22.43 -18.03
C GLY C 55 -32.43 -22.34 -19.09
N GLY C 56 -32.87 -23.47 -19.63
CA GLY C 56 -33.91 -23.42 -20.65
C GLY C 56 -33.47 -22.91 -22.01
N LYS C 57 -32.18 -22.74 -22.24
CA LYS C 57 -31.66 -22.33 -23.54
C LYS C 57 -31.19 -23.56 -24.30
N THR C 58 -31.82 -23.86 -25.42
CA THR C 58 -31.36 -24.98 -26.23
C THR C 58 -30.11 -24.58 -27.01
N ALA C 59 -29.27 -25.57 -27.28
CA ALA C 59 -28.01 -25.43 -27.99
C ALA C 59 -27.93 -26.49 -29.07
N PRO C 60 -27.12 -26.27 -30.12
CA PRO C 60 -26.97 -27.30 -31.16
C PRO C 60 -26.22 -28.51 -30.64
N ALA C 61 -26.08 -29.54 -31.48
CA ALA C 61 -25.34 -30.73 -31.11
C ALA C 61 -23.94 -30.36 -30.60
N LEU C 62 -23.45 -31.17 -29.67
CA LEU C 62 -22.13 -30.95 -29.07
C LEU C 62 -21.06 -30.80 -30.14
N MET C 63 -20.19 -29.82 -29.93
CA MET C 63 -19.12 -29.56 -30.87
C MET C 63 -17.80 -30.11 -30.31
N GLU C 64 -16.87 -30.35 -31.22
CA GLU C 64 -15.59 -30.94 -30.82
C GLU C 64 -14.76 -29.86 -30.14
N ALA C 65 -14.36 -30.10 -28.89
CA ALA C 65 -13.67 -29.09 -28.10
C ALA C 65 -12.31 -28.71 -28.69
N THR C 66 -11.68 -29.59 -29.46
CA THR C 66 -10.37 -29.30 -30.03
C THR C 66 -10.46 -28.83 -31.47
N ASP C 67 -11.66 -28.60 -32.00
CA ASP C 67 -11.81 -28.13 -33.37
C ASP C 67 -11.69 -26.61 -33.39
N ILE C 68 -10.55 -26.11 -33.84
CA ILE C 68 -10.27 -24.68 -33.80
C ILE C 68 -11.32 -23.90 -34.60
N THR C 69 -11.75 -24.42 -35.75
CA THR C 69 -12.70 -23.68 -36.57
C THR C 69 -14.06 -23.53 -35.87
N SER C 70 -14.46 -24.52 -35.07
CA SER C 70 -15.69 -24.38 -34.30
C SER C 70 -15.51 -23.42 -33.13
N LEU C 71 -14.37 -23.51 -32.43
CA LEU C 71 -14.13 -22.59 -31.33
C LEU C 71 -14.09 -21.15 -31.81
N LYS C 72 -13.51 -20.89 -32.99
CA LYS C 72 -13.29 -19.50 -33.35
C LYS C 72 -14.58 -18.79 -33.74
N GLN C 73 -15.68 -19.52 -33.86
CA GLN C 73 -16.98 -18.90 -34.08
C GLN C 73 -17.54 -18.27 -32.80
N MET C 74 -16.88 -18.48 -31.66
CA MET C 74 -17.40 -18.02 -30.38
C MET C 74 -16.87 -16.62 -30.05
N ASP C 75 -17.68 -15.85 -29.32
CA ASP C 75 -17.23 -14.58 -28.78
C ASP C 75 -16.42 -14.76 -27.51
N VAL C 76 -16.77 -15.79 -26.73
CA VAL C 76 -16.18 -16.10 -25.44
C VAL C 76 -16.08 -17.60 -25.36
N ILE C 77 -14.96 -18.09 -24.88
CA ILE C 77 -14.79 -19.48 -24.47
CA ILE C 77 -14.82 -19.48 -24.48
C ILE C 77 -14.58 -19.49 -22.98
N ILE C 78 -15.38 -20.27 -22.25
CA ILE C 78 -15.12 -20.46 -20.83
C ILE C 78 -14.82 -21.95 -20.64
N THR C 79 -13.61 -22.25 -20.21
CA THR C 79 -13.16 -23.64 -20.15
C THR C 79 -12.76 -24.04 -18.74
N CYS C 80 -13.30 -25.17 -18.28
CA CYS C 80 -12.82 -25.87 -17.10
C CYS C 80 -12.16 -27.19 -17.45
N GLN C 81 -11.71 -27.34 -18.69
CA GLN C 81 -11.19 -28.63 -19.14
C GLN C 81 -9.80 -28.94 -18.57
N GLY C 82 -8.96 -27.94 -18.35
CA GLY C 82 -7.70 -28.15 -17.67
C GLY C 82 -6.50 -27.73 -18.50
N GLY C 83 -5.33 -27.89 -17.89
CA GLY C 83 -4.11 -27.32 -18.47
C GLY C 83 -3.66 -28.00 -19.75
N ASP C 84 -3.75 -29.32 -19.82
CA ASP C 84 -3.36 -30.00 -21.05
C ASP C 84 -4.18 -29.52 -22.23
N TYR C 85 -5.48 -29.30 -22.01
CA TYR C 85 -6.35 -28.79 -23.07
C TYR C 85 -5.95 -27.37 -23.47
N THR C 86 -5.80 -26.48 -22.49
CA THR C 86 -5.44 -25.10 -22.81
C THR C 86 -4.09 -25.04 -23.51
N SER C 87 -3.11 -25.83 -23.06
CA SER C 87 -1.79 -25.85 -23.69
C SER C 87 -1.86 -26.23 -25.17
N GLU C 88 -2.73 -27.18 -25.50
CA GLU C 88 -2.84 -27.61 -26.90
C GLU C 88 -3.63 -26.60 -27.74
N VAL C 89 -4.77 -26.15 -27.22
CA VAL C 89 -5.75 -25.44 -28.05
C VAL C 89 -5.51 -23.94 -28.08
N PHE C 90 -5.13 -23.31 -26.95
CA PHE C 90 -5.07 -21.86 -26.91
C PHE C 90 -4.09 -21.27 -27.93
N PRO C 91 -2.84 -21.76 -28.06
CA PRO C 91 -1.96 -21.17 -29.09
C PRO C 91 -2.51 -21.31 -30.49
N LYS C 92 -3.17 -22.44 -30.80
CA LYS C 92 -3.68 -22.64 -32.15
C LYS C 92 -4.85 -21.72 -32.44
N LEU C 93 -5.77 -21.57 -31.47
CA LEU C 93 -6.90 -20.68 -31.68
C LEU C 93 -6.43 -19.24 -31.85
N LYS C 94 -5.51 -18.79 -30.99
CA LYS C 94 -5.03 -17.41 -31.10
C LYS C 94 -4.27 -17.17 -32.39
N ALA C 95 -3.62 -18.22 -32.93
CA ALA C 95 -2.87 -18.04 -34.18
C ALA C 95 -3.79 -17.76 -35.36
N THR C 96 -5.08 -18.09 -35.27
CA THR C 96 -6.02 -17.77 -36.33
C THR C 96 -6.36 -16.30 -36.41
N GLY C 97 -5.98 -15.50 -35.42
CA GLY C 97 -6.45 -14.13 -35.35
C GLY C 97 -7.73 -13.95 -34.56
N TRP C 98 -8.32 -15.03 -34.06
CA TRP C 98 -9.52 -14.97 -33.24
C TRP C 98 -9.40 -13.90 -32.17
N ASP C 99 -10.41 -13.03 -32.11
CA ASP C 99 -10.38 -11.85 -31.26
CA ASP C 99 -10.39 -11.84 -31.28
C ASP C 99 -11.28 -11.97 -30.04
N GLY C 100 -11.69 -13.19 -29.69
CA GLY C 100 -12.59 -13.37 -28.57
C GLY C 100 -11.93 -13.44 -27.20
N TYR C 101 -12.78 -13.65 -26.19
CA TYR C 101 -12.39 -13.74 -24.80
C TYR C 101 -12.20 -15.19 -24.37
N TRP C 102 -11.17 -15.44 -23.58
CA TRP C 102 -10.88 -16.76 -23.06
C TRP C 102 -10.91 -16.66 -21.54
N ILE C 103 -11.83 -17.40 -20.92
CA ILE C 103 -11.99 -17.47 -19.46
C ILE C 103 -11.66 -18.90 -19.05
N ASP C 104 -10.67 -19.05 -18.16
CA ASP C 104 -10.06 -20.36 -17.94
C ASP C 104 -9.91 -20.63 -16.45
N ALA C 105 -10.32 -21.82 -16.03
CA ALA C 105 -10.00 -22.27 -14.67
C ALA C 105 -8.54 -22.68 -14.53
N ALA C 106 -7.86 -23.07 -15.60
CA ALA C 106 -6.57 -23.72 -15.51
C ALA C 106 -5.45 -22.70 -15.24
N SER C 107 -4.36 -23.20 -14.64
CA SER C 107 -3.21 -22.35 -14.30
C SER C 107 -2.37 -21.92 -15.50
N THR C 108 -2.52 -22.59 -16.65
CA THR C 108 -1.60 -22.48 -17.78
C THR C 108 -1.25 -21.03 -18.13
N LEU C 109 -2.25 -20.19 -18.28
CA LEU C 109 -2.07 -18.82 -18.74
C LEU C 109 -1.92 -17.80 -17.62
N ARG C 110 -1.97 -18.20 -16.34
CA ARG C 110 -2.07 -17.23 -15.24
C ARG C 110 -0.97 -16.17 -15.29
N MET C 111 0.27 -16.59 -15.48
CA MET C 111 1.42 -15.70 -15.38
C MET C 111 1.88 -15.17 -16.74
N THR C 112 1.10 -15.37 -17.79
CA THR C 112 1.42 -14.77 -19.08
C THR C 112 1.12 -13.27 -19.03
N ASP C 113 1.83 -12.52 -19.87
CA ASP C 113 1.73 -11.06 -19.78
C ASP C 113 0.33 -10.57 -20.16
N ASP C 114 -0.36 -11.30 -21.03
CA ASP C 114 -1.61 -10.83 -21.59
C ASP C 114 -2.83 -11.27 -20.79
N ALA C 115 -2.65 -11.95 -19.66
CA ALA C 115 -3.76 -12.50 -18.89
C ALA C 115 -3.90 -11.77 -17.56
N ILE C 116 -5.14 -11.71 -17.10
CA ILE C 116 -5.48 -11.19 -15.77
C ILE C 116 -6.04 -12.34 -14.93
N ILE C 117 -5.59 -12.44 -13.69
CA ILE C 117 -6.16 -13.39 -12.74
C ILE C 117 -7.36 -12.73 -12.06
N VAL C 118 -8.53 -13.37 -12.14
CA VAL C 118 -9.78 -12.73 -11.73
C VAL C 118 -10.19 -13.15 -10.32
N LEU C 119 -10.55 -12.18 -9.51
CA LEU C 119 -11.22 -12.43 -8.22
C LEU C 119 -11.98 -11.16 -7.89
N ASP C 120 -13.08 -10.92 -8.60
CA ASP C 120 -13.59 -9.55 -8.68
C ASP C 120 -14.02 -8.93 -7.34
N PRO C 121 -14.44 -9.66 -6.30
CA PRO C 121 -14.70 -8.96 -5.02
C PRO C 121 -13.46 -8.31 -4.46
N VAL C 122 -12.29 -8.71 -4.93
CA VAL C 122 -11.01 -8.14 -4.54
C VAL C 122 -10.46 -7.22 -5.61
N ASN C 123 -10.45 -7.65 -6.88
CA ASN C 123 -9.74 -6.90 -7.92
C ASN C 123 -10.62 -6.49 -9.11
N LEU C 124 -11.89 -6.13 -8.85
CA LEU C 124 -12.73 -5.60 -9.92
C LEU C 124 -12.04 -4.49 -10.71
N ASN C 125 -11.30 -3.61 -10.01
CA ASN C 125 -10.59 -2.52 -10.67
CA ASN C 125 -10.67 -2.52 -10.75
C ASN C 125 -9.56 -3.02 -11.66
N VAL C 126 -8.82 -4.07 -11.27
CA VAL C 126 -7.84 -4.66 -12.17
C VAL C 126 -8.53 -5.20 -13.42
N ILE C 127 -9.67 -5.89 -13.22
CA ILE C 127 -10.42 -6.47 -14.34
C ILE C 127 -10.93 -5.38 -15.27
N LYS C 128 -11.61 -4.37 -14.71
CA LYS C 128 -12.17 -3.33 -15.56
CA LYS C 128 -12.17 -3.32 -15.55
C LYS C 128 -11.08 -2.57 -16.31
N ASP C 129 -9.95 -2.28 -15.64
CA ASP C 129 -8.82 -1.65 -16.34
C ASP C 129 -8.36 -2.50 -17.52
N GLY C 130 -8.24 -3.82 -17.31
CA GLY C 130 -7.79 -4.68 -18.38
C GLY C 130 -8.77 -4.74 -19.54
N LEU C 131 -10.07 -4.84 -19.22
CA LEU C 131 -11.10 -4.87 -20.26
C LEU C 131 -10.99 -3.63 -21.15
N ALA C 132 -10.77 -2.46 -20.53
CA ALA C 132 -10.66 -1.23 -21.31
C ALA C 132 -9.38 -1.21 -22.13
N LYS C 133 -8.28 -1.75 -21.59
CA LYS C 133 -7.01 -1.74 -22.29
C LYS C 133 -6.94 -2.76 -23.42
N GLY C 134 -7.91 -3.67 -23.52
CA GLY C 134 -7.91 -4.67 -24.57
C GLY C 134 -7.57 -6.08 -24.13
N THR C 135 -7.41 -6.34 -22.84
CA THR C 135 -7.10 -7.69 -22.39
C THR C 135 -8.25 -8.64 -22.74
N LYS C 136 -7.88 -9.83 -23.23
CA LYS C 136 -8.84 -10.82 -23.72
C LYS C 136 -8.80 -12.13 -22.95
N THR C 137 -7.86 -12.30 -22.03
CA THR C 137 -7.66 -13.59 -21.37
C THR C 137 -7.73 -13.38 -19.88
N PHE C 138 -8.60 -14.16 -19.23
CA PHE C 138 -8.96 -13.99 -17.83
C PHE C 138 -8.96 -15.38 -17.22
N VAL C 139 -8.20 -15.55 -16.14
CA VAL C 139 -7.97 -16.88 -15.60
CA VAL C 139 -7.94 -16.87 -15.59
C VAL C 139 -8.26 -16.87 -14.10
N GLY C 140 -8.83 -17.97 -13.62
CA GLY C 140 -9.04 -18.11 -12.18
C GLY C 140 -7.72 -18.30 -11.46
N GLY C 141 -7.67 -17.85 -10.23
CA GLY C 141 -6.44 -18.00 -9.49
C GLY C 141 -6.39 -19.34 -8.80
N ASN C 142 -5.21 -19.65 -8.28
CA ASN C 142 -5.09 -20.86 -7.48
C ASN C 142 -6.05 -20.80 -6.32
N CYS C 143 -6.58 -21.98 -5.96
CA CYS C 143 -7.65 -22.02 -4.97
C CYS C 143 -7.20 -21.41 -3.65
N THR C 144 -5.97 -21.69 -3.20
CA THR C 144 -5.55 -21.22 -1.87
CA THR C 144 -5.58 -21.22 -1.87
C THR C 144 -5.46 -19.70 -1.82
N VAL C 145 -4.79 -19.09 -2.80
CA VAL C 145 -4.65 -17.63 -2.80
C VAL C 145 -6.02 -16.95 -2.85
N SER C 146 -6.90 -17.41 -3.73
CA SER C 146 -8.20 -16.75 -3.89
C SER C 146 -9.00 -16.82 -2.60
N LEU C 147 -8.97 -17.97 -1.93
CA LEU C 147 -9.68 -18.13 -0.67
C LEU C 147 -9.09 -17.25 0.42
N MET C 148 -7.76 -17.14 0.47
CA MET C 148 -7.12 -16.27 1.44
C MET C 148 -7.50 -14.81 1.19
N LEU C 149 -7.50 -14.39 -0.08
CA LEU C 149 -7.78 -12.99 -0.38
C LEU C 149 -9.26 -12.65 -0.16
N MET C 150 -10.17 -13.60 -0.39
CA MET C 150 -11.57 -13.34 -0.08
C MET C 150 -11.75 -13.04 1.40
N GLY C 151 -10.89 -13.61 2.23
CA GLY C 151 -10.98 -13.44 3.66
C GLY C 151 -10.21 -12.24 4.19
N VAL C 152 -8.93 -12.12 3.86
CA VAL C 152 -8.09 -11.08 4.46
C VAL C 152 -7.51 -10.14 3.41
N GLY C 153 -8.07 -10.15 2.20
CA GLY C 153 -7.62 -9.23 1.17
C GLY C 153 -7.64 -7.77 1.56
N ALA C 154 -8.58 -7.36 2.44
CA ALA C 154 -8.64 -5.95 2.81
C ALA C 154 -7.34 -5.47 3.43
N LEU C 155 -6.64 -6.35 4.16
CA LEU C 155 -5.39 -5.92 4.79
C LEU C 155 -4.34 -5.56 3.74
N PHE C 156 -4.30 -6.33 2.65
CA PHE C 156 -3.39 -6.00 1.54
C PHE C 156 -3.83 -4.72 0.83
N GLN C 157 -5.13 -4.59 0.57
CA GLN C 157 -5.63 -3.43 -0.14
C GLN C 157 -5.43 -2.14 0.64
N ASN C 158 -5.31 -2.22 1.95
CA ASN C 158 -5.05 -1.05 2.79
C ASN C 158 -3.56 -0.85 3.07
N ASN C 159 -2.68 -1.53 2.32
CA ASN C 159 -1.22 -1.36 2.42
C ASN C 159 -0.69 -1.69 3.81
N LEU C 160 -1.33 -2.64 4.49
CA LEU C 160 -0.91 -2.97 5.85
C LEU C 160 0.03 -4.15 5.93
N VAL C 161 0.14 -4.99 4.91
CA VAL C 161 0.83 -6.26 5.05
C VAL C 161 2.30 -6.11 4.62
N GLU C 162 3.20 -6.43 5.55
CA GLU C 162 4.63 -6.50 5.26
C GLU C 162 5.00 -7.84 4.63
N TRP C 163 4.54 -8.94 5.23
CA TRP C 163 4.73 -10.27 4.66
C TRP C 163 3.74 -11.19 5.33
N MET C 164 3.59 -12.40 4.79
CA MET C 164 2.66 -13.36 5.36
C MET C 164 3.19 -14.77 5.17
N THR C 165 3.12 -15.60 6.20
CA THR C 165 3.24 -17.04 5.97
C THR C 165 1.89 -17.72 6.15
N ALA C 166 1.66 -18.74 5.33
CA ALA C 166 0.37 -19.44 5.27
C ALA C 166 0.66 -20.94 5.36
N MET C 167 0.17 -21.57 6.43
CA MET C 167 0.28 -23.02 6.63
C MET C 167 -1.10 -23.58 6.35
N THR C 168 -1.21 -24.40 5.30
CA THR C 168 -2.54 -24.73 4.79
C THR C 168 -2.96 -26.14 5.18
N TYR C 169 -4.28 -26.34 5.08
CA TYR C 169 -4.97 -27.59 5.43
C TYR C 169 -5.89 -27.81 4.24
N GLN C 170 -5.39 -28.46 3.19
CA GLN C 170 -6.09 -28.44 1.92
C GLN C 170 -6.86 -29.73 1.70
N ALA C 171 -8.05 -29.58 1.15
CA ALA C 171 -8.97 -30.67 0.91
C ALA C 171 -8.64 -31.43 -0.37
N ALA C 172 -9.26 -32.61 -0.48
CA ALA C 172 -9.02 -33.49 -1.62
C ALA C 172 -9.56 -32.95 -2.95
N SER C 173 -10.60 -32.10 -2.91
CA SER C 173 -11.20 -31.62 -4.16
C SER C 173 -10.20 -30.85 -5.01
N GLY C 174 -9.22 -30.21 -4.38
CA GLY C 174 -8.18 -29.54 -5.14
C GLY C 174 -7.40 -30.48 -6.04
N ALA C 175 -7.32 -31.76 -5.67
CA ALA C 175 -6.65 -32.74 -6.51
C ALA C 175 -7.58 -33.39 -7.52
N GLY C 176 -8.86 -33.54 -7.19
CA GLY C 176 -9.80 -33.99 -8.20
C GLY C 176 -10.88 -34.89 -7.62
N ALA C 177 -11.90 -35.20 -8.42
CA ALA C 177 -13.01 -36.02 -7.92
C ALA C 177 -12.53 -37.42 -7.54
N GLN C 178 -11.61 -38.01 -8.32
CA GLN C 178 -11.15 -39.35 -7.94
C GLN C 178 -10.45 -39.33 -6.60
N ASN C 179 -9.73 -38.23 -6.30
CA ASN C 179 -9.07 -38.12 -5.00
C ASN C 179 -10.07 -38.03 -3.86
N MET C 180 -11.19 -37.31 -4.06
CA MET C 180 -12.21 -37.25 -3.03
C MET C 180 -12.78 -38.64 -2.76
N ARG C 181 -13.11 -39.39 -3.82
CA ARG C 181 -13.62 -40.75 -3.65
C ARG C 181 -12.59 -41.65 -2.95
N GLU C 182 -11.31 -41.47 -3.26
CA GLU C 182 -10.28 -42.28 -2.62
C GLU C 182 -10.20 -41.98 -1.13
N LEU C 183 -10.28 -40.69 -0.76
CA LEU C 183 -10.31 -40.31 0.64
C LEU C 183 -11.42 -41.03 1.38
N LEU C 184 -12.64 -40.99 0.83
CA LEU C 184 -13.78 -41.61 1.52
C LEU C 184 -13.62 -43.12 1.57
N THR C 185 -13.15 -43.73 0.48
CA THR C 185 -12.96 -45.17 0.46
C THR C 185 -11.93 -45.60 1.50
N GLY C 186 -10.90 -44.78 1.71
CA GLY C 186 -9.91 -45.08 2.73
C GLY C 186 -10.47 -44.94 4.13
N MET C 187 -11.31 -43.93 4.37
CA MET C 187 -12.01 -43.86 5.65
C MET C 187 -12.76 -45.14 5.92
N GLY C 188 -13.49 -45.63 4.92
CA GLY C 188 -14.20 -46.89 5.09
C GLY C 188 -13.26 -48.07 5.33
N TYR C 189 -12.14 -48.09 4.60
CA TYR C 189 -11.19 -49.19 4.74
C TYR C 189 -10.66 -49.26 6.17
N LEU C 190 -10.37 -48.10 6.78
CA LEU C 190 -9.85 -48.12 8.13
C LEU C 190 -10.93 -48.56 9.12
N TYR C 191 -12.14 -48.00 9.01
CA TYR C 191 -13.16 -48.36 10.00
C TYR C 191 -13.61 -49.80 9.84
N ASN C 192 -13.93 -50.20 8.60
CA ASN C 192 -14.53 -51.52 8.40
C ASN C 192 -13.57 -52.66 8.73
N ASN C 193 -12.27 -52.42 8.66
CA ASN C 193 -11.30 -53.43 9.03
C ASN C 193 -10.84 -53.33 10.48
N THR C 194 -11.42 -52.40 11.25
CA THR C 194 -11.16 -52.26 12.67
CA THR C 194 -11.17 -52.31 12.68
C THR C 194 -12.44 -52.42 13.50
N LYS C 195 -13.60 -52.50 12.86
CA LYS C 195 -14.84 -52.43 13.64
C LYS C 195 -15.08 -53.63 14.53
N THR C 196 -14.48 -54.79 14.26
CA THR C 196 -14.69 -55.90 15.22
C THR C 196 -14.05 -55.59 16.56
N LEU C 197 -12.99 -54.77 16.57
CA LEU C 197 -12.46 -54.24 17.83
C LEU C 197 -13.31 -53.10 18.37
N LEU C 198 -13.69 -52.16 17.50
CA LEU C 198 -14.41 -50.97 17.96
C LEU C 198 -15.77 -51.34 18.54
N ASP C 199 -16.35 -52.47 18.08
CA ASP C 199 -17.65 -52.89 18.59
C ASP C 199 -17.61 -53.40 20.03
N ASP C 200 -16.42 -53.67 20.59
CA ASP C 200 -16.25 -54.04 21.98
C ASP C 200 -15.81 -52.79 22.74
N PRO C 201 -16.63 -52.24 23.64
CA PRO C 201 -16.20 -50.99 24.31
C PRO C 201 -14.95 -51.17 25.14
N LYS C 202 -14.57 -52.39 25.48
CA LYS C 202 -13.41 -52.62 26.32
C LYS C 202 -12.19 -53.11 25.54
N SER C 203 -12.28 -53.15 24.21
CA SER C 203 -11.10 -53.52 23.44
C SER C 203 -9.98 -52.52 23.69
N ALA C 204 -8.75 -52.97 23.53
CA ALA C 204 -7.59 -52.17 23.88
C ALA C 204 -7.32 -51.11 22.82
N ILE C 205 -7.20 -49.83 23.25
CA ILE C 205 -6.96 -48.77 22.28
C ILE C 205 -5.64 -48.99 21.55
N LEU C 206 -4.65 -49.60 22.22
CA LEU C 206 -3.38 -49.83 21.52
C LEU C 206 -3.50 -50.92 20.46
N ASP C 207 -4.41 -51.89 20.64
CA ASP C 207 -4.68 -52.86 19.58
C ASP C 207 -5.38 -52.21 18.41
N ILE C 208 -6.37 -51.35 18.69
CA ILE C 208 -7.06 -50.61 17.65
C ILE C 208 -6.07 -49.78 16.86
N ASP C 209 -5.20 -49.06 17.58
CA ASP C 209 -4.21 -48.20 16.93
C ASP C 209 -3.22 -49.01 16.11
N ARG C 210 -2.75 -50.14 16.65
CA ARG C 210 -1.84 -51.00 15.90
C ARG C 210 -2.48 -51.44 14.58
N GLN C 211 -3.77 -51.81 14.62
CA GLN C 211 -4.46 -52.26 13.42
C GLN C 211 -4.64 -51.15 12.38
N VAL C 212 -4.98 -49.94 12.82
CA VAL C 212 -5.09 -48.81 11.88
C VAL C 212 -3.75 -48.59 11.17
N ALA C 213 -2.65 -48.57 11.92
CA ALA C 213 -1.34 -48.32 11.34
C ALA C 213 -0.97 -49.42 10.34
N GLU C 214 -1.21 -50.69 10.70
CA GLU C 214 -0.97 -51.79 9.77
CA GLU C 214 -0.97 -51.79 9.78
C GLU C 214 -1.82 -51.65 8.50
N LEU C 215 -3.09 -51.28 8.66
CA LEU C 215 -3.93 -51.07 7.48
C LEU C 215 -3.39 -49.94 6.61
N GLN C 216 -3.01 -48.82 7.23
CA GLN C 216 -2.47 -47.72 6.42
C GLN C 216 -1.19 -48.09 5.69
N ARG C 217 -0.36 -48.95 6.29
CA ARG C 217 0.93 -49.25 5.69
C ARG C 217 0.87 -50.41 4.71
N GLY C 218 -0.25 -51.13 4.68
CA GLY C 218 -0.31 -52.38 3.94
C GLY C 218 -0.68 -52.18 2.47
N GLU C 219 -0.46 -53.23 1.67
CA GLU C 219 -0.72 -53.13 0.24
C GLU C 219 -2.19 -52.89 -0.07
N GLY C 220 -3.08 -53.35 0.81
CA GLY C 220 -4.51 -53.22 0.56
C GLY C 220 -5.06 -51.82 0.70
N PHE C 221 -4.31 -50.90 1.28
CA PHE C 221 -4.84 -49.55 1.44
C PHE C 221 -4.97 -48.86 0.08
N PRO C 222 -6.11 -48.23 -0.22
CA PRO C 222 -6.29 -47.66 -1.57
C PRO C 222 -5.66 -46.28 -1.70
N SER C 223 -4.48 -46.20 -2.33
CA SER C 223 -3.79 -44.91 -2.43
C SER C 223 -3.31 -44.62 -3.85
N ALA C 224 -4.00 -45.17 -4.86
CA ALA C 224 -3.54 -44.98 -6.24
C ALA C 224 -3.49 -43.52 -6.62
N ASN C 225 -4.43 -42.71 -6.12
CA ASN C 225 -4.47 -41.33 -6.60
C ASN C 225 -3.51 -40.41 -5.86
N PHE C 226 -3.47 -40.50 -4.53
CA PHE C 226 -2.58 -39.64 -3.77
C PHE C 226 -1.16 -40.18 -3.70
N GLY C 227 -0.97 -41.47 -3.93
CA GLY C 227 0.34 -42.09 -3.86
C GLY C 227 0.68 -42.67 -2.51
N VAL C 228 0.12 -42.09 -1.44
CA VAL C 228 0.30 -42.48 -0.04
C VAL C 228 -1.06 -42.28 0.62
N PRO C 229 -1.30 -42.83 1.82
CA PRO C 229 -2.58 -42.64 2.49
C PRO C 229 -2.86 -41.18 2.80
N LEU C 230 -4.12 -40.79 2.69
CA LEU C 230 -4.59 -39.52 3.23
C LEU C 230 -5.52 -39.71 4.41
N ALA C 231 -6.48 -40.64 4.31
CA ALA C 231 -7.33 -40.95 5.46
C ALA C 231 -6.47 -41.28 6.68
N GLY C 232 -6.75 -40.57 7.78
CA GLY C 232 -5.96 -40.77 8.97
C GLY C 232 -4.55 -40.22 8.90
N SER C 233 -4.27 -39.31 7.96
CA SER C 233 -2.91 -38.84 7.78
C SER C 233 -2.93 -37.41 7.25
N LEU C 234 -1.77 -36.95 6.79
CA LEU C 234 -1.67 -35.73 6.01
C LEU C 234 -0.53 -35.90 5.03
N ILE C 235 -0.42 -34.98 4.08
CA ILE C 235 0.63 -35.07 3.06
C ILE C 235 1.24 -33.68 2.90
N PRO C 236 2.46 -33.46 3.39
CA PRO C 236 3.00 -32.10 3.42
C PRO C 236 3.69 -31.73 2.12
N TYR C 237 3.07 -32.06 0.98
CA TYR C 237 3.63 -31.73 -0.32
C TYR C 237 2.50 -31.76 -1.33
N ILE C 238 2.28 -30.65 -2.03
CA ILE C 238 1.20 -30.54 -3.01
C ILE C 238 1.81 -30.01 -4.32
N ASP C 239 1.62 -30.75 -5.41
CA ASP C 239 2.02 -30.32 -6.76
C ASP C 239 3.54 -30.46 -6.94
N LYS C 240 4.07 -29.91 -8.03
CA LYS C 240 5.42 -30.23 -8.47
C LYS C 240 6.50 -29.65 -7.55
N GLN C 241 7.61 -30.35 -7.49
CA GLN C 241 8.82 -29.92 -6.78
C GLN C 241 9.60 -28.92 -7.62
N LEU C 242 9.89 -27.74 -7.07
CA LEU C 242 10.70 -26.74 -7.73
C LEU C 242 12.14 -26.83 -7.24
N GLU C 243 13.05 -26.28 -8.03
CA GLU C 243 14.48 -26.36 -7.73
C GLU C 243 14.79 -25.78 -6.35
N SER C 244 14.01 -24.78 -5.92
CA SER C 244 14.27 -24.09 -4.66
C SER C 244 13.89 -24.90 -3.43
N GLY C 245 13.17 -26.03 -3.59
CA GLY C 245 12.58 -26.76 -2.49
C GLY C 245 11.12 -26.42 -2.24
N GLN C 246 10.65 -25.28 -2.70
CA GLN C 246 9.24 -24.95 -2.63
C GLN C 246 8.44 -25.89 -3.53
N SER C 247 7.23 -26.24 -3.11
CA SER C 247 6.35 -26.89 -4.07
C SER C 247 5.72 -25.84 -4.97
N LYS C 248 5.21 -26.29 -6.12
CA LYS C 248 4.54 -25.34 -7.00
C LYS C 248 3.32 -24.72 -6.34
N GLU C 249 2.63 -25.48 -5.48
CA GLU C 249 1.47 -24.92 -4.77
C GLU C 249 1.91 -23.76 -3.88
N GLU C 250 3.02 -23.93 -3.17
CA GLU C 250 3.54 -22.87 -2.31
C GLU C 250 4.01 -21.67 -3.12
N TRP C 251 4.66 -21.92 -4.26
CA TRP C 251 5.15 -20.86 -5.12
C TRP C 251 4.00 -19.99 -5.64
N LYS C 252 2.83 -20.59 -5.89
CA LYS C 252 1.68 -19.82 -6.35
C LYS C 252 1.30 -18.73 -5.36
N GLY C 253 1.57 -18.95 -4.07
CA GLY C 253 1.18 -18.00 -3.05
C GLY C 253 1.64 -16.59 -3.36
N GLN C 254 2.93 -16.43 -3.61
CA GLN C 254 3.44 -15.07 -3.80
C GLN C 254 3.11 -14.53 -5.19
N VAL C 255 3.29 -15.33 -6.24
CA VAL C 255 3.09 -14.79 -7.59
C VAL C 255 1.62 -14.44 -7.82
N GLU C 256 0.70 -15.28 -7.36
CA GLU C 256 -0.70 -15.05 -7.69
C GLU C 256 -1.32 -13.98 -6.81
N THR C 257 -0.94 -13.93 -5.53
CA THR C 257 -1.45 -12.89 -4.66
C THR C 257 -1.11 -11.52 -5.21
N ASN C 258 0.15 -11.32 -5.58
CA ASN C 258 0.55 -10.00 -6.04
C ASN C 258 -0.03 -9.69 -7.42
N LYS C 259 -0.20 -10.69 -8.28
CA LYS C 259 -0.77 -10.40 -9.58
C LYS C 259 -2.28 -10.11 -9.48
N ILE C 260 -3.00 -10.83 -8.62
CA ILE C 260 -4.43 -10.56 -8.45
C ILE C 260 -4.65 -9.13 -7.99
N LEU C 261 -3.85 -8.71 -7.00
CA LEU C 261 -3.96 -7.36 -6.48
C LEU C 261 -3.46 -6.32 -7.45
N GLY C 262 -2.77 -6.72 -8.52
CA GLY C 262 -2.10 -5.77 -9.36
C GLY C 262 -0.99 -5.04 -8.64
N ASN C 263 -0.40 -5.65 -7.62
CA ASN C 263 0.60 -4.97 -6.80
C ASN C 263 1.80 -4.57 -7.64
N SER C 264 2.31 -3.37 -7.39
CA SER C 264 3.58 -2.97 -7.99
C SER C 264 4.75 -3.56 -7.21
N GLN C 265 4.75 -3.38 -5.90
CA GLN C 265 5.81 -3.90 -5.04
C GLN C 265 5.39 -5.27 -4.51
N ILE C 266 6.32 -6.22 -4.54
CA ILE C 266 5.97 -7.60 -4.20
C ILE C 266 5.88 -7.74 -2.68
N VAL C 267 4.75 -8.21 -2.20
CA VAL C 267 4.59 -8.56 -0.79
C VAL C 267 5.01 -10.01 -0.63
N PRO C 268 6.02 -10.32 0.19
CA PRO C 268 6.45 -11.73 0.31
C PRO C 268 5.38 -12.58 0.95
N ILE C 269 5.14 -13.73 0.35
CA ILE C 269 4.18 -14.75 0.80
CA ILE C 269 4.21 -14.74 0.86
C ILE C 269 4.87 -16.10 0.70
N ASP C 270 4.78 -16.91 1.75
CA ASP C 270 5.42 -18.22 1.71
C ASP C 270 4.74 -19.12 2.72
N GLY C 271 5.16 -20.38 2.77
CA GLY C 271 4.60 -21.30 3.75
C GLY C 271 4.66 -22.73 3.27
N HIS C 272 3.90 -23.59 3.96
CA HIS C 272 3.80 -25.00 3.63
C HIS C 272 2.37 -25.30 3.22
N CYS C 273 2.18 -25.95 2.08
CA CYS C 273 0.86 -26.37 1.64
C CYS C 273 0.73 -27.87 1.91
N VAL C 274 -0.25 -28.23 2.75
CA VAL C 274 -0.38 -29.58 3.32
C VAL C 274 -1.78 -30.10 2.99
N ARG C 275 -1.85 -31.33 2.48
CA ARG C 275 -3.13 -31.97 2.19
C ARG C 275 -3.67 -32.66 3.44
N ILE C 276 -4.95 -32.47 3.76
CA ILE C 276 -5.57 -33.20 4.86
C ILE C 276 -6.84 -33.89 4.37
N GLY C 277 -7.42 -34.71 5.24
CA GLY C 277 -8.57 -35.51 4.84
C GLY C 277 -9.90 -34.77 4.94
N ALA C 278 -10.05 -33.71 4.18
CA ALA C 278 -11.33 -33.02 4.02
C ALA C 278 -11.75 -33.10 2.55
N MET C 279 -13.05 -32.95 2.29
CA MET C 279 -13.59 -33.14 0.95
C MET C 279 -13.35 -31.93 0.05
N ARG C 280 -13.79 -30.73 0.45
CA ARG C 280 -13.73 -29.62 -0.51
C ARG C 280 -13.52 -28.25 0.11
N CYS C 281 -13.14 -28.13 1.38
CA CYS C 281 -12.82 -26.83 1.97
C CYS C 281 -11.34 -26.79 2.31
N HIS C 282 -10.68 -25.69 1.92
CA HIS C 282 -9.32 -25.40 2.32
C HIS C 282 -9.32 -24.48 3.52
N SER C 283 -8.46 -24.76 4.48
CA SER C 283 -8.29 -23.90 5.65
C SER C 283 -6.84 -23.43 5.66
N GLN C 284 -6.60 -22.25 6.24
CA GLN C 284 -5.25 -21.68 6.23
C GLN C 284 -4.97 -20.98 7.55
N ALA C 285 -3.83 -21.32 8.15
CA ALA C 285 -3.35 -20.68 9.38
C ALA C 285 -2.31 -19.64 9.02
N LEU C 286 -2.60 -18.36 9.29
CA LEU C 286 -1.83 -17.26 8.74
C LEU C 286 -1.05 -16.56 9.84
N THR C 287 0.24 -16.30 9.59
CA THR C 287 1.04 -15.36 10.36
C THR C 287 1.21 -14.11 9.52
N ILE C 288 0.63 -13.00 9.94
CA ILE C 288 0.59 -11.80 9.12
C ILE C 288 1.38 -10.71 9.82
N LYS C 289 2.49 -10.31 9.23
CA LYS C 289 3.27 -9.18 9.75
C LYS C 289 2.71 -7.90 9.16
N LEU C 290 2.19 -7.02 10.02
CA LEU C 290 1.69 -5.73 9.61
C LEU C 290 2.80 -4.69 9.66
N LYS C 291 2.62 -3.64 8.86
CA LYS C 291 3.60 -2.55 8.83
C LYS C 291 3.45 -1.65 10.04
N LYS C 292 2.27 -1.62 10.66
CA LYS C 292 2.00 -0.77 11.80
C LYS C 292 1.16 -1.54 12.80
N ASP C 293 1.12 -1.03 14.02
CA ASP C 293 0.24 -1.57 15.05
C ASP C 293 -1.17 -1.06 14.76
N VAL C 294 -1.98 -1.88 14.11
CA VAL C 294 -3.37 -1.54 13.80
C VAL C 294 -4.26 -2.17 14.87
N PRO C 295 -5.20 -1.43 15.46
CA PRO C 295 -6.06 -2.03 16.49
C PRO C 295 -6.81 -3.22 15.93
N LEU C 296 -6.94 -4.26 16.77
CA LEU C 296 -7.62 -5.48 16.35
C LEU C 296 -9.05 -5.21 15.90
N ASP C 297 -9.77 -4.32 16.59
CA ASP C 297 -11.15 -4.11 16.16
C ASP C 297 -11.23 -3.43 14.80
N GLU C 298 -10.27 -2.57 14.47
CA GLU C 298 -10.25 -1.99 13.13
CA GLU C 298 -10.23 -1.98 13.13
C GLU C 298 -9.91 -3.04 12.08
N ILE C 299 -9.03 -4.00 12.42
CA ILE C 299 -8.74 -5.10 11.50
C ILE C 299 -10.00 -5.91 11.23
N GLU C 300 -10.76 -6.24 12.28
CA GLU C 300 -11.99 -6.99 12.09
C GLU C 300 -12.98 -6.22 11.23
N ASP C 301 -13.13 -4.91 11.46
CA ASP C 301 -14.05 -4.12 10.63
C ASP C 301 -13.61 -4.08 9.16
N MET C 302 -12.31 -3.96 8.91
CA MET C 302 -11.82 -4.03 7.54
CA MET C 302 -11.83 -4.01 7.53
C MET C 302 -12.24 -5.32 6.86
N ILE C 303 -12.14 -6.44 7.57
CA ILE C 303 -12.57 -7.70 7.00
C ILE C 303 -14.07 -7.70 6.75
N ARG C 304 -14.87 -7.28 7.75
CA ARG C 304 -16.32 -7.28 7.58
C ARG C 304 -16.76 -6.42 6.41
N ASN C 305 -16.13 -5.26 6.25
CA ASN C 305 -16.56 -4.32 5.25
C ASN C 305 -16.00 -4.64 3.88
N SER C 306 -15.12 -5.64 3.77
CA SER C 306 -14.41 -5.88 2.52
C SER C 306 -15.35 -6.41 1.45
N ASN C 307 -16.18 -7.39 1.78
CA ASN C 307 -17.10 -7.97 0.81
C ASN C 307 -18.14 -8.73 1.63
N GLN C 308 -19.22 -9.13 0.97
CA GLN C 308 -20.33 -9.67 1.73
C GLN C 308 -20.15 -11.13 2.12
N TRP C 309 -19.12 -11.79 1.61
CA TRP C 309 -18.92 -13.21 1.90
C TRP C 309 -17.96 -13.44 3.05
N ALA C 310 -16.95 -12.58 3.22
CA ALA C 310 -16.09 -12.68 4.38
C ALA C 310 -16.90 -12.46 5.65
N LYS C 311 -16.53 -13.18 6.71
CA LYS C 311 -17.25 -13.20 7.98
C LYS C 311 -16.23 -13.26 9.09
N VAL C 312 -16.34 -12.39 10.09
CA VAL C 312 -15.44 -12.47 11.24
C VAL C 312 -16.09 -13.37 12.29
N VAL C 313 -15.43 -14.48 12.62
CA VAL C 313 -15.91 -15.39 13.65
C VAL C 313 -15.29 -14.95 14.97
N PRO C 314 -16.08 -14.63 15.99
CA PRO C 314 -15.51 -14.22 17.29
C PRO C 314 -14.48 -15.21 17.79
N ASN C 315 -13.43 -14.71 18.45
CA ASN C 315 -12.32 -15.57 18.83
C ASN C 315 -12.65 -16.24 20.17
N THR C 316 -13.63 -17.13 20.11
CA THR C 316 -14.07 -17.88 21.27
C THR C 316 -14.01 -19.36 20.93
N ARG C 317 -13.93 -20.20 21.96
CA ARG C 317 -13.88 -21.63 21.71
C ARG C 317 -15.15 -22.11 21.00
N GLU C 318 -16.31 -21.68 21.48
CA GLU C 318 -17.57 -22.15 20.91
C GLU C 318 -17.73 -21.75 19.45
N ALA C 319 -17.53 -20.47 19.13
CA ALA C 319 -17.74 -20.02 17.75
C ALA C 319 -16.71 -20.63 16.81
N SER C 320 -15.46 -20.75 17.26
CA SER C 320 -14.44 -21.35 16.40
C SER C 320 -14.78 -22.80 16.06
N MET C 321 -15.30 -23.55 17.04
CA MET C 321 -15.58 -24.96 16.77
C MET C 321 -16.77 -25.15 15.85
N THR C 322 -17.74 -24.24 15.90
CA THR C 322 -18.96 -24.43 15.12
CA THR C 322 -18.99 -24.37 15.16
C THR C 322 -18.95 -23.70 13.79
N ASP C 323 -18.23 -22.57 13.69
CA ASP C 323 -18.31 -21.74 12.51
C ASP C 323 -17.03 -21.71 11.68
N LEU C 324 -15.90 -22.13 12.24
CA LEU C 324 -14.62 -21.96 11.54
C LEU C 324 -14.06 -23.30 11.10
N THR C 325 -14.88 -24.11 10.44
CA THR C 325 -14.48 -25.47 10.06
C THR C 325 -15.00 -25.79 8.67
N PRO C 326 -14.43 -26.83 8.02
CA PRO C 326 -15.01 -27.34 6.78
C PRO C 326 -16.48 -27.71 6.89
N VAL C 327 -16.91 -28.27 8.03
CA VAL C 327 -18.32 -28.63 8.16
C VAL C 327 -19.20 -27.40 8.06
N ALA C 328 -18.77 -26.28 8.66
CA ALA C 328 -19.57 -25.07 8.59
C ALA C 328 -19.63 -24.49 7.18
N VAL C 329 -18.56 -24.63 6.39
CA VAL C 329 -18.33 -23.84 5.18
C VAL C 329 -18.70 -24.63 3.92
N THR C 330 -18.63 -25.95 3.98
CA THR C 330 -18.63 -26.74 2.76
C THR C 330 -19.89 -26.51 1.92
N GLY C 331 -19.69 -26.32 0.61
CA GLY C 331 -20.76 -26.04 -0.33
C GLY C 331 -21.40 -24.67 -0.19
N THR C 332 -20.84 -23.78 0.62
CA THR C 332 -21.36 -22.41 0.74
C THR C 332 -20.33 -21.40 0.23
N LEU C 333 -20.83 -20.17 0.03
CA LEU C 333 -19.99 -19.06 -0.42
C LEU C 333 -19.38 -18.28 0.73
N THR C 334 -19.62 -18.69 1.98
CA THR C 334 -19.12 -17.95 3.13
C THR C 334 -17.63 -18.17 3.30
N VAL C 335 -16.91 -17.11 3.66
CA VAL C 335 -15.47 -17.22 3.89
C VAL C 335 -15.17 -16.71 5.29
N PRO C 336 -15.28 -17.57 6.31
CA PRO C 336 -15.03 -17.11 7.68
C PRO C 336 -13.55 -16.89 7.93
N VAL C 337 -13.25 -15.87 8.72
CA VAL C 337 -11.91 -15.58 9.24
C VAL C 337 -12.03 -15.50 10.74
N GLY C 338 -11.24 -16.28 11.46
CA GLY C 338 -11.32 -16.25 12.91
C GLY C 338 -9.97 -16.42 13.58
N ARG C 339 -9.98 -16.70 14.89
CA ARG C 339 -8.76 -16.73 15.70
C ARG C 339 -7.94 -15.45 15.55
N LEU C 340 -8.59 -14.33 15.22
CA LEU C 340 -7.87 -13.09 14.95
C LEU C 340 -7.34 -12.52 16.26
N ARG C 341 -6.01 -12.40 16.35
CA ARG C 341 -5.39 -12.05 17.62
C ARG C 341 -3.97 -11.55 17.36
N LYS C 342 -3.52 -10.58 18.16
CA LYS C 342 -2.12 -10.15 18.10
C LYS C 342 -1.25 -11.21 18.78
N LEU C 343 -0.15 -11.59 18.14
CA LEU C 343 0.67 -12.71 18.58
C LEU C 343 1.76 -12.26 19.54
N ASN C 344 2.37 -13.24 20.20
CA ASN C 344 3.29 -12.96 21.31
C ASN C 344 4.54 -12.21 20.88
N MET C 345 4.92 -12.27 19.61
CA MET C 345 6.15 -11.58 19.26
C MET C 345 5.95 -10.09 18.99
N GLY C 346 4.72 -9.59 18.99
CA GLY C 346 4.56 -8.14 18.97
C GLY C 346 3.21 -7.72 18.43
N LYS C 347 2.85 -6.47 18.72
CA LYS C 347 1.54 -5.96 18.28
C LYS C 347 1.44 -5.82 16.77
N GLU C 348 2.55 -5.89 16.04
CA GLU C 348 2.46 -5.87 14.60
C GLU C 348 2.29 -7.25 13.99
N TYR C 349 2.20 -8.30 14.80
CA TYR C 349 2.04 -9.67 14.31
C TYR C 349 0.62 -10.11 14.53
N LEU C 350 -0.08 -10.42 13.44
CA LEU C 350 -1.48 -10.81 13.50
C LEU C 350 -1.62 -12.26 13.10
N GLY C 351 -2.27 -13.05 13.95
CA GLY C 351 -2.63 -14.43 13.61
C GLY C 351 -4.06 -14.46 13.09
N ALA C 352 -4.29 -15.32 12.10
CA ALA C 352 -5.63 -15.47 11.51
C ALA C 352 -5.81 -16.91 11.06
N PHE C 353 -7.05 -17.39 11.11
CA PHE C 353 -7.37 -18.73 10.60
C PHE C 353 -8.61 -18.60 9.73
N THR C 354 -8.55 -19.12 8.50
CA THR C 354 -9.67 -18.90 7.60
C THR C 354 -9.99 -20.21 6.88
N VAL C 355 -11.25 -20.34 6.47
CA VAL C 355 -11.75 -21.54 5.80
C VAL C 355 -12.56 -21.08 4.60
N GLY C 356 -12.43 -21.76 3.47
CA GLY C 356 -13.22 -21.44 2.29
C GLY C 356 -13.48 -22.66 1.43
N ASP C 357 -14.58 -22.64 0.70
CA ASP C 357 -14.92 -23.76 -0.18
C ASP C 357 -14.08 -23.70 -1.45
N GLN C 358 -13.35 -24.79 -1.74
CA GLN C 358 -12.42 -24.81 -2.86
C GLN C 358 -13.12 -24.81 -4.22
N LEU C 359 -14.32 -25.42 -4.33
CA LEU C 359 -14.96 -25.49 -5.64
C LEU C 359 -15.68 -24.19 -6.01
N LEU C 360 -15.99 -23.34 -5.03
CA LEU C 360 -16.77 -22.15 -5.30
C LEU C 360 -15.82 -20.97 -5.47
N TRP C 361 -15.46 -20.26 -4.40
CA TRP C 361 -14.52 -19.15 -4.58
C TRP C 361 -13.15 -19.63 -5.04
N GLY C 362 -12.80 -20.87 -4.74
CA GLY C 362 -11.54 -21.43 -5.16
C GLY C 362 -11.48 -21.92 -6.58
N ALA C 363 -12.57 -21.89 -7.34
CA ALA C 363 -12.59 -22.41 -8.71
C ALA C 363 -13.70 -21.83 -9.58
N ALA C 364 -14.95 -22.27 -9.40
CA ALA C 364 -15.99 -21.91 -10.36
C ALA C 364 -16.50 -20.47 -10.20
N GLU C 365 -16.63 -19.98 -8.98
CA GLU C 365 -17.39 -18.75 -8.79
C GLU C 365 -16.71 -17.54 -9.43
N PRO C 366 -15.38 -17.38 -9.36
CA PRO C 366 -14.78 -16.23 -10.07
C PRO C 366 -15.03 -16.27 -11.56
N LEU C 367 -15.14 -17.47 -12.14
CA LEU C 367 -15.31 -17.56 -13.58
C LEU C 367 -16.70 -17.12 -14.03
N ARG C 368 -17.75 -17.56 -13.31
CA ARG C 368 -19.08 -17.09 -13.70
C ARG C 368 -19.23 -15.61 -13.44
N ARG C 369 -18.59 -15.09 -12.40
CA ARG C 369 -18.69 -13.66 -12.15
C ARG C 369 -17.95 -12.87 -13.23
N MET C 370 -16.81 -13.38 -13.69
CA MET C 370 -16.12 -12.75 -14.81
C MET C 370 -16.99 -12.76 -16.06
N LEU C 371 -17.68 -13.87 -16.32
CA LEU C 371 -18.55 -13.90 -17.50
C LEU C 371 -19.63 -12.82 -17.40
N ARG C 372 -20.20 -12.67 -16.20
CA ARG C 372 -21.19 -11.61 -15.99
C ARG C 372 -20.61 -10.23 -16.21
N ILE C 373 -19.39 -9.99 -15.69
CA ILE C 373 -18.71 -8.71 -15.91
C ILE C 373 -18.52 -8.46 -17.40
N LEU C 374 -18.13 -9.50 -18.13
CA LEU C 374 -17.93 -9.35 -19.57
C LEU C 374 -19.25 -9.05 -20.29
N VAL C 375 -20.31 -9.77 -19.93
CA VAL C 375 -21.62 -9.53 -20.55
C VAL C 375 -22.05 -8.08 -20.34
N GLU C 376 -21.84 -7.56 -19.13
CA GLU C 376 -22.22 -6.18 -18.85
C GLU C 376 -21.31 -5.20 -19.57
N TYR C 377 -20.01 -5.50 -19.62
CA TYR C 377 -19.06 -4.63 -20.32
C TYR C 377 -19.41 -4.53 -21.80
N LYS C 378 -19.75 -5.66 -22.43
CA LYS C 378 -20.07 -5.66 -23.85
C LYS C 378 -21.49 -5.21 -24.16
N SER C 379 -22.28 -4.83 -23.15
CA SER C 379 -23.62 -4.32 -23.42
C SER C 379 -23.63 -2.80 -23.27
N HIS D 7 20.53 -52.43 45.66
CA HIS D 7 19.43 -51.69 46.28
C HIS D 7 18.54 -51.03 45.22
N HIS D 8 17.24 -51.30 45.28
CA HIS D 8 16.30 -50.77 44.32
C HIS D 8 15.31 -49.84 45.03
N MET D 9 14.98 -48.73 44.39
CA MET D 9 13.98 -47.82 44.93
C MET D 9 12.58 -48.44 44.84
N LYS D 10 11.73 -48.09 45.80
CA LYS D 10 10.33 -48.47 45.73
C LYS D 10 9.61 -47.47 44.85
N VAL D 11 9.02 -47.96 43.77
CA VAL D 11 8.40 -47.12 42.75
C VAL D 11 6.90 -47.42 42.72
N GLY D 12 6.08 -46.42 43.03
CA GLY D 12 4.64 -46.57 42.92
C GLY D 12 4.15 -46.11 41.57
N LEU D 13 3.44 -47.01 40.88
CA LEU D 13 2.91 -46.71 39.55
CA LEU D 13 2.91 -46.73 39.55
C LEU D 13 1.41 -46.42 39.65
N VAL D 14 1.01 -45.24 39.19
CA VAL D 14 -0.37 -44.77 39.24
C VAL D 14 -0.84 -44.48 37.81
N GLY D 15 -2.07 -44.90 37.50
CA GLY D 15 -2.57 -44.65 36.15
C GLY D 15 -1.89 -45.47 35.07
N TRP D 16 -1.32 -46.62 35.43
CA TRP D 16 -0.64 -47.49 34.48
C TRP D 16 -1.62 -48.21 33.54
N ARG D 17 -2.91 -48.24 33.88
CA ARG D 17 -3.88 -48.96 33.06
C ARG D 17 -4.42 -48.09 31.93
N GLY D 18 -4.41 -46.76 32.08
CA GLY D 18 -4.90 -45.86 31.04
C GLY D 18 -4.03 -45.86 29.79
N MET D 19 -4.41 -45.04 28.81
CA MET D 19 -3.74 -45.09 27.52
C MET D 19 -2.27 -44.70 27.63
N VAL D 20 -1.97 -43.54 28.24
CA VAL D 20 -0.57 -43.14 28.38
C VAL D 20 0.17 -44.13 29.26
N GLY D 21 -0.44 -44.53 30.38
CA GLY D 21 0.20 -45.51 31.26
C GLY D 21 0.48 -46.84 30.56
N SER D 22 -0.42 -47.26 29.66
CA SER D 22 -0.24 -48.50 28.92
C SER D 22 0.96 -48.43 28.00
N VAL D 23 1.14 -47.30 27.33
CA VAL D 23 2.33 -47.10 26.53
C VAL D 23 3.56 -47.08 27.44
N LEU D 24 3.44 -46.44 28.60
CA LEU D 24 4.56 -46.44 29.54
C LEU D 24 4.92 -47.86 29.97
N MET D 25 3.91 -48.68 30.29
CA MET D 25 4.21 -50.03 30.75
C MET D 25 4.87 -50.84 29.63
N GLN D 26 4.37 -50.71 28.40
CA GLN D 26 4.96 -51.45 27.29
C GLN D 26 6.41 -51.03 27.06
N ARG D 27 6.68 -49.72 27.11
CA ARG D 27 8.05 -49.25 26.91
C ARG D 27 8.95 -49.70 28.04
N MET D 28 8.47 -49.63 29.28
CA MET D 28 9.28 -50.08 30.41
C MET D 28 9.63 -51.56 30.29
N VAL D 29 8.67 -52.37 29.85
CA VAL D 29 8.96 -53.80 29.64
C VAL D 29 9.97 -53.96 28.52
N GLU D 30 9.79 -53.24 27.40
CA GLU D 30 10.74 -53.34 26.29
C GLU D 30 12.16 -52.98 26.71
N GLU D 31 12.32 -51.99 27.58
CA GLU D 31 13.62 -51.46 27.93
C GLU D 31 14.17 -52.04 29.22
N ASN D 32 13.51 -53.07 29.77
CA ASN D 32 13.96 -53.77 30.96
C ASN D 32 14.04 -52.85 32.17
N ASP D 33 13.09 -51.90 32.24
CA ASP D 33 13.11 -50.88 33.27
C ASP D 33 12.73 -51.44 34.63
N PHE D 34 12.07 -52.60 34.68
CA PHE D 34 11.68 -53.13 35.97
C PHE D 34 12.83 -53.84 36.67
N ALA D 35 13.91 -54.17 35.94
CA ALA D 35 15.04 -54.85 36.57
C ALA D 35 15.70 -54.00 37.63
N HIS D 36 15.48 -52.69 37.59
CA HIS D 36 16.21 -51.73 38.41
C HIS D 36 15.39 -51.18 39.57
N ILE D 37 14.12 -51.53 39.69
CA ILE D 37 13.23 -50.95 40.69
C ILE D 37 12.43 -52.05 41.39
N GLU D 38 11.76 -51.65 42.48
CA GLU D 38 10.80 -52.52 43.16
C GLU D 38 9.41 -51.94 42.91
N PRO D 39 8.62 -52.51 41.98
CA PRO D 39 7.35 -51.87 41.58
C PRO D 39 6.20 -52.19 42.53
N PHE D 40 5.36 -51.17 42.74
CA PHE D 40 4.12 -51.29 43.48
C PHE D 40 3.03 -50.65 42.64
N TYR D 41 1.91 -51.35 42.44
CA TYR D 41 0.86 -50.84 41.56
C TYR D 41 -0.32 -50.31 42.39
N PHE D 42 -0.81 -49.15 41.98
CA PHE D 42 -1.93 -48.46 42.61
C PHE D 42 -3.12 -48.43 41.66
N SER D 43 -4.30 -48.25 42.25
CA SER D 43 -5.55 -48.37 41.50
C SER D 43 -6.55 -47.37 42.06
N THR D 44 -7.39 -46.83 41.18
CA THR D 44 -8.49 -45.98 41.63
C THR D 44 -9.84 -46.69 41.66
N SER D 45 -9.98 -47.83 40.97
CA SER D 45 -11.24 -48.57 40.97
C SER D 45 -11.11 -50.04 41.30
N ASN D 46 -9.89 -50.55 41.54
CA ASN D 46 -9.66 -51.98 41.70
C ASN D 46 -8.70 -52.25 42.87
N ALA D 47 -8.62 -51.34 43.84
CA ALA D 47 -7.77 -51.55 45.02
C ALA D 47 -8.06 -52.90 45.66
N GLY D 48 -6.99 -53.62 46.01
CA GLY D 48 -7.11 -54.98 46.51
C GLY D 48 -7.09 -56.05 45.45
N GLY D 49 -7.18 -55.68 44.17
CA GLY D 49 -7.14 -56.65 43.11
C GLY D 49 -5.73 -57.16 42.83
N GLU D 50 -5.65 -58.16 41.97
CA GLU D 50 -4.35 -58.69 41.56
C GLU D 50 -3.56 -57.64 40.79
N ALA D 51 -2.31 -57.43 41.20
CA ALA D 51 -1.46 -56.49 40.49
C ALA D 51 -0.78 -57.17 39.30
N PRO D 52 -0.35 -56.39 38.31
CA PRO D 52 0.46 -56.96 37.23
CA PRO D 52 0.47 -56.95 37.23
C PRO D 52 1.83 -57.38 37.75
N SER D 53 2.54 -58.14 36.91
CA SER D 53 3.90 -58.56 37.19
C SER D 53 4.80 -58.24 36.00
N PHE D 54 4.61 -57.03 35.45
CA PHE D 54 5.41 -56.56 34.32
C PHE D 54 6.90 -56.73 34.60
N GLY D 55 7.63 -57.15 33.57
CA GLY D 55 9.04 -57.42 33.79
C GLY D 55 9.33 -58.64 34.64
N GLY D 56 8.34 -59.47 34.90
CA GLY D 56 8.56 -60.60 35.78
C GLY D 56 8.67 -60.27 37.25
N LYS D 57 8.40 -59.03 37.65
CA LYS D 57 8.49 -58.63 39.06
C LYS D 57 7.10 -58.69 39.69
N THR D 58 6.91 -59.57 40.66
CA THR D 58 5.64 -59.63 41.35
CA THR D 58 5.65 -59.65 41.38
C THR D 58 5.49 -58.45 42.31
N ALA D 59 4.25 -58.06 42.57
CA ALA D 59 3.91 -56.93 43.42
C ALA D 59 2.76 -57.32 44.32
N PRO D 60 2.60 -56.65 45.47
CA PRO D 60 1.44 -56.95 46.33
C PRO D 60 0.13 -56.56 45.66
N ALA D 61 -0.99 -56.88 46.30
CA ALA D 61 -2.30 -56.51 45.75
C ALA D 61 -2.37 -55.01 45.54
N LEU D 62 -3.18 -54.61 44.55
CA LEU D 62 -3.25 -53.20 44.17
C LEU D 62 -3.58 -52.33 45.37
N MET D 63 -2.87 -51.22 45.49
CA MET D 63 -3.14 -50.28 46.58
C MET D 63 -4.02 -49.15 46.07
N GLU D 64 -4.65 -48.45 47.01
CA GLU D 64 -5.54 -47.35 46.63
C GLU D 64 -4.71 -46.11 46.26
N ALA D 65 -4.90 -45.61 45.04
CA ALA D 65 -4.08 -44.52 44.52
C ALA D 65 -4.28 -43.21 45.28
N THR D 66 -5.41 -43.03 45.94
CA THR D 66 -5.64 -41.82 46.70
C THR D 66 -5.28 -41.97 48.17
N ASP D 67 -4.79 -43.14 48.58
CA ASP D 67 -4.50 -43.41 49.99
C ASP D 67 -3.11 -42.88 50.30
N ILE D 68 -3.06 -41.74 50.99
CA ILE D 68 -1.79 -41.06 51.22
C ILE D 68 -0.85 -41.93 52.05
N THR D 69 -1.39 -42.74 52.97
CA THR D 69 -0.55 -43.60 53.78
C THR D 69 0.21 -44.61 52.92
N SER D 70 -0.42 -45.08 51.85
CA SER D 70 0.22 -46.06 50.97
C SER D 70 1.25 -45.41 50.06
N LEU D 71 0.92 -44.23 49.51
CA LEU D 71 1.84 -43.51 48.65
C LEU D 71 3.11 -43.10 49.40
N LYS D 72 2.98 -42.68 50.67
CA LYS D 72 4.14 -42.20 51.41
C LYS D 72 5.17 -43.28 51.62
N GLN D 73 4.80 -44.54 51.41
CA GLN D 73 5.73 -45.66 51.52
CA GLN D 73 5.75 -45.64 51.53
C GLN D 73 6.67 -45.76 50.33
N MET D 74 6.41 -45.02 49.25
CA MET D 74 7.18 -45.10 48.02
C MET D 74 8.35 -44.11 48.03
N ASP D 75 9.42 -44.49 47.33
CA ASP D 75 10.51 -43.56 47.10
C ASP D 75 10.22 -42.67 45.90
N VAL D 76 9.50 -43.20 44.92
CA VAL D 76 9.16 -42.51 43.70
C VAL D 76 7.70 -42.83 43.40
N ILE D 77 6.94 -41.82 42.99
CA ILE D 77 5.63 -42.01 42.39
C ILE D 77 5.72 -41.59 40.93
N ILE D 78 5.28 -42.46 40.02
CA ILE D 78 5.18 -42.08 38.62
C ILE D 78 3.73 -42.27 38.19
N THR D 79 3.10 -41.17 37.80
CA THR D 79 1.65 -41.14 37.62
C THR D 79 1.29 -40.67 36.22
N CYS D 80 0.45 -41.46 35.56
CA CYS D 80 -0.19 -41.07 34.32
C CYS D 80 -1.69 -40.88 34.51
N GLN D 81 -2.13 -40.71 35.76
CA GLN D 81 -3.55 -40.71 36.06
C GLN D 81 -4.25 -39.44 35.60
N GLY D 82 -3.57 -38.30 35.68
CA GLY D 82 -4.11 -37.06 35.15
C GLY D 82 -4.16 -35.95 36.20
N GLY D 83 -4.54 -34.77 35.70
CA GLY D 83 -4.46 -33.56 36.50
C GLY D 83 -5.41 -33.53 37.68
N ASP D 84 -6.62 -34.08 37.51
CA ASP D 84 -7.56 -34.15 38.64
C ASP D 84 -6.97 -34.95 39.79
N TYR D 85 -6.31 -36.06 39.49
CA TYR D 85 -5.70 -36.88 40.53
C TYR D 85 -4.56 -36.13 41.21
N THR D 86 -3.65 -35.53 40.42
CA THR D 86 -2.51 -34.84 41.01
C THR D 86 -2.97 -33.66 41.87
N SER D 87 -3.94 -32.89 41.37
CA SER D 87 -4.43 -31.74 42.13
C SER D 87 -4.96 -32.16 43.49
N GLU D 88 -5.57 -33.34 43.59
CA GLU D 88 -6.12 -33.83 44.84
C GLU D 88 -5.05 -34.41 45.75
N VAL D 89 -4.20 -35.25 45.20
CA VAL D 89 -3.34 -36.09 46.01
C VAL D 89 -2.00 -35.43 46.31
N PHE D 90 -1.39 -34.74 45.33
CA PHE D 90 -0.05 -34.18 45.53
C PHE D 90 0.05 -33.26 46.74
N PRO D 91 -0.82 -32.26 46.93
CA PRO D 91 -0.70 -31.44 48.15
C PRO D 91 -0.84 -32.24 49.42
N LYS D 92 -1.69 -33.27 49.43
CA LYS D 92 -1.86 -34.06 50.64
C LYS D 92 -0.61 -34.88 50.93
N LEU D 93 0.01 -35.43 49.90
CA LEU D 93 1.21 -36.24 50.10
C LEU D 93 2.38 -35.37 50.57
N LYS D 94 2.61 -34.24 49.90
CA LYS D 94 3.74 -33.39 50.26
C LYS D 94 3.57 -32.80 51.65
N ALA D 95 2.32 -32.56 52.08
CA ALA D 95 2.07 -32.01 53.41
C ALA D 95 2.47 -32.96 54.53
N THR D 96 2.57 -34.25 54.26
CA THR D 96 3.05 -35.18 55.27
C THR D 96 4.55 -35.09 55.47
N GLY D 97 5.25 -34.28 54.69
CA GLY D 97 6.70 -34.25 54.72
C GLY D 97 7.38 -35.30 53.89
N TRP D 98 6.61 -36.13 53.18
CA TRP D 98 7.14 -37.07 52.21
C TRP D 98 8.19 -36.41 51.33
N ASP D 99 9.36 -37.05 51.22
CA ASP D 99 10.50 -36.46 50.55
C ASP D 99 10.88 -37.23 49.30
N GLY D 100 9.93 -37.98 48.74
CA GLY D 100 10.21 -38.77 47.57
C GLY D 100 10.03 -37.99 46.29
N TYR D 101 10.25 -38.69 45.19
CA TYR D 101 10.20 -38.12 43.85
C TYR D 101 8.84 -38.31 43.24
N TRP D 102 8.36 -37.28 42.55
CA TRP D 102 7.07 -37.30 41.87
C TRP D 102 7.33 -37.08 40.38
N ILE D 103 6.99 -38.08 39.56
CA ILE D 103 7.14 -37.99 38.11
C ILE D 103 5.75 -38.05 37.51
N ASP D 104 5.37 -37.03 36.73
CA ASP D 104 3.98 -36.82 36.39
C ASP D 104 3.81 -36.48 34.92
N ALA D 105 2.88 -37.17 34.26
CA ALA D 105 2.46 -36.81 32.90
C ALA D 105 1.63 -35.53 32.87
N ALA D 106 0.89 -35.23 33.94
CA ALA D 106 -0.14 -34.20 33.96
C ALA D 106 0.42 -32.79 33.95
N SER D 107 -0.38 -31.83 33.48
CA SER D 107 0.06 -30.45 33.38
C SER D 107 0.07 -29.72 34.73
N THR D 108 -0.57 -30.30 35.74
CA THR D 108 -0.84 -29.60 37.00
C THR D 108 0.38 -28.84 37.52
N LEU D 109 1.51 -29.53 37.67
CA LEU D 109 2.64 -28.96 38.38
C LEU D 109 3.70 -28.32 37.47
N ARG D 110 3.48 -28.31 36.14
CA ARG D 110 4.53 -27.91 35.19
C ARG D 110 5.15 -26.56 35.51
N MET D 111 4.31 -25.59 35.85
CA MET D 111 4.75 -24.21 36.00
C MET D 111 4.96 -23.83 37.46
N THR D 112 4.94 -24.79 38.38
CA THR D 112 5.25 -24.48 39.78
C THR D 112 6.75 -24.33 39.95
N ASP D 113 7.14 -23.56 40.97
CA ASP D 113 8.54 -23.16 41.14
C ASP D 113 9.44 -24.38 41.36
N ASP D 114 8.94 -25.40 42.05
CA ASP D 114 9.78 -26.51 42.48
C ASP D 114 9.82 -27.67 41.48
N ALA D 115 9.17 -27.54 40.34
CA ALA D 115 9.06 -28.61 39.36
C ALA D 115 9.93 -28.33 38.14
N ILE D 116 10.42 -29.40 37.54
CA ILE D 116 11.20 -29.32 36.32
C ILE D 116 10.45 -30.06 35.23
N ILE D 117 10.28 -29.42 34.08
CA ILE D 117 9.69 -30.10 32.92
C ILE D 117 10.80 -30.89 32.24
N VAL D 118 10.58 -32.20 32.07
CA VAL D 118 11.64 -33.12 31.64
C VAL D 118 11.52 -33.42 30.15
N LEU D 119 12.64 -33.31 29.45
CA LEU D 119 12.79 -33.76 28.06
C LEU D 119 14.29 -33.99 27.87
N ASP D 120 14.79 -35.08 28.44
CA ASP D 120 16.23 -35.18 28.67
C ASP D 120 17.07 -35.15 27.38
N PRO D 121 16.62 -35.59 26.20
CA PRO D 121 17.46 -35.36 25.00
C PRO D 121 17.70 -33.89 24.73
N VAL D 122 16.87 -33.01 25.27
CA VAL D 122 17.05 -31.57 25.12
C VAL D 122 17.62 -30.93 26.38
N ASN D 123 17.15 -31.33 27.57
CA ASN D 123 17.50 -30.56 28.76
C ASN D 123 18.02 -31.45 29.88
N LEU D 124 18.79 -32.49 29.52
CA LEU D 124 19.42 -33.32 30.55
C LEU D 124 20.15 -32.49 31.59
N ASN D 125 20.81 -31.39 31.17
CA ASN D 125 21.57 -30.61 32.14
CA ASN D 125 21.57 -30.54 32.09
C ASN D 125 20.65 -29.89 33.13
N VAL D 126 19.48 -29.43 32.70
CA VAL D 126 18.53 -28.85 33.63
C VAL D 126 18.10 -29.90 34.66
N ILE D 127 17.85 -31.13 34.19
CA ILE D 127 17.40 -32.20 35.07
C ILE D 127 18.49 -32.55 36.08
N LYS D 128 19.72 -32.75 35.61
CA LYS D 128 20.79 -33.17 36.50
C LYS D 128 21.12 -32.10 37.52
N ASP D 129 21.07 -30.82 37.10
CA ASP D 129 21.28 -29.73 38.04
C ASP D 129 20.19 -29.67 39.10
N GLY D 130 18.94 -29.92 38.71
CA GLY D 130 17.86 -29.93 39.68
C GLY D 130 17.96 -31.06 40.67
N LEU D 131 18.31 -32.26 40.19
CA LEU D 131 18.50 -33.38 41.11
C LEU D 131 19.53 -33.06 42.17
N ALA D 132 20.64 -32.43 41.77
CA ALA D 132 21.69 -32.07 42.73
C ALA D 132 21.22 -30.97 43.66
N LYS D 133 20.49 -29.97 43.14
CA LYS D 133 20.00 -28.90 43.99
C LYS D 133 18.86 -29.35 44.90
N GLY D 134 18.30 -30.54 44.70
CA GLY D 134 17.27 -31.08 45.56
C GLY D 134 15.88 -31.14 44.97
N THR D 135 15.70 -30.78 43.70
CA THR D 135 14.37 -30.86 43.10
C THR D 135 13.84 -32.30 43.13
N LYS D 136 12.55 -32.43 43.47
CA LYS D 136 11.92 -33.74 43.65
C LYS D 136 10.71 -33.94 42.75
N THR D 137 10.31 -32.95 41.97
CA THR D 137 9.10 -33.04 41.17
C THR D 137 9.47 -32.81 39.71
N PHE D 138 9.16 -33.78 38.86
CA PHE D 138 9.55 -33.79 37.46
C PHE D 138 8.32 -34.11 36.63
N VAL D 139 8.05 -33.28 35.62
CA VAL D 139 6.78 -33.33 34.90
CA VAL D 139 6.78 -33.35 34.90
C VAL D 139 7.05 -33.36 33.40
N GLY D 140 6.33 -34.22 32.69
CA GLY D 140 6.39 -34.22 31.24
C GLY D 140 5.82 -32.93 30.69
N GLY D 141 6.35 -32.50 29.55
CA GLY D 141 5.85 -31.29 28.93
C GLY D 141 4.68 -31.58 28.05
N ASN D 142 3.97 -30.54 27.67
CA ASN D 142 2.85 -30.75 26.75
C ASN D 142 3.37 -31.42 25.48
N CYS D 143 2.51 -32.25 24.89
CA CYS D 143 2.94 -33.07 23.76
C CYS D 143 3.48 -32.22 22.61
N THR D 144 2.81 -31.10 22.27
CA THR D 144 3.26 -30.29 21.14
C THR D 144 4.66 -29.73 21.37
N VAL D 145 4.91 -29.21 22.57
CA VAL D 145 6.21 -28.61 22.88
C VAL D 145 7.31 -29.66 22.83
N SER D 146 7.08 -30.80 23.50
CA SER D 146 8.08 -31.86 23.50
C SER D 146 8.41 -32.33 22.08
N LEU D 147 7.38 -32.54 21.25
CA LEU D 147 7.65 -33.04 19.91
C LEU D 147 8.40 -32.01 19.07
N MET D 148 8.03 -30.74 19.20
CA MET D 148 8.75 -29.69 18.48
C MET D 148 10.22 -29.65 18.89
N LEU D 149 10.49 -29.68 20.20
CA LEU D 149 11.86 -29.56 20.67
C LEU D 149 12.67 -30.79 20.29
N MET D 150 12.05 -31.97 20.28
CA MET D 150 12.76 -33.15 19.84
C MET D 150 13.26 -32.98 18.42
N GLY D 151 12.50 -32.26 17.58
CA GLY D 151 12.90 -32.04 16.20
C GLY D 151 13.82 -30.86 16.01
N VAL D 152 13.44 -29.67 16.47
CA VAL D 152 14.22 -28.47 16.16
C VAL D 152 14.82 -27.83 17.39
N GLY D 153 14.80 -28.52 18.52
CA GLY D 153 15.35 -27.95 19.75
C GLY D 153 16.79 -27.48 19.65
N ALA D 154 17.59 -28.10 18.75
CA ALA D 154 18.98 -27.66 18.62
C ALA D 154 19.06 -26.18 18.28
N LEU D 155 18.10 -25.67 17.51
CA LEU D 155 18.13 -24.25 17.18
C LEU D 155 17.94 -23.38 18.41
N PHE D 156 17.10 -23.82 19.34
CA PHE D 156 16.89 -23.08 20.58
C PHE D 156 18.08 -23.25 21.52
N GLN D 157 18.61 -24.47 21.62
CA GLN D 157 19.77 -24.69 22.48
C GLN D 157 20.95 -23.82 22.05
N ASN D 158 21.13 -23.61 20.74
CA ASN D 158 22.20 -22.77 20.23
C ASN D 158 21.81 -21.29 20.22
N ASN D 159 20.67 -20.94 20.83
CA ASN D 159 20.25 -19.54 20.99
CA ASN D 159 20.25 -19.54 21.00
C ASN D 159 20.14 -18.83 19.64
N LEU D 160 19.62 -19.54 18.65
CA LEU D 160 19.50 -18.97 17.31
C LEU D 160 18.11 -18.43 16.99
N VAL D 161 17.11 -18.70 17.82
CA VAL D 161 15.72 -18.41 17.46
C VAL D 161 15.30 -17.09 18.08
N GLU D 162 14.85 -16.16 17.24
CA GLU D 162 14.30 -14.89 17.73
C GLU D 162 12.83 -15.04 18.16
N TRP D 163 12.02 -15.69 17.33
CA TRP D 163 10.64 -16.06 17.67
C TRP D 163 10.22 -17.18 16.74
N MET D 164 9.09 -17.82 17.07
CA MET D 164 8.58 -18.89 16.23
C MET D 164 7.06 -18.90 16.26
N THR D 165 6.43 -19.07 15.10
CA THR D 165 5.01 -19.43 15.10
C THR D 165 4.86 -20.88 14.67
N ALA D 166 3.90 -21.57 15.30
CA ALA D 166 3.67 -22.99 15.10
C ALA D 166 2.19 -23.21 14.80
N MET D 167 1.89 -23.68 13.59
CA MET D 167 0.53 -24.01 13.18
C MET D 167 0.46 -25.53 13.19
N THR D 168 -0.38 -26.08 14.07
CA THR D 168 -0.27 -27.50 14.38
C THR D 168 -1.41 -28.27 13.72
N TYR D 169 -1.18 -29.60 13.62
CA TYR D 169 -2.06 -30.58 12.98
C TYR D 169 -2.10 -31.72 13.99
N GLN D 170 -2.95 -31.61 15.00
CA GLN D 170 -2.83 -32.49 16.17
C GLN D 170 -3.80 -33.66 16.08
N ALA D 171 -3.33 -34.80 16.57
CA ALA D 171 -4.06 -36.06 16.49
C ALA D 171 -5.09 -36.21 17.60
N ALA D 172 -5.98 -37.18 17.41
CA ALA D 172 -7.02 -37.44 18.39
C ALA D 172 -6.48 -37.98 19.72
N SER D 173 -5.32 -38.66 19.72
CA SER D 173 -4.85 -39.28 20.96
C SER D 173 -4.57 -38.25 22.04
N GLY D 174 -4.20 -37.02 21.66
CA GLY D 174 -4.01 -35.96 22.66
C GLY D 174 -5.26 -35.66 23.45
N ALA D 175 -6.43 -35.92 22.85
CA ALA D 175 -7.70 -35.77 23.55
C ALA D 175 -8.09 -37.04 24.32
N GLY D 176 -7.69 -38.21 23.86
CA GLY D 176 -7.91 -39.41 24.63
C GLY D 176 -8.36 -40.59 23.80
N ALA D 177 -8.44 -41.77 24.43
CA ALA D 177 -8.77 -42.98 23.70
C ALA D 177 -10.20 -42.93 23.15
N GLN D 178 -11.15 -42.37 23.92
CA GLN D 178 -12.51 -42.28 23.39
C GLN D 178 -12.57 -41.36 22.17
N ASN D 179 -11.69 -40.36 22.11
CA ASN D 179 -11.68 -39.47 20.94
C ASN D 179 -11.13 -40.19 19.71
N MET D 180 -10.12 -41.05 19.90
CA MET D 180 -9.59 -41.82 18.79
C MET D 180 -10.67 -42.74 18.22
N ARG D 181 -11.38 -43.43 19.11
CA ARG D 181 -12.44 -44.33 18.67
C ARG D 181 -13.55 -43.57 17.96
N GLU D 182 -13.86 -42.37 18.43
CA GLU D 182 -14.88 -41.56 17.78
C GLU D 182 -14.45 -41.14 16.38
N LEU D 183 -13.19 -40.74 16.23
CA LEU D 183 -12.67 -40.41 14.89
C LEU D 183 -12.91 -41.56 13.91
N LEU D 184 -12.49 -42.77 14.31
CA LEU D 184 -12.63 -43.93 13.42
C LEU D 184 -14.10 -44.24 13.15
N THR D 185 -14.95 -44.15 14.17
CA THR D 185 -16.37 -44.42 13.97
C THR D 185 -16.99 -43.40 13.01
N GLY D 186 -16.58 -42.13 13.10
CA GLY D 186 -17.06 -41.14 12.14
C GLY D 186 -16.56 -41.39 10.73
N MET D 187 -15.33 -41.88 10.59
CA MET D 187 -14.85 -42.32 9.28
C MET D 187 -15.76 -43.39 8.69
N GLY D 188 -16.12 -44.38 9.50
CA GLY D 188 -17.02 -45.42 9.02
C GLY D 188 -18.40 -44.87 8.71
N TYR D 189 -18.88 -43.95 9.53
CA TYR D 189 -20.20 -43.36 9.30
C TYR D 189 -20.27 -42.66 7.94
N LEU D 190 -19.24 -41.90 7.57
CA LEU D 190 -19.25 -41.21 6.29
C LEU D 190 -19.19 -42.19 5.12
N TYR D 191 -18.27 -43.15 5.18
CA TYR D 191 -18.15 -44.09 4.06
C TYR D 191 -19.35 -45.01 3.97
N ASN D 192 -19.77 -45.60 5.09
CA ASN D 192 -20.80 -46.62 4.97
C ASN D 192 -22.14 -46.02 4.57
N ASN D 193 -22.36 -44.74 4.83
CA ASN D 193 -23.59 -44.11 4.39
C ASN D 193 -23.48 -43.42 3.04
N THR D 194 -22.32 -43.51 2.38
CA THR D 194 -22.18 -43.03 1.01
CA THR D 194 -22.12 -43.01 1.03
C THR D 194 -21.72 -44.12 0.06
N LYS D 195 -21.49 -45.34 0.54
CA LYS D 195 -20.90 -46.35 -0.34
C LYS D 195 -21.85 -46.80 -1.44
N THR D 196 -23.17 -46.65 -1.29
CA THR D 196 -24.01 -47.06 -2.41
C THR D 196 -23.79 -46.15 -3.62
N LEU D 197 -23.39 -44.89 -3.41
CA LEU D 197 -22.95 -44.03 -4.49
C LEU D 197 -21.53 -44.35 -4.92
N LEU D 198 -20.62 -44.57 -3.97
CA LEU D 198 -19.22 -44.80 -4.32
C LEU D 198 -19.04 -46.10 -5.11
N ASP D 199 -19.93 -47.07 -4.92
CA ASP D 199 -19.81 -48.34 -5.63
C ASP D 199 -20.14 -48.22 -7.10
N ASP D 200 -20.68 -47.09 -7.54
CA ASP D 200 -20.93 -46.86 -8.96
C ASP D 200 -19.87 -45.91 -9.48
N PRO D 201 -18.99 -46.33 -10.39
CA PRO D 201 -17.91 -45.41 -10.83
C PRO D 201 -18.42 -44.18 -11.55
N LYS D 202 -19.65 -44.18 -12.06
CA LYS D 202 -20.18 -42.99 -12.73
C LYS D 202 -21.14 -42.18 -11.87
N SER D 203 -21.24 -42.48 -10.56
CA SER D 203 -22.06 -41.62 -9.71
C SER D 203 -21.48 -40.20 -9.69
N ALA D 204 -22.36 -39.23 -9.44
CA ALA D 204 -21.98 -37.81 -9.47
C ALA D 204 -21.18 -37.42 -8.22
N ILE D 205 -19.98 -36.85 -8.44
CA ILE D 205 -19.18 -36.43 -7.29
C ILE D 205 -19.95 -35.41 -6.44
N LEU D 206 -20.75 -34.55 -7.08
CA LEU D 206 -21.46 -33.54 -6.30
C LEU D 206 -22.57 -34.16 -5.46
N ASP D 207 -23.14 -35.29 -5.91
CA ASP D 207 -24.07 -36.04 -5.07
C ASP D 207 -23.35 -36.68 -3.89
N ILE D 208 -22.18 -37.27 -4.14
CA ILE D 208 -21.39 -37.84 -3.05
C ILE D 208 -21.05 -36.76 -2.04
N ASP D 209 -20.61 -35.62 -2.53
CA ASP D 209 -20.19 -34.55 -1.64
C ASP D 209 -21.35 -34.00 -0.84
N ARG D 210 -22.51 -33.84 -1.48
CA ARG D 210 -23.70 -33.39 -0.78
C ARG D 210 -24.07 -34.35 0.33
N GLN D 211 -23.92 -35.66 0.09
CA GLN D 211 -24.29 -36.65 1.10
C GLN D 211 -23.32 -36.60 2.28
N VAL D 212 -22.01 -36.47 2.01
CA VAL D 212 -21.05 -36.36 3.11
C VAL D 212 -21.38 -35.18 4.00
N ALA D 213 -21.67 -34.03 3.38
CA ALA D 213 -21.96 -32.81 4.15
C ALA D 213 -23.21 -32.98 5.00
N GLU D 214 -24.28 -33.55 4.40
CA GLU D 214 -25.49 -33.82 5.16
CA GLU D 214 -25.49 -33.82 5.16
C GLU D 214 -25.22 -34.73 6.35
N LEU D 215 -24.42 -35.78 6.15
CA LEU D 215 -24.06 -36.70 7.24
C LEU D 215 -23.29 -35.98 8.34
N GLN D 216 -22.30 -35.16 7.96
CA GLN D 216 -21.51 -34.45 8.95
C GLN D 216 -22.37 -33.49 9.76
N ARG D 217 -23.36 -32.88 9.12
CA ARG D 217 -24.20 -31.89 9.79
C ARG D 217 -25.39 -32.48 10.53
N GLY D 218 -25.69 -33.76 10.32
CA GLY D 218 -26.88 -34.35 10.88
C GLY D 218 -26.70 -34.87 12.31
N GLU D 219 -27.84 -35.14 12.94
CA GLU D 219 -27.84 -35.60 14.33
C GLU D 219 -27.19 -36.95 14.46
N GLY D 220 -27.23 -37.76 13.40
CA GLY D 220 -26.66 -39.09 13.46
C GLY D 220 -25.15 -39.13 13.56
N PHE D 221 -24.47 -38.03 13.23
CA PHE D 221 -23.01 -38.08 13.23
C PHE D 221 -22.48 -38.23 14.66
N PRO D 222 -21.61 -39.19 14.92
CA PRO D 222 -21.11 -39.38 16.31
C PRO D 222 -20.07 -38.35 16.74
N SER D 223 -20.47 -37.36 17.54
CA SER D 223 -19.55 -36.28 17.92
C SER D 223 -19.60 -35.96 19.40
N ALA D 224 -20.01 -36.92 20.24
CA ALA D 224 -20.14 -36.63 21.67
C ALA D 224 -18.83 -36.17 22.31
N ASN D 225 -17.69 -36.73 21.88
CA ASN D 225 -16.45 -36.45 22.59
C ASN D 225 -15.78 -35.15 22.12
N PHE D 226 -15.71 -34.92 20.80
CA PHE D 226 -15.13 -33.69 20.29
C PHE D 226 -16.11 -32.52 20.30
N GLY D 227 -17.42 -32.80 20.34
CA GLY D 227 -18.45 -31.80 20.31
C GLY D 227 -18.93 -31.41 18.91
N VAL D 228 -18.05 -31.52 17.92
CA VAL D 228 -18.34 -31.23 16.52
C VAL D 228 -17.63 -32.31 15.70
N PRO D 229 -17.92 -32.48 14.41
CA PRO D 229 -17.27 -33.55 13.66
C PRO D 229 -15.77 -33.30 13.50
N LEU D 230 -15.00 -34.39 13.54
CA LEU D 230 -13.58 -34.36 13.18
C LEU D 230 -13.30 -35.07 11.88
N ALA D 231 -13.86 -36.28 11.70
CA ALA D 231 -13.70 -37.01 10.45
C ALA D 231 -14.16 -36.17 9.27
N GLY D 232 -13.29 -35.99 8.28
CA GLY D 232 -13.61 -35.11 7.17
C GLY D 232 -13.58 -33.63 7.48
N SER D 233 -12.97 -33.23 8.60
CA SER D 233 -13.00 -31.81 9.01
C SER D 233 -11.72 -31.49 9.79
N LEU D 234 -11.74 -30.37 10.49
CA LEU D 234 -10.70 -29.99 11.45
C LEU D 234 -11.38 -29.12 12.50
N ILE D 235 -10.69 -28.89 13.61
CA ILE D 235 -11.27 -28.09 14.70
C ILE D 235 -10.16 -27.14 15.16
N PRO D 236 -10.24 -25.84 14.84
CA PRO D 236 -9.15 -24.91 15.14
C PRO D 236 -9.24 -24.33 16.55
N TYR D 237 -9.45 -25.21 17.53
CA TYR D 237 -9.49 -24.78 18.92
C TYR D 237 -9.28 -26.03 19.76
N ILE D 238 -8.27 -26.01 20.63
CA ILE D 238 -7.95 -27.14 21.49
C ILE D 238 -7.82 -26.61 22.92
N ASP D 239 -8.54 -27.24 23.85
CA ASP D 239 -8.53 -26.91 25.28
C ASP D 239 -9.25 -25.59 25.58
N LYS D 240 -9.03 -25.04 26.77
CA LYS D 240 -9.86 -23.96 27.31
C LYS D 240 -9.51 -22.61 26.70
N GLN D 241 -10.51 -21.76 26.58
CA GLN D 241 -10.31 -20.39 26.12
C GLN D 241 -9.70 -19.55 27.24
N LEU D 242 -8.63 -18.85 26.94
CA LEU D 242 -7.98 -17.98 27.91
C LEU D 242 -8.39 -16.53 27.68
N GLU D 243 -8.15 -15.70 28.69
CA GLU D 243 -8.57 -14.31 28.62
C GLU D 243 -7.88 -13.57 27.48
N SER D 244 -6.67 -14.02 27.11
CA SER D 244 -5.89 -13.38 26.06
C SER D 244 -6.40 -13.68 24.65
N GLY D 245 -7.32 -14.64 24.48
CA GLY D 245 -7.71 -15.11 23.16
C GLY D 245 -6.98 -16.36 22.71
N GLN D 246 -5.83 -16.68 23.29
CA GLN D 246 -5.22 -17.98 23.05
C GLN D 246 -6.08 -19.08 23.65
N SER D 247 -6.02 -20.25 23.04
CA SER D 247 -6.42 -21.45 23.75
C SER D 247 -5.31 -21.84 24.74
N LYS D 248 -5.66 -22.66 25.73
CA LYS D 248 -4.62 -23.11 26.66
C LYS D 248 -3.56 -23.94 25.93
N GLU D 249 -3.95 -24.71 24.92
CA GLU D 249 -2.97 -25.47 24.14
C GLU D 249 -1.92 -24.54 23.53
N GLU D 250 -2.37 -23.41 22.97
CA GLU D 250 -1.45 -22.46 22.34
C GLU D 250 -0.57 -21.77 23.37
N TRP D 251 -1.14 -21.42 24.52
CA TRP D 251 -0.39 -20.79 25.60
C TRP D 251 0.75 -21.67 26.09
N LYS D 252 0.56 -22.99 26.09
CA LYS D 252 1.62 -23.88 26.58
C LYS D 252 2.90 -23.73 25.79
N GLY D 253 2.80 -23.35 24.51
CA GLY D 253 3.98 -23.29 23.66
C GLY D 253 5.09 -22.44 24.24
N GLN D 254 4.78 -21.20 24.60
CA GLN D 254 5.85 -20.30 25.01
C GLN D 254 6.32 -20.59 26.43
N VAL D 255 5.40 -20.82 27.37
CA VAL D 255 5.83 -21.00 28.75
C VAL D 255 6.60 -22.32 28.91
N GLU D 256 6.16 -23.39 28.23
CA GLU D 256 6.83 -24.67 28.46
C GLU D 256 8.17 -24.75 27.73
N THR D 257 8.22 -24.25 26.49
CA THR D 257 9.47 -24.28 25.75
C THR D 257 10.57 -23.57 26.51
N ASN D 258 10.27 -22.37 26.99
CA ASN D 258 11.29 -21.59 27.68
C ASN D 258 11.63 -22.19 29.04
N LYS D 259 10.68 -22.88 29.68
CA LYS D 259 11.02 -23.51 30.96
C LYS D 259 11.85 -24.77 30.75
N ILE D 260 11.48 -25.60 29.78
CA ILE D 260 12.30 -26.77 29.43
C ILE D 260 13.75 -26.35 29.17
N LEU D 261 13.93 -25.30 28.36
CA LEU D 261 15.27 -24.89 27.97
C LEU D 261 16.01 -24.20 29.09
N GLY D 262 15.30 -23.67 30.08
CA GLY D 262 15.96 -22.85 31.09
C GLY D 262 16.39 -21.50 30.57
N ASN D 263 15.57 -20.88 29.72
CA ASN D 263 15.86 -19.54 29.23
C ASN D 263 15.50 -18.49 30.26
N SER D 264 16.39 -17.51 30.44
CA SER D 264 16.04 -16.34 31.25
C SER D 264 15.33 -15.28 30.41
N GLN D 265 15.76 -15.08 29.17
CA GLN D 265 15.04 -14.22 28.25
C GLN D 265 14.05 -15.09 27.46
N ILE D 266 12.79 -14.70 27.46
CA ILE D 266 11.74 -15.52 26.87
C ILE D 266 11.80 -15.40 25.35
N VAL D 267 11.88 -16.54 24.65
CA VAL D 267 11.74 -16.56 23.19
C VAL D 267 10.25 -16.63 22.87
N PRO D 268 9.68 -15.66 22.17
CA PRO D 268 8.24 -15.70 21.89
C PRO D 268 7.87 -16.89 21.00
N ILE D 269 6.81 -17.58 21.41
CA ILE D 269 6.26 -18.73 20.69
CA ILE D 269 6.26 -18.69 20.64
C ILE D 269 4.75 -18.55 20.63
N ASP D 270 4.15 -18.70 19.46
CA ASP D 270 2.70 -18.51 19.36
C ASP D 270 2.22 -19.22 18.10
N GLY D 271 0.92 -19.26 17.91
CA GLY D 271 0.38 -19.91 16.73
C GLY D 271 -1.04 -20.38 16.99
N HIS D 272 -1.52 -21.27 16.10
CA HIS D 272 -2.84 -21.87 16.20
C HIS D 272 -2.71 -23.37 16.36
N CYS D 273 -3.43 -23.95 17.32
CA CYS D 273 -3.42 -25.39 17.54
C CYS D 273 -4.73 -25.97 17.02
N VAL D 274 -4.62 -26.86 16.02
CA VAL D 274 -5.75 -27.33 15.24
C VAL D 274 -5.79 -28.84 15.33
N ARG D 275 -6.98 -29.40 15.62
CA ARG D 275 -7.17 -30.84 15.64
C ARG D 275 -7.49 -31.32 14.22
N ILE D 276 -6.82 -32.39 13.77
CA ILE D 276 -7.17 -33.01 12.50
C ILE D 276 -7.42 -34.49 12.75
N GLY D 277 -7.91 -35.18 11.71
CA GLY D 277 -8.32 -36.57 11.87
C GLY D 277 -7.18 -37.55 11.73
N ALA D 278 -6.20 -37.47 12.62
CA ALA D 278 -5.12 -38.45 12.70
C ALA D 278 -5.20 -39.17 14.05
N MET D 279 -4.64 -40.37 14.13
CA MET D 279 -4.80 -41.17 15.35
C MET D 279 -3.89 -40.68 16.49
N ARG D 280 -2.56 -40.69 16.27
CA ARG D 280 -1.69 -40.42 17.41
C ARG D 280 -0.39 -39.68 17.07
N CYS D 281 -0.26 -39.08 15.88
CA CYS D 281 0.91 -38.27 15.56
C CYS D 281 0.49 -36.82 15.39
N HIS D 282 1.22 -35.91 16.06
CA HIS D 282 1.06 -34.48 15.86
C HIS D 282 2.07 -34.01 14.83
N SER D 283 1.63 -33.11 13.97
CA SER D 283 2.51 -32.46 13.01
C SER D 283 2.43 -30.96 13.21
N GLN D 284 3.52 -30.27 12.87
CA GLN D 284 3.60 -28.85 13.13
C GLN D 284 4.29 -28.15 11.98
N ALA D 285 3.70 -27.06 11.51
CA ALA D 285 4.29 -26.23 10.45
C ALA D 285 4.84 -24.97 11.09
N LEU D 286 6.15 -24.77 10.99
CA LEU D 286 6.86 -23.80 11.80
C LEU D 286 7.38 -22.67 10.92
N THR D 287 7.13 -21.43 11.34
CA THR D 287 7.86 -20.25 10.85
C THR D 287 8.85 -19.87 11.94
N ILE D 288 10.14 -20.05 11.67
CA ILE D 288 11.18 -19.80 12.66
C ILE D 288 11.99 -18.60 12.20
N LYS D 289 11.93 -17.51 12.97
CA LYS D 289 12.77 -16.35 12.70
C LYS D 289 14.07 -16.53 13.48
N LEU D 290 15.19 -16.56 12.74
CA LEU D 290 16.51 -16.75 13.32
C LEU D 290 17.14 -15.40 13.62
N LYS D 291 18.03 -15.38 14.61
CA LYS D 291 18.66 -14.11 14.97
C LYS D 291 19.70 -13.69 13.95
N LYS D 292 20.27 -14.66 13.22
CA LYS D 292 21.28 -14.39 12.22
C LYS D 292 21.05 -15.31 11.03
N ASP D 293 21.73 -15.02 9.93
CA ASP D 293 21.63 -15.87 8.76
C ASP D 293 22.54 -17.09 8.97
N VAL D 294 21.92 -18.24 9.19
CA VAL D 294 22.62 -19.52 9.31
C VAL D 294 22.44 -20.29 8.01
N PRO D 295 23.49 -20.81 7.40
CA PRO D 295 23.32 -21.58 6.16
C PRO D 295 22.42 -22.78 6.38
N LEU D 296 21.60 -23.07 5.37
CA LEU D 296 20.63 -24.15 5.49
C LEU D 296 21.32 -25.48 5.80
N ASP D 297 22.48 -25.74 5.18
CA ASP D 297 23.13 -27.03 5.44
C ASP D 297 23.59 -27.13 6.90
N GLU D 298 24.03 -26.04 7.51
CA GLU D 298 24.39 -26.05 8.93
CA GLU D 298 24.39 -26.07 8.92
C GLU D 298 23.16 -26.30 9.80
N ILE D 299 22.02 -25.70 9.42
CA ILE D 299 20.77 -25.95 10.14
C ILE D 299 20.42 -27.43 10.09
N GLU D 300 20.51 -28.03 8.90
CA GLU D 300 20.21 -29.45 8.80
C GLU D 300 21.14 -30.28 9.67
N ASP D 301 22.44 -29.94 9.67
CA ASP D 301 23.39 -30.70 10.48
C ASP D 301 23.10 -30.56 11.96
N MET D 302 22.73 -29.35 12.41
CA MET D 302 22.36 -29.15 13.82
CA MET D 302 22.38 -29.17 13.82
C MET D 302 21.24 -30.09 14.23
N ILE D 303 20.21 -30.17 13.39
CA ILE D 303 19.06 -31.04 13.67
C ILE D 303 19.49 -32.51 13.64
N ARG D 304 20.18 -32.93 12.57
CA ARG D 304 20.64 -34.31 12.45
C ARG D 304 21.45 -34.75 13.66
N ASN D 305 22.38 -33.91 14.10
CA ASN D 305 23.32 -34.29 15.13
C ASN D 305 22.80 -34.06 16.55
N SER D 306 21.60 -33.50 16.70
CA SER D 306 21.10 -33.11 18.01
C SER D 306 20.83 -34.33 18.89
N ASN D 307 20.17 -35.35 18.35
CA ASN D 307 19.83 -36.56 19.08
C ASN D 307 19.54 -37.65 18.05
N GLN D 308 19.51 -38.90 18.52
CA GLN D 308 19.43 -40.00 17.57
C GLN D 308 18.04 -40.21 17.00
N TRP D 309 17.03 -39.53 17.53
CA TRP D 309 15.68 -39.71 17.02
C TRP D 309 15.29 -38.67 15.98
N ALA D 310 15.84 -37.47 16.07
CA ALA D 310 15.54 -36.44 15.10
C ALA D 310 16.18 -36.80 13.76
N LYS D 311 15.44 -36.60 12.69
CA LYS D 311 16.00 -36.89 11.39
C LYS D 311 15.57 -35.80 10.43
N VAL D 312 16.42 -35.53 9.44
CA VAL D 312 16.12 -34.56 8.38
C VAL D 312 15.62 -35.32 7.17
N VAL D 313 14.40 -35.02 6.75
CA VAL D 313 13.83 -35.58 5.53
C VAL D 313 14.21 -34.67 4.38
N PRO D 314 14.89 -35.17 3.34
CA PRO D 314 15.23 -34.31 2.19
C PRO D 314 14.00 -33.57 1.69
N ASN D 315 14.21 -32.32 1.26
CA ASN D 315 13.09 -31.47 0.85
C ASN D 315 12.71 -31.78 -0.60
N THR D 316 12.22 -33.01 -0.80
CA THR D 316 11.74 -33.46 -2.10
C THR D 316 10.30 -33.94 -1.97
N ARG D 317 9.62 -33.97 -3.10
CA ARG D 317 8.25 -34.48 -3.12
C ARG D 317 8.19 -35.94 -2.64
N GLU D 318 9.08 -36.79 -3.15
CA GLU D 318 9.00 -38.21 -2.81
C GLU D 318 9.26 -38.45 -1.33
N ALA D 319 10.33 -37.83 -0.79
CA ALA D 319 10.69 -38.10 0.60
C ALA D 319 9.67 -37.48 1.55
N SER D 320 9.19 -36.28 1.22
CA SER D 320 8.17 -35.63 2.04
C SER D 320 6.89 -36.48 2.12
N MET D 321 6.47 -37.05 0.99
CA MET D 321 5.23 -37.82 0.98
C MET D 321 5.36 -39.12 1.76
N THR D 322 6.53 -39.75 1.73
CA THR D 322 6.65 -41.07 2.33
CA THR D 322 6.75 -41.08 2.30
C THR D 322 7.20 -41.04 3.75
N ASP D 323 8.06 -40.10 4.10
CA ASP D 323 8.70 -40.12 5.41
C ASP D 323 8.20 -39.03 6.37
N LEU D 324 7.48 -38.03 5.89
CA LEU D 324 7.15 -36.90 6.75
C LEU D 324 5.64 -36.86 7.01
N THR D 325 5.07 -37.97 7.47
CA THR D 325 3.63 -38.11 7.63
C THR D 325 3.32 -38.91 8.89
N PRO D 326 2.11 -38.77 9.43
CA PRO D 326 1.68 -39.68 10.49
C PRO D 326 1.85 -41.15 10.14
N VAL D 327 1.63 -41.55 8.88
CA VAL D 327 1.78 -42.97 8.52
C VAL D 327 3.22 -43.43 8.72
N ALA D 328 4.18 -42.57 8.37
CA ALA D 328 5.58 -42.94 8.54
C ALA D 328 5.98 -43.05 10.00
N VAL D 329 5.39 -42.20 10.85
CA VAL D 329 5.89 -41.97 12.20
C VAL D 329 5.15 -42.78 13.26
N THR D 330 3.90 -43.17 13.00
CA THR D 330 3.03 -43.58 14.08
C THR D 330 3.57 -44.81 14.82
N GLY D 331 3.57 -44.73 16.15
CA GLY D 331 4.06 -45.81 16.99
C GLY D 331 5.56 -45.98 17.00
N THR D 332 6.32 -45.03 16.45
CA THR D 332 7.78 -45.08 16.47
C THR D 332 8.32 -43.89 17.25
N LEU D 333 9.59 -43.97 17.60
CA LEU D 333 10.29 -42.89 18.29
C LEU D 333 10.94 -41.90 17.34
N THR D 334 10.78 -42.06 16.03
CA THR D 334 11.41 -41.17 15.07
C THR D 334 10.72 -39.81 15.05
N VAL D 335 11.52 -38.75 14.91
CA VAL D 335 10.99 -37.39 14.87
C VAL D 335 11.52 -36.72 13.60
N PRO D 336 10.90 -36.94 12.46
CA PRO D 336 11.40 -36.31 11.22
C PRO D 336 11.10 -34.81 11.18
N VAL D 337 12.06 -34.07 10.62
CA VAL D 337 11.91 -32.65 10.30
C VAL D 337 12.19 -32.49 8.82
N GLY D 338 11.27 -31.84 8.12
CA GLY D 338 11.48 -31.66 6.69
C GLY D 338 10.93 -30.34 6.19
N ARG D 339 10.82 -30.22 4.86
CA ARG D 339 10.48 -28.96 4.19
C ARG D 339 11.38 -27.81 4.68
N LEU D 340 12.61 -28.13 5.09
CA LEU D 340 13.50 -27.11 5.65
C LEU D 340 14.03 -26.20 4.53
N ARG D 341 13.70 -24.91 4.61
CA ARG D 341 13.95 -24.01 3.50
C ARG D 341 13.90 -22.58 4.03
N LYS D 342 14.75 -21.70 3.48
CA LYS D 342 14.66 -20.27 3.81
C LYS D 342 13.46 -19.68 3.08
N LEU D 343 12.65 -18.90 3.79
CA LEU D 343 11.39 -18.43 3.22
C LEU D 343 11.58 -17.11 2.46
N ASN D 344 10.54 -16.75 1.69
CA ASN D 344 10.65 -15.61 0.78
C ASN D 344 10.82 -14.28 1.49
N MET D 345 10.44 -14.17 2.77
CA MET D 345 10.64 -12.86 3.38
C MET D 345 12.07 -12.64 3.89
N GLY D 346 12.96 -13.62 3.83
CA GLY D 346 14.37 -13.31 4.02
C GLY D 346 15.16 -14.51 4.49
N LYS D 347 16.48 -14.37 4.40
CA LYS D 347 17.40 -15.45 4.76
C LYS D 347 17.35 -15.80 6.25
N GLU D 348 16.82 -14.91 7.09
CA GLU D 348 16.69 -15.23 8.51
C GLU D 348 15.39 -15.95 8.83
N TYR D 349 14.54 -16.21 7.84
CA TYR D 349 13.26 -16.88 8.07
C TYR D 349 13.37 -18.32 7.58
N LEU D 350 13.20 -19.26 8.50
CA LEU D 350 13.32 -20.68 8.21
C LEU D 350 11.95 -21.34 8.33
N GLY D 351 11.56 -22.07 7.29
CA GLY D 351 10.35 -22.89 7.34
C GLY D 351 10.74 -24.32 7.69
N ALA D 352 9.89 -24.97 8.49
CA ALA D 352 10.13 -26.34 8.90
C ALA D 352 8.79 -27.04 9.13
N PHE D 353 8.78 -28.34 8.88
CA PHE D 353 7.57 -29.12 9.11
C PHE D 353 8.01 -30.39 9.82
N THR D 354 7.37 -30.71 10.94
CA THR D 354 7.84 -31.85 11.73
C THR D 354 6.66 -32.69 12.19
N VAL D 355 6.92 -33.98 12.42
CA VAL D 355 5.89 -34.97 12.78
C VAL D 355 6.45 -35.80 13.93
N GLY D 356 5.62 -36.09 14.91
CA GLY D 356 6.06 -36.91 16.03
C GLY D 356 4.92 -37.66 16.65
N ASP D 357 5.24 -38.80 17.26
CA ASP D 357 4.22 -39.60 17.91
C ASP D 357 3.85 -39.01 19.27
N GLN D 358 2.56 -38.72 19.48
CA GLN D 358 2.12 -38.03 20.68
C GLN D 358 2.18 -38.92 21.92
N LEU D 359 2.02 -40.23 21.78
CA LEU D 359 2.03 -41.06 22.98
C LEU D 359 3.44 -41.40 23.44
N LEU D 360 4.43 -41.31 22.56
CA LEU D 360 5.80 -41.66 22.95
C LEU D 360 6.55 -40.42 23.40
N TRP D 361 7.23 -39.70 22.50
CA TRP D 361 7.92 -38.50 22.95
C TRP D 361 6.95 -37.45 23.48
N GLY D 362 5.69 -37.50 23.04
CA GLY D 362 4.74 -36.54 23.53
C GLY D 362 4.08 -36.89 24.85
N ALA D 363 4.37 -38.05 25.43
CA ALA D 363 3.74 -38.44 26.69
C ALA D 363 4.59 -39.41 27.53
N ALA D 364 4.66 -40.68 27.13
CA ALA D 364 5.26 -41.68 28.01
C ALA D 364 6.78 -41.67 28.01
N GLU D 365 7.42 -41.39 26.88
CA GLU D 365 8.85 -41.64 26.83
C GLU D 365 9.68 -40.73 27.75
N PRO D 366 9.40 -39.43 27.84
CA PRO D 366 10.18 -38.61 28.79
C PRO D 366 10.07 -39.09 30.23
N LEU D 367 8.93 -39.69 30.59
CA LEU D 367 8.72 -40.17 31.97
C LEU D 367 9.56 -41.40 32.27
N ARG D 368 9.55 -42.41 31.38
CA ARG D 368 10.39 -43.56 31.66
C ARG D 368 11.86 -43.19 31.62
N ARG D 369 12.25 -42.26 30.76
CA ARG D 369 13.66 -41.89 30.71
C ARG D 369 14.05 -41.10 31.96
N MET D 370 13.15 -40.28 32.49
CA MET D 370 13.41 -39.60 33.76
C MET D 370 13.57 -40.61 34.90
N LEU D 371 12.72 -41.64 34.94
CA LEU D 371 12.88 -42.64 35.97
C LEU D 371 14.27 -43.29 35.91
N ARG D 372 14.74 -43.60 34.69
CA ARG D 372 16.06 -44.20 34.54
C ARG D 372 17.15 -43.25 35.01
N ILE D 373 17.02 -41.97 34.67
CA ILE D 373 17.96 -40.96 35.16
C ILE D 373 17.98 -40.97 36.68
N LEU D 374 16.80 -41.04 37.30
CA LEU D 374 16.72 -41.01 38.76
C LEU D 374 17.33 -42.27 39.37
N VAL D 375 17.06 -43.44 38.78
CA VAL D 375 17.66 -44.67 39.27
C VAL D 375 19.19 -44.59 39.22
N GLU D 376 19.72 -44.12 38.09
CA GLU D 376 21.17 -43.96 37.97
C GLU D 376 21.69 -42.95 38.99
N TYR D 377 20.96 -41.85 39.19
CA TYR D 377 21.40 -40.83 40.12
C TYR D 377 21.47 -41.38 41.55
N LYS D 378 20.41 -42.06 42.00
CA LYS D 378 20.33 -42.54 43.38
C LYS D 378 21.15 -43.81 43.63
N SER D 379 21.94 -44.27 42.67
CA SER D 379 22.76 -45.46 42.90
C SER D 379 24.23 -45.11 43.12
#